data_7AI6
#
_entry.id   7AI6
#
_cell.length_a   1.00
_cell.length_b   1.00
_cell.length_c   1.00
_cell.angle_alpha   90.00
_cell.angle_beta   90.00
_cell.angle_gamma   90.00
#
_symmetry.space_group_name_H-M   'P 1'
#
loop_
_entity.id
_entity.type
_entity.pdbx_description
1 polymer 'DNA mismatch repair protein MutS'
2 polymer 'DNA (25-MER)'
3 polymer 'DNA (25-MER)'
4 non-polymer "ADENOSINE-5'-DIPHOSPHATE"
#
loop_
_entity_poly.entity_id
_entity_poly.type
_entity_poly.pdbx_seq_one_letter_code
_entity_poly.pdbx_strand_id
1 'polypeptide(L)'
;MSAIENFDAHTPMMQQYLRLKAQHPEILLFYRMGDFYELFYDDAKRASQLLDISLTKRGASAGEPIPMAGIPYHAVENYL
AKLVNQGESVAIAEQIGDPATSKGPVERKVVRIVTPGTISDEALLQERQDNLLAAIWQDSKGFGYATLDISSGRFRLSEP
ADRETMAAELQRTNPAELLYAEDFAEMSLIEGRRGLRRRPLWEFEIDTARQQLNLQFGTRDLVGFGVENAPRGLSAAGAL
LQYAKCTQRTTLPHIRSITMEREQDSIIMDAATRRNLEITQNLAGGAENTLASVLDSTVTPMGSRMLKRWLHMPVRDTRV
LLERQQTIGALQDFTAGLQPVLRQVGDLERILARLALRTARPRDLARMRHAFQQLPELRAQLETVDSAPVQALREKMGEF
AELRDLLERAIIDTPPVLVRDGGVIASGYNEELDEWRALADGATDYLERLEVRERERTGLDTLKVGFNAVHGYYIQISRG
QSHLAPINYMRRQTLKNAERYIIPELKEYEDKVLTSKGKALALEKQLYEELFDLLLPHLEALQQSASALAELDVLVNLAE
RAYTLNYTSPTFIDKPGIRITEGRHPVVEQVLNEPFIANPLNLSPQRRMLIITGPNMGGKSTYMRQTALIALMAYIGSYV
PAQKVEIGPIDRIFTRVGAADDLASGRSTFMVEMTETANILHNATEYSLVLMDEIGRGTSTYDGLSLAWAVAENLANKIK
ALTLFATHYFELTQLPEKMEGVANVHLDALEHGDTIAFMHSVQDGAASKSYGLAVAALAGVPKEVIKRARQKLRELESIS
PNAAATQVDGTQMSLLSVPEETSPAVEALENLDPRSLTPRQALEWIYRLKSLV
;
A,B
2 'polydeoxyribonucleotide'
;(DG)(DG)(DA)(DT)(DC)(DA)(DT)(DC)(DG)(DA)(DG)(DG)(DA)(DT)(DC)(DG)(DA)(DG)(DC)(DT)
(DC)(DG)(DG)(DT)(DG)
;
C
3 'polydeoxyribonucleotide'
;(DC)(DA)(DC)(DC)(DG)(DA)(DG)(DC)(DT)(DT)(DG)(DA)(DT)(DC)(DC)(DT)(DC)(DG)(DA)(DT)
(DG)(DA)(DT)(DC)(DC)
;
D
#
# COMPACT_ATOMS: atom_id res chain seq x y z
N SER A 2 -13.11 -32.85 21.33
CA SER A 2 -11.62 -32.93 21.13
C SER A 2 -11.15 -34.39 21.25
N ALA A 3 -10.30 -34.84 20.32
CA ALA A 3 -9.61 -36.15 20.32
C ALA A 3 -8.47 -36.13 21.35
N ILE A 4 -8.08 -37.30 21.87
CA ILE A 4 -6.91 -37.48 22.80
C ILE A 4 -5.61 -37.37 21.97
N GLU A 5 -4.82 -36.29 22.18
CA GLU A 5 -3.57 -35.97 21.42
C GLU A 5 -2.36 -36.08 22.36
N ASN A 6 -2.25 -37.19 23.10
CA ASN A 6 -1.04 -37.57 23.88
C ASN A 6 0.06 -38.00 22.89
N PHE A 7 1.32 -37.96 23.31
CA PHE A 7 2.53 -38.21 22.47
C PHE A 7 2.47 -39.62 21.83
N ASP A 8 2.05 -40.64 22.58
CA ASP A 8 2.11 -42.09 22.21
C ASP A 8 1.11 -42.43 21.07
N ALA A 9 -0.08 -41.82 21.09
CA ALA A 9 -1.21 -42.09 20.16
C ALA A 9 -0.87 -41.63 18.74
N HIS A 10 -0.06 -40.58 18.59
CA HIS A 10 0.30 -39.98 17.27
C HIS A 10 1.23 -40.93 16.51
N THR A 11 1.40 -40.69 15.21
CA THR A 11 2.25 -41.46 14.27
C THR A 11 3.71 -41.07 14.52
N PRO A 12 4.69 -41.94 14.21
CA PRO A 12 6.11 -41.61 14.41
C PRO A 12 6.60 -40.31 13.74
N MET A 13 6.10 -39.96 12.55
CA MET A 13 6.47 -38.69 11.84
C MET A 13 5.83 -37.46 12.50
N MET A 14 4.65 -37.63 13.10
CA MET A 14 3.93 -36.54 13.82
C MET A 14 4.57 -36.39 15.19
N GLN A 15 5.13 -37.44 15.79
CA GLN A 15 5.86 -37.41 17.09
C GLN A 15 7.16 -36.65 16.81
N GLN A 16 7.83 -36.96 15.69
CA GLN A 16 9.09 -36.26 15.31
C GLN A 16 8.78 -34.78 15.09
N TYR A 17 7.66 -34.49 14.41
CA TYR A 17 7.26 -33.09 14.15
C TYR A 17 6.99 -32.40 15.50
N LEU A 18 6.34 -33.11 16.42
CA LEU A 18 5.98 -32.49 17.73
C LEU A 18 7.15 -31.93 18.54
N ARG A 19 8.24 -32.70 18.68
CA ARG A 19 9.39 -32.22 19.49
C ARG A 19 10.19 -31.08 18.80
N LEU A 20 10.20 -31.13 17.47
CA LEU A 20 10.84 -30.05 16.66
C LEU A 20 9.94 -28.83 16.89
N LYS A 21 8.62 -29.02 16.81
CA LYS A 21 7.65 -27.91 16.99
C LYS A 21 7.67 -27.47 18.46
N ALA A 22 8.04 -28.37 19.37
CA ALA A 22 8.07 -28.05 20.81
C ALA A 22 9.20 -27.04 21.12
N GLN A 23 10.28 -27.07 20.32
CA GLN A 23 11.46 -26.18 20.46
C GLN A 23 11.21 -24.85 19.75
N HIS A 24 10.11 -24.75 19.00
CA HIS A 24 9.66 -23.52 18.28
C HIS A 24 8.13 -23.39 18.40
N PRO A 25 7.57 -23.22 19.62
CA PRO A 25 6.12 -23.26 19.81
C PRO A 25 5.31 -22.22 19.01
N GLU A 26 5.83 -21.00 18.82
CA GLU A 26 5.04 -19.82 18.39
C GLU A 26 5.32 -19.42 16.92
N ILE A 27 6.37 -19.97 16.29
CA ILE A 27 6.79 -19.60 14.90
C ILE A 27 6.46 -20.77 13.95
N LEU A 28 6.24 -20.45 12.68
CA LEU A 28 5.87 -21.42 11.60
C LEU A 28 7.05 -22.35 11.33
N LEU A 29 6.81 -23.67 11.30
CA LEU A 29 7.84 -24.72 11.09
C LEU A 29 7.71 -25.32 9.68
N PHE A 30 8.56 -24.87 8.74
CA PHE A 30 8.70 -25.44 7.38
C PHE A 30 9.31 -26.85 7.48
N TYR A 31 8.45 -27.87 7.51
CA TYR A 31 8.83 -29.29 7.75
C TYR A 31 9.07 -29.98 6.40
N ARG A 32 10.34 -30.29 6.07
CA ARG A 32 10.73 -30.88 4.76
C ARG A 32 10.16 -32.30 4.71
N MET A 33 9.33 -32.60 3.71
CA MET A 33 8.63 -33.88 3.48
C MET A 33 8.69 -34.23 1.98
N GLY A 34 9.76 -34.91 1.58
CA GLY A 34 10.03 -35.29 0.17
C GLY A 34 10.60 -34.12 -0.59
N ASP A 35 9.77 -33.43 -1.38
CA ASP A 35 10.12 -32.22 -2.17
C ASP A 35 9.27 -31.02 -1.69
N PHE A 36 8.61 -31.11 -0.50
CA PHE A 36 7.66 -30.06 -0.03
C PHE A 36 7.81 -29.75 1.47
N TYR A 37 8.01 -28.48 1.85
CA TYR A 37 8.11 -28.05 3.28
C TYR A 37 6.69 -27.98 3.85
N GLU A 38 6.18 -29.10 4.38
CA GLU A 38 4.79 -29.20 4.90
C GLU A 38 4.64 -28.57 6.29
N LEU A 39 3.58 -27.79 6.54
CA LEU A 39 3.26 -27.24 7.88
C LEU A 39 1.97 -27.96 8.33
N PHE A 40 1.64 -27.93 9.63
CA PHE A 40 0.48 -28.69 10.17
C PHE A 40 -0.29 -27.89 11.24
N TYR A 41 -1.58 -28.19 11.45
CA TYR A 41 -2.45 -27.52 12.47
C TYR A 41 -2.56 -26.01 12.18
N ASP A 42 -2.34 -25.11 13.16
CA ASP A 42 -2.53 -23.63 12.99
C ASP A 42 -1.38 -23.04 12.18
N ASP A 43 -0.28 -23.75 11.98
CA ASP A 43 0.88 -23.34 11.13
C ASP A 43 0.48 -23.48 9.67
N ALA A 44 -0.22 -24.57 9.33
CA ALA A 44 -0.70 -24.83 7.95
C ALA A 44 -1.81 -23.82 7.60
N LYS A 45 -2.81 -23.67 8.46
CA LYS A 45 -3.98 -22.77 8.22
C LYS A 45 -3.52 -21.31 8.16
N ARG A 46 -2.56 -20.91 9.01
CA ARG A 46 -1.94 -19.55 9.00
C ARG A 46 -1.15 -19.37 7.70
N ALA A 47 -0.27 -20.35 7.37
CA ALA A 47 0.56 -20.38 6.15
C ALA A 47 -0.35 -20.27 4.92
N SER A 48 -1.47 -21.01 4.90
CA SER A 48 -2.48 -21.00 3.82
C SER A 48 -3.03 -19.59 3.62
N GLN A 49 -3.24 -18.84 4.71
CA GLN A 49 -3.84 -17.47 4.71
C GLN A 49 -2.77 -16.44 4.36
N LEU A 50 -1.52 -16.63 4.81
CA LEU A 50 -0.38 -15.69 4.58
C LEU A 50 0.14 -15.85 3.15
N LEU A 51 0.32 -17.10 2.68
CA LEU A 51 1.00 -17.43 1.40
C LEU A 51 0.02 -17.55 0.22
N ASP A 52 -1.28 -17.77 0.50
CA ASP A 52 -2.34 -18.02 -0.52
C ASP A 52 -2.02 -19.34 -1.24
N ILE A 53 -1.87 -20.42 -0.46
CA ILE A 53 -1.56 -21.81 -0.94
C ILE A 53 -2.70 -22.73 -0.51
N SER A 54 -2.72 -23.97 -1.02
CA SER A 54 -3.80 -24.97 -0.81
C SER A 54 -3.71 -25.57 0.59
N LEU A 55 -4.80 -25.51 1.38
CA LEU A 55 -4.85 -26.16 2.72
C LEU A 55 -5.47 -27.56 2.54
N THR A 56 -4.65 -28.59 2.38
CA THR A 56 -5.10 -30.01 2.20
C THR A 56 -5.17 -30.65 3.60
N LYS A 57 -5.19 -31.99 3.71
CA LYS A 57 -5.15 -32.69 5.03
C LYS A 57 -4.42 -34.04 4.89
N ARG A 58 -3.92 -34.61 6.00
CA ARG A 58 -3.19 -35.92 6.01
C ARG A 58 -3.88 -36.87 7.00
N GLY A 59 -4.33 -38.06 6.57
CA GLY A 59 -5.07 -39.01 7.42
C GLY A 59 -4.27 -39.45 8.62
N ALA A 60 -4.77 -39.12 9.82
CA ALA A 60 -4.27 -39.60 11.13
C ALA A 60 -5.22 -40.64 11.75
N SER A 61 -4.68 -41.64 12.45
CA SER A 61 -5.43 -42.85 12.89
C SER A 61 -5.89 -42.67 14.34
N ALA A 62 -5.52 -41.55 14.98
CA ALA A 62 -5.82 -41.25 16.40
C ALA A 62 -6.64 -39.96 16.49
N GLY A 63 -7.88 -40.06 16.00
CA GLY A 63 -8.85 -38.94 15.96
C GLY A 63 -8.58 -38.02 14.77
N GLU A 64 -8.12 -36.79 15.05
CA GLU A 64 -8.25 -35.62 14.14
C GLU A 64 -7.32 -35.79 12.94
N PRO A 65 -7.82 -35.80 11.68
CA PRO A 65 -6.94 -35.71 10.52
C PRO A 65 -6.27 -34.32 10.46
N ILE A 66 -4.97 -34.34 10.23
CA ILE A 66 -4.04 -33.20 10.46
C ILE A 66 -4.24 -32.18 9.33
N PRO A 67 -4.67 -30.94 9.65
CA PRO A 67 -4.63 -29.82 8.71
C PRO A 67 -3.23 -29.66 8.11
N MET A 68 -3.09 -29.80 6.79
CA MET A 68 -1.79 -29.85 6.07
C MET A 68 -1.74 -28.77 4.97
N ALA A 69 -0.69 -27.95 4.99
CA ALA A 69 -0.32 -26.98 3.93
C ALA A 69 1.17 -27.08 3.65
N GLY A 70 1.57 -27.19 2.38
CA GLY A 70 2.96 -27.53 1.97
C GLY A 70 3.47 -26.72 0.80
N ILE A 71 4.79 -26.51 0.75
CA ILE A 71 5.46 -25.66 -0.29
C ILE A 71 6.64 -26.41 -0.88
N PRO A 72 6.79 -26.48 -2.22
CA PRO A 72 7.91 -27.20 -2.81
C PRO A 72 9.26 -26.57 -2.38
N TYR A 73 10.25 -27.42 -2.10
CA TYR A 73 11.58 -26.93 -1.63
C TYR A 73 12.17 -25.97 -2.65
N HIS A 74 11.82 -26.14 -3.93
CA HIS A 74 12.35 -25.28 -5.03
C HIS A 74 11.54 -23.97 -5.17
N ALA A 75 10.37 -23.82 -4.54
CA ALA A 75 9.56 -22.57 -4.60
C ALA A 75 9.42 -22.00 -3.19
N VAL A 76 10.23 -22.43 -2.23
CA VAL A 76 10.12 -22.00 -0.80
C VAL A 76 10.37 -20.49 -0.64
N GLU A 77 11.29 -19.88 -1.39
CA GLU A 77 11.70 -18.47 -1.18
C GLU A 77 10.61 -17.42 -1.46
N ASN A 78 9.63 -17.65 -2.35
CA ASN A 78 8.62 -16.61 -2.72
C ASN A 78 7.61 -16.49 -1.57
N TYR A 79 7.50 -17.54 -0.77
CA TYR A 79 6.54 -17.61 0.35
C TYR A 79 7.22 -17.08 1.61
N LEU A 80 8.53 -17.33 1.76
CA LEU A 80 9.32 -16.77 2.90
C LEU A 80 9.38 -15.25 2.71
N ALA A 81 9.48 -14.80 1.47
CA ALA A 81 9.50 -13.36 1.11
C ALA A 81 8.29 -12.65 1.72
N LYS A 82 7.10 -13.25 1.60
CA LYS A 82 5.83 -12.72 2.16
C LYS A 82 5.93 -12.70 3.69
N LEU A 83 6.48 -13.76 4.29
CA LEU A 83 6.57 -13.90 5.76
C LEU A 83 7.58 -12.90 6.29
N VAL A 84 8.76 -12.84 5.70
CA VAL A 84 9.84 -11.95 6.18
C VAL A 84 9.37 -10.52 6.02
N ASN A 85 8.63 -10.23 4.95
CA ASN A 85 8.05 -8.89 4.76
C ASN A 85 7.11 -8.63 5.92
N GLN A 86 6.38 -9.67 6.37
CA GLN A 86 5.35 -9.53 7.42
C GLN A 86 5.93 -9.55 8.85
N GLY A 87 7.24 -9.46 9.04
CA GLY A 87 7.81 -9.56 10.41
C GLY A 87 7.55 -10.89 11.07
N GLU A 88 7.65 -11.99 10.32
CA GLU A 88 7.37 -13.38 10.78
C GLU A 88 8.67 -14.20 10.78
N SER A 89 8.98 -14.84 11.90
CA SER A 89 10.10 -15.80 12.08
C SER A 89 9.65 -17.18 11.60
N VAL A 90 10.54 -17.89 10.90
CA VAL A 90 10.28 -19.27 10.34
C VAL A 90 11.47 -20.16 10.61
N ALA A 91 11.27 -21.34 11.19
CA ALA A 91 12.28 -22.42 11.36
C ALA A 91 12.18 -23.43 10.19
N ILE A 92 13.28 -23.61 9.48
CA ILE A 92 13.42 -24.47 8.27
C ILE A 92 13.98 -25.83 8.72
N ALA A 93 13.06 -26.82 8.89
CA ALA A 93 13.42 -28.25 9.16
C ALA A 93 13.67 -28.98 7.82
N GLU A 94 14.76 -29.74 7.75
CA GLU A 94 15.24 -30.50 6.57
C GLU A 94 15.31 -31.99 6.87
N GLN A 95 15.05 -32.84 5.89
CA GLN A 95 15.40 -34.28 5.80
C GLN A 95 16.92 -34.39 5.66
N ILE A 96 17.59 -35.10 6.58
CA ILE A 96 19.08 -35.23 6.63
C ILE A 96 19.49 -36.65 6.19
N GLY A 97 18.98 -37.68 6.89
CA GLY A 97 19.45 -39.08 6.80
C GLY A 97 19.05 -39.75 5.49
N ASP A 98 19.43 -41.02 5.34
CA ASP A 98 19.22 -41.83 4.12
C ASP A 98 17.89 -42.57 4.28
N PRO A 99 16.90 -42.37 3.37
CA PRO A 99 15.60 -43.04 3.46
C PRO A 99 15.62 -44.58 3.43
N ALA A 100 16.62 -45.19 2.78
CA ALA A 100 16.78 -46.65 2.59
C ALA A 100 17.06 -47.37 3.92
N THR A 101 17.70 -46.68 4.90
CA THR A 101 18.08 -47.21 6.24
C THR A 101 17.30 -46.50 7.36
N SER A 102 16.09 -46.00 7.07
CA SER A 102 15.15 -45.37 8.05
C SER A 102 13.80 -46.08 7.98
N LYS A 103 13.56 -47.04 8.89
CA LYS A 103 12.31 -47.85 8.97
C LYS A 103 11.18 -46.94 9.47
N GLY A 104 11.43 -46.22 10.57
CA GLY A 104 10.61 -45.08 11.03
C GLY A 104 11.01 -43.80 10.31
N PRO A 105 10.66 -42.61 10.85
CA PRO A 105 10.99 -41.35 10.19
C PRO A 105 12.50 -41.10 10.05
N VAL A 106 12.90 -40.50 8.93
CA VAL A 106 14.32 -40.12 8.65
C VAL A 106 14.74 -39.04 9.66
N GLU A 107 16.03 -39.03 10.03
CA GLU A 107 16.69 -37.98 10.85
C GLU A 107 16.43 -36.60 10.22
N ARG A 108 15.88 -35.67 11.02
CA ARG A 108 15.54 -34.29 10.61
C ARG A 108 16.18 -33.29 11.59
N LYS A 109 16.37 -32.06 11.14
CA LYS A 109 17.04 -30.96 11.91
C LYS A 109 16.56 -29.61 11.40
N VAL A 110 16.26 -28.67 12.32
CA VAL A 110 16.08 -27.21 12.03
C VAL A 110 17.50 -26.63 11.84
N VAL A 111 17.91 -26.45 10.57
CA VAL A 111 19.29 -26.04 10.17
C VAL A 111 19.40 -24.51 10.23
N ARG A 112 18.32 -23.77 9.99
CA ARG A 112 18.28 -22.29 10.16
C ARG A 112 16.84 -21.82 10.43
N ILE A 113 16.69 -20.74 11.21
CA ILE A 113 15.41 -20.02 11.45
C ILE A 113 15.45 -18.70 10.67
N VAL A 114 14.62 -18.61 9.62
CA VAL A 114 14.42 -17.35 8.81
C VAL A 114 13.63 -16.35 9.67
N THR A 115 14.29 -15.33 10.21
CA THR A 115 13.66 -14.23 10.98
C THR A 115 13.91 -12.90 10.28
N PRO A 116 13.04 -11.87 10.49
CA PRO A 116 13.10 -10.58 9.76
C PRO A 116 14.36 -9.73 9.97
N GLY A 117 15.21 -10.06 10.93
CA GLY A 117 16.51 -9.38 11.20
C GLY A 117 17.72 -10.27 10.98
N THR A 118 17.52 -11.57 10.70
CA THR A 118 18.63 -12.56 10.50
C THR A 118 18.46 -13.24 9.14
N ILE A 119 18.11 -12.50 8.09
CA ILE A 119 17.97 -13.05 6.71
C ILE A 119 19.21 -12.65 5.91
N SER A 120 19.86 -13.60 5.24
CA SER A 120 21.03 -13.33 4.38
C SER A 120 20.62 -13.42 2.91
N ASP A 121 19.65 -14.26 2.54
CA ASP A 121 19.31 -14.54 1.12
C ASP A 121 19.05 -13.21 0.40
N GLU A 122 19.56 -13.09 -0.83
CA GLU A 122 19.52 -11.86 -1.69
C GLU A 122 18.07 -11.44 -1.92
N ALA A 123 17.20 -12.40 -2.30
CA ALA A 123 15.81 -12.18 -2.75
C ALA A 123 14.95 -11.60 -1.61
N LEU A 124 15.24 -11.98 -0.36
CA LEU A 124 14.40 -11.58 0.82
C LEU A 124 14.74 -10.13 1.19
N LEU A 125 16.02 -9.72 1.07
CA LEU A 125 16.51 -8.41 1.54
C LEU A 125 16.17 -7.32 0.52
N GLN A 126 16.10 -6.07 1.00
CA GLN A 126 15.89 -4.85 0.16
C GLN A 126 17.27 -4.28 -0.19
N GLU A 127 17.57 -4.12 -1.47
CA GLU A 127 18.89 -3.79 -2.04
C GLU A 127 19.58 -2.66 -1.24
N ARG A 128 18.90 -1.51 -1.13
CA ARG A 128 19.44 -0.24 -0.57
C ARG A 128 18.66 0.15 0.69
N GLN A 129 18.60 -0.76 1.67
CA GLN A 129 18.01 -0.56 3.02
C GLN A 129 18.69 -1.49 4.02
N ASP A 130 19.17 -0.96 5.15
CA ASP A 130 19.73 -1.76 6.28
C ASP A 130 18.60 -2.57 6.94
N ASN A 131 18.90 -3.82 7.33
CA ASN A 131 17.91 -4.77 7.92
C ASN A 131 18.45 -5.36 9.23
N LEU A 132 18.33 -4.60 10.32
CA LEU A 132 19.13 -4.76 11.58
C LEU A 132 18.30 -5.53 12.60
N LEU A 133 18.96 -6.50 13.28
CA LEU A 133 18.38 -7.30 14.39
C LEU A 133 18.92 -6.69 15.69
N ALA A 134 18.08 -6.06 16.53
CA ALA A 134 18.42 -5.30 17.74
C ALA A 134 17.85 -6.01 18.97
N ALA A 135 18.48 -5.72 20.13
CA ALA A 135 18.07 -6.13 21.49
C ALA A 135 18.02 -4.91 22.41
N ILE A 136 16.92 -4.72 23.14
CA ILE A 136 16.73 -3.62 24.14
C ILE A 136 16.49 -4.25 25.52
N TRP A 137 16.84 -3.53 26.58
CA TRP A 137 16.83 -3.96 27.99
C TRP A 137 16.79 -2.76 28.93
N GLN A 138 15.81 -2.67 29.82
CA GLN A 138 15.61 -1.58 30.80
C GLN A 138 15.97 -2.09 32.21
N ASP A 139 16.59 -1.17 32.98
CA ASP A 139 16.93 -1.34 34.42
C ASP A 139 16.35 -0.16 35.20
N SER A 140 16.55 -0.14 36.49
CA SER A 140 16.25 0.96 37.45
C SER A 140 17.13 2.17 37.14
N LYS A 141 18.34 1.92 36.64
CA LYS A 141 19.37 2.95 36.33
C LYS A 141 19.09 3.61 34.97
N GLY A 142 19.05 2.81 33.89
CA GLY A 142 18.73 3.30 32.53
C GLY A 142 18.47 2.16 31.56
N PHE A 143 18.81 2.38 30.28
CA PHE A 143 18.53 1.48 29.12
C PHE A 143 19.83 0.87 28.58
N GLY A 144 19.77 -0.39 28.16
CA GLY A 144 20.86 -1.06 27.43
C GLY A 144 20.41 -1.60 26.08
N TYR A 145 21.15 -1.29 25.01
CA TYR A 145 20.75 -1.49 23.60
C TYR A 145 21.94 -2.03 22.76
N ALA A 146 21.63 -2.88 21.79
CA ALA A 146 22.60 -3.49 20.84
C ALA A 146 21.89 -3.80 19.52
N THR A 147 22.55 -3.48 18.39
CA THR A 147 22.07 -3.71 17.00
C THR A 147 23.11 -4.50 16.22
N LEU A 148 22.69 -5.51 15.45
CA LEU A 148 23.56 -6.36 14.60
C LEU A 148 23.02 -6.34 13.16
N ASP A 149 23.85 -5.90 12.22
CA ASP A 149 23.63 -6.10 10.76
C ASP A 149 24.22 -7.48 10.41
N ILE A 150 23.38 -8.51 10.39
CA ILE A 150 23.80 -9.94 10.18
C ILE A 150 24.54 -10.06 8.83
N SER A 151 24.16 -9.21 7.85
CA SER A 151 24.57 -9.26 6.44
C SER A 151 25.86 -8.46 6.24
N SER A 152 26.40 -7.82 7.29
CA SER A 152 27.75 -7.22 7.31
C SER A 152 28.55 -7.65 8.55
N GLY A 153 27.88 -8.09 9.59
CA GLY A 153 28.47 -8.41 10.91
C GLY A 153 28.72 -7.16 11.71
N ARG A 154 28.08 -6.05 11.35
CA ARG A 154 28.18 -4.75 12.03
C ARG A 154 27.25 -4.84 13.26
N PHE A 155 27.89 -4.97 14.45
CA PHE A 155 27.24 -5.10 15.77
C PHE A 155 27.60 -3.83 16.57
N ARG A 156 26.65 -2.98 16.97
CA ARG A 156 26.96 -1.69 17.62
C ARG A 156 26.15 -1.71 18.94
N LEU A 157 26.56 -0.85 19.87
CA LEU A 157 26.01 -0.88 21.24
C LEU A 157 25.65 0.53 21.68
N SER A 158 24.84 0.68 22.72
CA SER A 158 24.43 1.99 23.31
C SER A 158 23.75 1.79 24.66
N GLU A 159 23.88 2.79 25.57
CA GLU A 159 23.17 2.86 26.87
C GLU A 159 22.47 4.21 26.97
N PRO A 160 21.38 4.44 26.19
CA PRO A 160 20.61 5.69 26.26
C PRO A 160 20.29 6.11 27.70
N ALA A 161 20.52 7.39 28.03
CA ALA A 161 20.49 7.95 29.40
C ALA A 161 19.01 7.94 29.85
N ASP A 162 18.10 8.29 28.93
CA ASP A 162 16.66 8.56 29.23
C ASP A 162 15.74 7.96 28.15
N ARG A 163 14.45 8.02 28.44
CA ARG A 163 13.32 7.53 27.59
C ARG A 163 13.36 8.20 26.21
N GLU A 164 13.68 9.48 26.18
CA GLU A 164 13.67 10.35 24.95
C GLU A 164 14.82 9.94 24.03
N THR A 165 16.01 9.69 24.60
CA THR A 165 17.23 9.23 23.85
C THR A 165 16.99 7.84 23.25
N MET A 166 16.34 6.96 24.02
CA MET A 166 15.97 5.58 23.58
C MET A 166 15.04 5.65 22.36
N ALA A 167 14.01 6.47 22.38
CA ALA A 167 13.06 6.71 21.28
C ALA A 167 13.79 7.25 20.04
N ALA A 168 14.80 8.11 20.24
CA ALA A 168 15.65 8.68 19.16
C ALA A 168 16.54 7.57 18.56
N GLU A 169 17.08 6.68 19.41
CA GLU A 169 17.91 5.52 18.97
C GLU A 169 17.06 4.48 18.22
N LEU A 170 15.85 4.21 18.70
CA LEU A 170 14.87 3.28 18.06
C LEU A 170 14.62 3.74 16.63
N GLN A 171 14.31 5.04 16.46
CA GLN A 171 13.93 5.66 15.16
C GLN A 171 15.15 5.68 14.22
N ARG A 172 16.33 5.99 14.77
CA ARG A 172 17.61 6.07 14.02
C ARG A 172 17.91 4.68 13.42
N THR A 173 18.03 3.68 14.30
CA THR A 173 18.40 2.28 13.95
C THR A 173 17.25 1.65 13.16
N ASN A 174 16.02 1.82 13.65
CA ASN A 174 14.78 1.29 13.06
C ASN A 174 14.91 -0.23 12.91
N PRO A 175 14.99 -0.99 14.03
CA PRO A 175 15.26 -2.44 13.96
C PRO A 175 14.18 -3.23 13.21
N ALA A 176 14.60 -4.12 12.31
CA ALA A 176 13.71 -5.05 11.55
C ALA A 176 13.15 -6.11 12.50
N GLU A 177 13.98 -6.56 13.46
CA GLU A 177 13.60 -7.48 14.58
C GLU A 177 14.18 -6.93 15.88
N LEU A 178 13.32 -6.77 16.90
CA LEU A 178 13.68 -6.09 18.20
C LEU A 178 13.37 -7.06 19.35
N LEU A 179 14.44 -7.56 20.00
CA LEU A 179 14.38 -8.43 21.20
C LEU A 179 14.27 -7.52 22.42
N TYR A 180 13.31 -7.78 23.31
CA TYR A 180 13.12 -6.99 24.57
C TYR A 180 12.80 -7.98 25.71
N ALA A 181 13.26 -7.62 26.92
CA ALA A 181 13.18 -8.45 28.15
C ALA A 181 11.73 -8.39 28.68
N GLU A 182 11.34 -9.34 29.54
CA GLU A 182 9.96 -9.50 30.05
C GLU A 182 9.69 -8.48 31.16
N ASP A 183 10.72 -7.88 31.79
CA ASP A 183 10.57 -6.87 32.86
C ASP A 183 10.71 -5.46 32.26
N PHE A 184 10.48 -5.27 30.96
CA PHE A 184 10.54 -3.97 30.26
C PHE A 184 9.28 -3.17 30.65
N ALA A 185 9.50 -2.04 31.34
CA ALA A 185 8.47 -1.18 31.96
C ALA A 185 7.79 -0.31 30.90
N GLU A 186 8.54 0.58 30.25
CA GLU A 186 8.06 1.59 29.27
C GLU A 186 7.70 0.89 27.95
N MET A 187 6.54 0.22 27.92
CA MET A 187 6.03 -0.54 26.73
C MET A 187 5.56 0.46 25.66
N SER A 188 5.30 1.70 26.03
CA SER A 188 4.83 2.79 25.14
C SER A 188 5.86 3.12 24.05
N LEU A 189 7.14 2.95 24.35
CA LEU A 189 8.28 3.18 23.39
C LEU A 189 8.18 2.16 22.25
N ILE A 190 7.78 0.93 22.54
CA ILE A 190 8.05 -0.32 21.76
C ILE A 190 6.77 -0.89 21.12
N GLU A 191 5.71 -1.12 21.90
CA GLU A 191 4.46 -1.78 21.44
C GLU A 191 3.94 -1.07 20.19
N GLY A 192 3.80 -1.81 19.08
CA GLY A 192 3.42 -1.29 17.75
C GLY A 192 4.56 -1.29 16.77
N ARG A 193 5.81 -1.37 17.23
CA ARG A 193 7.03 -1.57 16.37
C ARG A 193 6.97 -2.99 15.78
N ARG A 194 7.52 -3.16 14.56
CA ARG A 194 7.56 -4.43 13.80
C ARG A 194 8.58 -5.38 14.44
N GLY A 195 8.48 -6.68 14.13
CA GLY A 195 9.40 -7.74 14.60
C GLY A 195 9.66 -7.71 16.09
N LEU A 196 8.59 -7.64 16.87
CA LEU A 196 8.64 -7.53 18.37
C LEU A 196 8.64 -8.93 19.00
N ARG A 197 9.70 -9.28 19.74
CA ARG A 197 9.96 -10.63 20.32
C ARG A 197 10.13 -10.48 21.84
N ARG A 198 9.17 -11.03 22.62
CA ARG A 198 9.24 -11.05 24.11
C ARG A 198 10.10 -12.25 24.53
N ARG A 199 11.18 -12.00 25.29
CA ARG A 199 12.15 -13.05 25.71
C ARG A 199 12.30 -13.03 27.23
N PRO A 200 12.72 -14.17 27.85
CA PRO A 200 12.92 -14.23 29.29
C PRO A 200 14.09 -13.37 29.77
N LEU A 201 14.20 -13.20 31.08
CA LEU A 201 15.20 -12.32 31.76
C LEU A 201 16.60 -12.95 31.74
N TRP A 202 16.68 -14.29 31.95
CA TRP A 202 17.97 -15.02 32.11
C TRP A 202 18.84 -14.87 30.86
N GLU A 203 18.23 -14.53 29.72
CA GLU A 203 18.94 -14.23 28.44
C GLU A 203 19.70 -12.92 28.56
N PHE A 204 19.36 -12.06 29.55
CA PHE A 204 20.00 -10.73 29.77
C PHE A 204 20.88 -10.75 31.03
N GLU A 205 21.47 -11.91 31.36
CA GLU A 205 22.40 -12.09 32.49
C GLU A 205 23.81 -11.71 32.04
N ILE A 206 24.50 -10.88 32.82
CA ILE A 206 25.81 -10.25 32.49
C ILE A 206 26.91 -11.30 32.35
N ASP A 207 26.99 -12.27 33.27
CA ASP A 207 28.07 -13.29 33.33
C ASP A 207 28.03 -14.16 32.06
N THR A 208 26.82 -14.50 31.57
CA THR A 208 26.61 -15.29 30.34
C THR A 208 26.99 -14.44 29.13
N ALA A 209 26.59 -13.16 29.12
CA ALA A 209 26.87 -12.20 28.02
C ALA A 209 28.37 -12.02 27.84
N ARG A 210 29.09 -11.63 28.90
CA ARG A 210 30.56 -11.44 28.91
C ARG A 210 31.25 -12.69 28.36
N GLN A 211 30.86 -13.87 28.85
CA GLN A 211 31.44 -15.19 28.46
C GLN A 211 31.21 -15.42 26.95
N GLN A 212 29.99 -15.19 26.48
CA GLN A 212 29.56 -15.45 25.08
C GLN A 212 30.29 -14.52 24.10
N LEU A 213 30.40 -13.23 24.46
CA LEU A 213 31.01 -12.17 23.61
C LEU A 213 32.52 -12.36 23.55
N ASN A 214 33.17 -12.63 24.70
CA ASN A 214 34.63 -12.89 24.80
C ASN A 214 34.97 -14.15 23.99
N LEU A 215 34.14 -15.19 24.12
CA LEU A 215 34.26 -16.46 23.35
C LEU A 215 34.22 -16.17 21.84
N GLN A 216 33.22 -15.41 21.41
CA GLN A 216 32.93 -15.09 19.98
C GLN A 216 34.11 -14.33 19.37
N PHE A 217 34.64 -13.33 20.09
CA PHE A 217 35.75 -12.44 19.63
C PHE A 217 37.10 -13.11 19.88
N GLY A 218 37.15 -14.14 20.73
CA GLY A 218 38.37 -14.87 21.11
C GLY A 218 39.28 -14.00 21.98
N THR A 219 38.69 -13.13 22.81
CA THR A 219 39.40 -12.17 23.70
C THR A 219 39.29 -12.64 25.15
N ARG A 220 40.20 -12.15 26.01
CA ARG A 220 40.18 -12.40 27.48
C ARG A 220 39.10 -11.51 28.11
N ASP A 221 39.09 -10.22 27.72
CA ASP A 221 38.15 -9.17 28.20
C ASP A 221 37.79 -8.26 27.02
N LEU A 222 36.83 -7.35 27.21
CA LEU A 222 36.34 -6.42 26.15
C LEU A 222 36.90 -5.01 26.39
N VAL A 223 38.08 -4.93 27.02
CA VAL A 223 38.87 -3.69 27.22
C VAL A 223 39.35 -3.19 25.84
N GLY A 224 39.75 -4.12 24.97
CA GLY A 224 40.27 -3.85 23.61
C GLY A 224 39.27 -3.08 22.76
N PHE A 225 37.97 -3.36 22.93
CA PHE A 225 36.85 -2.74 22.17
C PHE A 225 36.36 -1.47 22.86
N GLY A 226 36.77 -1.25 24.12
CA GLY A 226 36.36 -0.10 24.93
C GLY A 226 34.89 -0.19 25.34
N VAL A 227 34.37 -1.41 25.56
CA VAL A 227 32.96 -1.67 25.98
C VAL A 227 32.96 -2.49 27.28
N GLU A 228 34.09 -2.56 27.99
CA GLU A 228 34.27 -3.34 29.23
C GLU A 228 33.42 -2.72 30.35
N ASN A 229 33.26 -1.40 30.32
CA ASN A 229 32.59 -0.56 31.35
C ASN A 229 31.16 -0.19 30.94
N ALA A 230 30.51 -1.05 30.12
CA ALA A 230 29.10 -0.89 29.67
C ALA A 230 28.35 -2.19 29.94
N PRO A 231 28.11 -2.53 31.23
CA PRO A 231 27.37 -3.74 31.59
C PRO A 231 25.93 -3.78 31.04
N ARG A 232 25.27 -2.60 30.93
CA ARG A 232 23.88 -2.48 30.44
C ARG A 232 23.83 -2.89 28.96
N GLY A 233 24.73 -2.32 28.14
CA GLY A 233 24.76 -2.55 26.68
C GLY A 233 25.24 -3.94 26.34
N LEU A 234 26.13 -4.52 27.18
CA LEU A 234 26.64 -5.90 27.02
C LEU A 234 25.51 -6.92 27.22
N SER A 235 24.62 -6.69 28.19
CA SER A 235 23.44 -7.56 28.49
C SER A 235 22.56 -7.71 27.24
N ALA A 236 22.34 -6.61 26.52
CA ALA A 236 21.56 -6.57 25.26
C ALA A 236 22.32 -7.33 24.17
N ALA A 237 23.63 -7.06 24.02
CA ALA A 237 24.52 -7.68 23.02
C ALA A 237 24.61 -9.20 23.25
N GLY A 238 24.64 -9.64 24.52
CA GLY A 238 24.68 -11.06 24.90
C GLY A 238 23.44 -11.82 24.50
N ALA A 239 22.27 -11.27 24.78
CA ALA A 239 20.92 -11.80 24.37
C ALA A 239 20.81 -11.83 22.85
N LEU A 240 21.40 -10.85 22.20
CA LEU A 240 21.30 -10.72 20.74
C LEU A 240 22.14 -11.82 20.12
N LEU A 241 23.39 -11.97 20.50
CA LEU A 241 24.35 -12.97 19.97
C LEU A 241 23.76 -14.38 20.10
N GLN A 242 23.21 -14.69 21.26
CA GLN A 242 22.56 -16.01 21.59
C GLN A 242 21.40 -16.25 20.62
N TYR A 243 20.60 -15.22 20.34
CA TYR A 243 19.46 -15.26 19.40
C TYR A 243 19.99 -15.51 17.97
N ALA A 244 21.06 -14.81 17.60
CA ALA A 244 21.72 -14.90 16.27
C ALA A 244 22.29 -16.32 16.04
N LYS A 245 22.91 -16.90 17.08
CA LYS A 245 23.52 -18.26 17.00
C LYS A 245 22.40 -19.30 17.11
N CYS A 246 21.17 -18.90 17.49
CA CYS A 246 19.99 -19.79 17.50
C CYS A 246 19.30 -19.74 16.14
N THR A 247 19.27 -18.57 15.48
CA THR A 247 18.59 -18.39 14.16
C THR A 247 19.48 -18.93 13.05
N GLN A 248 20.70 -19.36 13.38
CA GLN A 248 21.65 -19.97 12.39
C GLN A 248 22.07 -21.39 12.82
N ARG A 249 22.22 -21.65 14.12
CA ARG A 249 22.70 -22.90 14.74
C ARG A 249 24.07 -23.24 14.17
N THR A 250 24.89 -22.20 13.90
CA THR A 250 26.29 -22.30 13.49
C THR A 250 27.08 -21.12 14.08
N THR A 251 28.41 -21.17 13.99
CA THR A 251 29.34 -20.07 14.36
C THR A 251 29.12 -18.88 13.42
N LEU A 252 29.32 -17.67 13.91
CA LEU A 252 29.21 -16.38 13.17
C LEU A 252 30.59 -15.75 13.11
N PRO A 253 31.52 -16.28 12.28
CA PRO A 253 32.92 -15.85 12.28
C PRO A 253 33.11 -14.40 11.83
N HIS A 254 32.16 -13.86 11.06
CA HIS A 254 32.15 -12.44 10.59
C HIS A 254 31.96 -11.48 11.77
N ILE A 255 31.35 -11.97 12.88
CA ILE A 255 31.19 -11.23 14.16
C ILE A 255 32.48 -11.43 14.98
N ARG A 256 33.49 -10.59 14.75
CA ARG A 256 34.81 -10.63 15.44
C ARG A 256 35.02 -9.38 16.30
N SER A 257 34.18 -8.36 16.13
CA SER A 257 34.36 -7.00 16.70
C SER A 257 33.00 -6.43 17.11
N ILE A 258 33.00 -5.55 18.12
CA ILE A 258 31.80 -4.72 18.52
C ILE A 258 32.32 -3.32 18.83
N THR A 259 31.57 -2.29 18.43
CA THR A 259 31.92 -0.85 18.67
C THR A 259 30.79 -0.15 19.42
N MET A 260 31.14 0.76 20.35
CA MET A 260 30.16 1.51 21.17
C MET A 260 29.89 2.87 20.54
N GLU A 261 28.62 3.16 20.26
CA GLU A 261 28.15 4.47 19.73
C GLU A 261 27.82 5.34 20.94
N ARG A 262 28.81 6.05 21.47
CA ARG A 262 28.70 6.90 22.69
C ARG A 262 27.88 8.15 22.35
N GLU A 263 27.36 8.82 23.37
CA GLU A 263 26.55 10.06 23.27
C GLU A 263 27.40 11.21 22.72
N GLN A 264 28.71 11.23 23.03
CA GLN A 264 29.66 12.31 22.69
C GLN A 264 30.42 11.97 21.39
N ASP A 265 30.17 10.79 20.81
CA ASP A 265 30.89 10.29 19.59
C ASP A 265 30.14 10.74 18.32
N SER A 266 28.82 10.82 18.40
CA SER A 266 27.90 11.20 17.31
C SER A 266 26.97 12.34 17.73
N ILE A 267 26.48 13.15 16.77
CA ILE A 267 25.51 14.23 17.05
C ILE A 267 24.13 13.61 17.30
N ILE A 268 23.59 13.77 18.51
CA ILE A 268 22.30 13.13 18.93
C ILE A 268 21.15 13.99 18.38
N MET A 269 20.39 13.46 17.43
CA MET A 269 19.23 14.14 16.79
C MET A 269 17.93 13.44 17.21
N ASP A 270 17.03 14.18 17.88
CA ASP A 270 15.74 13.65 18.39
C ASP A 270 14.86 13.24 17.20
N ALA A 271 13.88 12.37 17.46
CA ALA A 271 12.99 11.74 16.46
C ALA A 271 12.38 12.76 15.48
N ALA A 272 12.02 13.94 15.99
CA ALA A 272 11.43 15.07 15.22
C ALA A 272 12.44 15.53 14.17
N THR A 273 13.67 15.87 14.60
CA THR A 273 14.78 16.32 13.71
C THR A 273 14.95 15.32 12.56
N ARG A 274 15.14 14.04 12.90
CA ARG A 274 15.39 12.94 11.95
C ARG A 274 14.28 12.90 10.90
N ARG A 275 13.01 13.09 11.35
CA ARG A 275 11.81 13.09 10.47
C ARG A 275 11.72 14.41 9.69
N ASN A 276 11.95 15.54 10.36
CA ASN A 276 11.79 16.91 9.77
C ASN A 276 12.83 17.14 8.68
N LEU A 277 14.07 16.64 8.86
CA LEU A 277 15.17 16.77 7.87
C LEU A 277 14.89 15.85 6.69
N GLU A 278 14.05 14.81 6.88
CA GLU A 278 13.67 13.82 5.83
C GLU A 278 14.96 13.18 5.30
N ILE A 279 15.66 12.41 6.15
CA ILE A 279 16.99 11.81 5.86
C ILE A 279 16.86 10.63 4.88
N THR A 280 16.17 9.55 5.29
CA THR A 280 15.82 8.37 4.45
C THR A 280 14.31 8.26 4.29
N GLN A 281 13.54 9.13 4.94
CA GLN A 281 12.06 9.00 5.07
C GLN A 281 11.42 10.39 5.18
N ASN A 282 10.72 10.83 4.13
CA ASN A 282 9.87 12.05 4.14
C ASN A 282 8.72 11.81 5.13
N LEU A 283 8.07 12.88 5.60
CA LEU A 283 7.03 12.83 6.67
C LEU A 283 5.85 11.95 6.24
N ALA A 284 5.59 11.83 4.93
CA ALA A 284 4.53 10.97 4.34
C ALA A 284 4.93 9.48 4.45
N GLY A 285 6.20 9.19 4.72
CA GLY A 285 6.73 7.83 4.91
C GLY A 285 7.42 7.30 3.66
N GLY A 286 7.39 8.06 2.56
CA GLY A 286 8.01 7.69 1.27
C GLY A 286 9.51 7.92 1.25
N ALA A 287 10.17 7.50 0.16
CA ALA A 287 11.64 7.58 -0.04
C ALA A 287 11.99 8.68 -1.06
N GLU A 288 10.99 9.44 -1.52
CA GLU A 288 11.17 10.56 -2.49
C GLU A 288 11.38 11.86 -1.74
N ASN A 289 12.17 12.79 -2.28
CA ASN A 289 12.51 14.11 -1.69
C ASN A 289 13.19 13.89 -0.32
N THR A 290 13.98 12.84 -0.17
CA THR A 290 14.78 12.54 1.03
C THR A 290 16.26 12.86 0.75
N LEU A 291 17.06 13.10 1.79
CA LEU A 291 18.50 13.43 1.69
C LEU A 291 19.25 12.28 1.01
N ALA A 292 18.86 11.03 1.30
CA ALA A 292 19.37 9.79 0.65
C ALA A 292 19.18 9.89 -0.87
N SER A 293 17.92 10.02 -1.33
CA SER A 293 17.49 10.01 -2.74
C SER A 293 18.36 10.93 -3.60
N VAL A 294 18.79 12.07 -3.06
CA VAL A 294 19.62 13.09 -3.77
C VAL A 294 21.11 12.71 -3.63
N LEU A 295 21.61 12.63 -2.39
CA LEU A 295 23.04 12.37 -2.08
C LEU A 295 23.45 10.96 -2.53
N ASP A 296 22.54 9.99 -2.46
CA ASP A 296 22.82 8.57 -2.79
C ASP A 296 22.84 8.41 -4.33
N SER A 297 24.00 8.66 -4.94
CA SER A 297 24.33 8.27 -6.34
C SER A 297 25.51 7.28 -6.32
N THR A 298 25.64 6.52 -5.22
CA THR A 298 26.62 5.40 -5.05
C THR A 298 26.34 4.29 -6.10
N VAL A 299 27.38 3.62 -6.58
CA VAL A 299 27.32 2.64 -7.70
C VAL A 299 27.21 1.20 -7.17
N THR A 300 27.24 1.02 -5.84
CA THR A 300 27.04 -0.30 -5.16
C THR A 300 25.95 -0.16 -4.10
N PRO A 301 25.03 -1.13 -3.97
CA PRO A 301 24.03 -1.12 -2.90
C PRO A 301 24.64 -1.05 -1.49
N MET A 302 25.80 -1.70 -1.30
CA MET A 302 26.57 -1.75 -0.05
C MET A 302 27.07 -0.34 0.31
N GLY A 303 27.51 0.41 -0.70
CA GLY A 303 27.91 1.82 -0.55
C GLY A 303 26.69 2.69 -0.26
N SER A 304 25.57 2.40 -0.94
CA SER A 304 24.25 3.05 -0.77
C SER A 304 23.82 3.01 0.68
N ARG A 305 23.84 1.82 1.30
CA ARG A 305 23.50 1.60 2.73
C ARG A 305 24.53 2.33 3.59
N MET A 306 25.82 2.18 3.29
CA MET A 306 26.93 2.79 4.07
C MET A 306 26.78 4.31 4.12
N LEU A 307 26.53 4.94 2.98
CA LEU A 307 26.26 6.41 2.89
C LEU A 307 25.00 6.73 3.69
N LYS A 308 23.97 5.90 3.57
CA LYS A 308 22.68 6.05 4.30
C LYS A 308 22.93 5.86 5.80
N ARG A 309 23.80 4.94 6.17
CA ARG A 309 24.27 4.69 7.58
C ARG A 309 24.98 5.95 8.12
N TRP A 310 25.81 6.57 7.28
CA TRP A 310 26.60 7.80 7.60
C TRP A 310 25.61 8.94 7.87
N LEU A 311 24.59 9.10 7.00
CA LEU A 311 23.52 10.13 7.12
C LEU A 311 22.78 10.00 8.47
N HIS A 312 22.45 8.79 8.88
CA HIS A 312 21.71 8.48 10.14
C HIS A 312 22.55 8.89 11.37
N MET A 313 23.87 8.69 11.33
CA MET A 313 24.80 8.93 12.46
C MET A 313 25.91 9.89 12.04
N PRO A 314 25.76 11.21 12.25
CA PRO A 314 26.86 12.16 12.00
C PRO A 314 28.00 11.98 13.02
N VAL A 315 29.23 11.78 12.54
CA VAL A 315 30.43 11.53 13.40
C VAL A 315 30.98 12.86 13.89
N ARG A 316 31.32 12.93 15.19
CA ARG A 316 31.87 14.18 15.78
C ARG A 316 33.40 14.12 15.78
N ASP A 317 33.98 12.93 15.57
CA ASP A 317 35.46 12.76 15.56
C ASP A 317 35.96 13.54 14.35
N THR A 318 36.62 14.69 14.59
CA THR A 318 37.10 15.61 13.51
C THR A 318 38.12 14.89 12.63
N ARG A 319 38.97 14.03 13.22
CA ARG A 319 40.00 13.26 12.47
C ARG A 319 39.35 12.44 11.35
N VAL A 320 38.30 11.67 11.66
CA VAL A 320 37.57 10.90 10.62
C VAL A 320 37.06 11.87 9.53
N LEU A 321 36.43 12.97 9.95
CA LEU A 321 35.78 13.97 9.06
C LEU A 321 36.82 14.59 8.13
N LEU A 322 37.94 15.07 8.68
CA LEU A 322 39.05 15.72 7.91
C LEU A 322 39.55 14.76 6.82
N GLU A 323 39.72 13.47 7.17
CA GLU A 323 40.22 12.42 6.24
C GLU A 323 39.24 12.23 5.08
N ARG A 324 37.94 12.27 5.35
CA ARG A 324 36.85 12.16 4.32
C ARG A 324 36.86 13.42 3.46
N GLN A 325 36.96 14.60 4.06
CA GLN A 325 36.98 15.92 3.36
C GLN A 325 38.18 15.97 2.41
N GLN A 326 39.38 15.64 2.92
CA GLN A 326 40.64 15.59 2.12
C GLN A 326 40.48 14.61 0.96
N THR A 327 40.04 13.38 1.26
CA THR A 327 39.79 12.26 0.30
C THR A 327 38.84 12.73 -0.81
N ILE A 328 37.65 13.20 -0.45
CA ILE A 328 36.59 13.72 -1.37
C ILE A 328 37.25 14.74 -2.31
N GLY A 329 38.11 15.63 -1.76
CA GLY A 329 38.85 16.65 -2.52
C GLY A 329 39.87 16.01 -3.49
N ALA A 330 40.57 15.00 -3.02
CA ALA A 330 41.69 14.33 -3.74
C ALA A 330 41.14 13.42 -4.85
N LEU A 331 39.94 12.84 -4.61
CA LEU A 331 39.32 11.82 -5.51
C LEU A 331 38.42 12.50 -6.55
N GLN A 332 38.06 13.76 -6.31
CA GLN A 332 37.11 14.57 -7.15
C GLN A 332 37.56 14.55 -8.61
N ASP A 333 38.88 14.50 -8.87
CA ASP A 333 39.44 14.54 -10.25
C ASP A 333 39.43 13.14 -10.90
N PHE A 334 39.29 12.07 -10.07
CA PHE A 334 39.44 10.65 -10.43
C PHE A 334 38.07 9.95 -10.48
N THR A 335 36.97 10.62 -10.18
CA THR A 335 35.59 10.07 -10.10
C THR A 335 35.21 9.35 -11.38
N ALA A 336 35.39 9.99 -12.54
CA ALA A 336 35.04 9.46 -13.88
C ALA A 336 35.63 8.05 -14.09
N GLY A 337 36.89 7.84 -13.68
CA GLY A 337 37.63 6.58 -13.92
C GLY A 337 37.29 5.50 -12.90
N LEU A 338 36.84 5.90 -11.70
CA LEU A 338 36.67 5.01 -10.51
C LEU A 338 35.26 4.43 -10.47
N GLN A 339 34.24 5.22 -10.78
CA GLN A 339 32.80 4.85 -10.53
C GLN A 339 32.43 3.62 -11.37
N PRO A 340 32.75 3.59 -12.69
CA PRO A 340 32.42 2.44 -13.53
C PRO A 340 33.10 1.13 -13.06
N VAL A 341 34.28 1.25 -12.43
CA VAL A 341 35.05 0.11 -11.87
C VAL A 341 34.38 -0.32 -10.55
N LEU A 342 34.04 0.62 -9.71
CA LEU A 342 33.35 0.41 -8.40
C LEU A 342 31.98 -0.23 -8.65
N ARG A 343 31.28 0.18 -9.71
CA ARG A 343 29.91 -0.30 -10.07
C ARG A 343 29.91 -1.83 -10.21
N GLN A 344 30.98 -2.41 -10.76
CA GLN A 344 31.10 -3.87 -11.05
C GLN A 344 31.24 -4.68 -9.76
N VAL A 345 31.73 -4.06 -8.66
CA VAL A 345 31.94 -4.72 -7.35
C VAL A 345 30.58 -5.25 -6.87
N GLY A 346 29.56 -4.38 -6.88
CA GLY A 346 28.18 -4.72 -6.47
C GLY A 346 28.08 -4.88 -4.96
N ASP A 347 27.07 -5.65 -4.53
CA ASP A 347 26.78 -5.96 -3.11
C ASP A 347 27.68 -7.12 -2.64
N LEU A 348 28.95 -6.82 -2.39
CA LEU A 348 29.95 -7.81 -1.89
C LEU A 348 29.72 -8.07 -0.40
N GLU A 349 29.13 -7.12 0.31
CA GLU A 349 28.94 -7.15 1.80
C GLU A 349 28.01 -8.33 2.17
N ARG A 350 26.85 -8.39 1.54
CA ARG A 350 25.80 -9.41 1.82
C ARG A 350 26.24 -10.77 1.26
N ILE A 351 27.13 -10.79 0.28
CA ILE A 351 27.73 -12.02 -0.31
C ILE A 351 28.65 -12.67 0.75
N LEU A 352 29.46 -11.84 1.44
CA LEU A 352 30.40 -12.31 2.50
C LEU A 352 29.62 -12.84 3.70
N ALA A 353 28.44 -12.27 3.98
CA ALA A 353 27.50 -12.75 5.02
C ALA A 353 27.08 -14.19 4.71
N ARG A 354 26.76 -14.48 3.45
CA ARG A 354 26.33 -15.80 2.96
C ARG A 354 27.52 -16.79 2.97
N LEU A 355 28.75 -16.26 2.79
CA LEU A 355 30.00 -17.05 2.92
C LEU A 355 30.20 -17.46 4.39
N ALA A 356 30.09 -16.48 5.32
CA ALA A 356 30.28 -16.65 6.77
C ALA A 356 29.25 -17.64 7.33
N LEU A 357 28.03 -17.62 6.80
CA LEU A 357 26.89 -18.49 7.21
C LEU A 357 26.88 -19.78 6.40
N ARG A 358 27.78 -19.90 5.40
CA ARG A 358 27.91 -21.08 4.51
C ARG A 358 26.63 -21.28 3.71
N THR A 359 25.98 -20.19 3.31
CA THR A 359 24.68 -20.16 2.56
C THR A 359 24.89 -19.59 1.15
N ALA A 360 26.12 -19.16 0.83
CA ALA A 360 26.49 -18.48 -0.43
C ALA A 360 26.04 -19.34 -1.62
N ARG A 361 25.47 -18.70 -2.64
CA ARG A 361 24.99 -19.33 -3.91
C ARG A 361 26.04 -19.11 -4.99
N PRO A 362 26.09 -19.98 -6.03
CA PRO A 362 27.09 -19.87 -7.10
C PRO A 362 27.39 -18.46 -7.62
N ARG A 363 26.34 -17.65 -7.87
CA ARG A 363 26.47 -16.31 -8.49
C ARG A 363 26.95 -15.29 -7.46
N ASP A 364 26.90 -15.62 -6.16
CA ASP A 364 27.49 -14.84 -5.05
C ASP A 364 29.00 -14.95 -5.13
N LEU A 365 29.50 -16.16 -5.40
CA LEU A 365 30.95 -16.49 -5.55
C LEU A 365 31.44 -15.90 -6.88
N ALA A 366 30.57 -15.84 -7.90
CA ALA A 366 30.85 -15.27 -9.24
C ALA A 366 31.06 -13.76 -9.16
N ARG A 367 30.19 -13.06 -8.40
CA ARG A 367 30.23 -11.60 -8.20
C ARG A 367 31.44 -11.22 -7.31
N MET A 368 31.75 -12.10 -6.35
CA MET A 368 32.96 -11.96 -5.46
C MET A 368 34.23 -12.07 -6.30
N ARG A 369 34.28 -13.05 -7.22
CA ARG A 369 35.41 -13.27 -8.16
C ARG A 369 35.54 -12.04 -9.04
N HIS A 370 34.41 -11.51 -9.55
CA HIS A 370 34.35 -10.31 -10.43
C HIS A 370 34.84 -9.07 -9.65
N ALA A 371 34.49 -9.00 -8.34
CA ALA A 371 34.88 -7.90 -7.42
C ALA A 371 36.41 -7.89 -7.21
N PHE A 372 37.02 -9.07 -7.07
CA PHE A 372 38.49 -9.25 -6.91
C PHE A 372 39.24 -8.85 -8.18
N GLN A 373 38.65 -9.12 -9.34
CA GLN A 373 39.23 -8.81 -10.68
C GLN A 373 39.34 -7.29 -10.91
N GLN A 374 38.60 -6.51 -10.14
CA GLN A 374 38.61 -5.01 -10.21
C GLN A 374 39.69 -4.42 -9.28
N LEU A 375 40.08 -5.12 -8.22
CA LEU A 375 41.03 -4.62 -7.19
C LEU A 375 42.32 -4.10 -7.84
N PRO A 376 42.96 -4.83 -8.78
CA PRO A 376 44.18 -4.33 -9.43
C PRO A 376 44.01 -2.97 -10.12
N GLU A 377 42.90 -2.78 -10.83
CA GLU A 377 42.56 -1.51 -11.57
C GLU A 377 42.31 -0.41 -10.54
N LEU A 378 41.65 -0.71 -9.42
CA LEU A 378 41.42 0.24 -8.30
C LEU A 378 42.76 0.62 -7.69
N ARG A 379 43.59 -0.35 -7.34
CA ARG A 379 44.94 -0.18 -6.74
C ARG A 379 45.82 0.67 -7.67
N ALA A 380 45.67 0.49 -8.98
CA ALA A 380 46.44 1.19 -10.05
C ALA A 380 46.01 2.67 -10.11
N GLN A 381 44.71 2.94 -10.07
CA GLN A 381 44.11 4.30 -10.22
C GLN A 381 44.30 5.11 -8.92
N LEU A 382 44.46 4.44 -7.77
CA LEU A 382 44.56 5.10 -6.45
C LEU A 382 46.02 5.35 -6.09
N GLU A 383 46.97 4.63 -6.69
CA GLU A 383 48.41 4.64 -6.31
C GLU A 383 48.94 6.09 -6.37
N THR A 384 48.56 6.82 -7.42
CA THR A 384 49.06 8.19 -7.67
C THR A 384 48.40 9.22 -6.75
N VAL A 385 47.26 8.88 -6.13
CA VAL A 385 46.48 9.85 -5.30
C VAL A 385 47.28 10.11 -4.01
N ASP A 386 47.87 11.31 -3.91
CA ASP A 386 48.72 11.69 -2.74
C ASP A 386 47.75 12.03 -1.61
N SER A 387 47.33 11.02 -0.83
CA SER A 387 46.35 11.18 0.28
C SER A 387 46.49 9.97 1.21
N ALA A 388 46.91 10.22 2.45
CA ALA A 388 47.14 9.13 3.44
C ALA A 388 45.89 8.27 3.61
N PRO A 389 44.67 8.84 3.78
CA PRO A 389 43.46 8.01 3.94
C PRO A 389 43.15 7.11 2.75
N VAL A 390 43.34 7.62 1.51
CA VAL A 390 43.15 6.85 0.25
C VAL A 390 44.11 5.65 0.24
N GLN A 391 45.36 5.87 0.57
CA GLN A 391 46.45 4.84 0.61
C GLN A 391 46.15 3.84 1.74
N ALA A 392 45.54 4.31 2.84
CA ALA A 392 45.12 3.48 3.99
C ALA A 392 44.01 2.51 3.57
N LEU A 393 43.02 2.99 2.80
CA LEU A 393 41.88 2.21 2.26
C LEU A 393 42.30 1.37 1.04
N ARG A 394 43.40 1.73 0.39
CA ARG A 394 44.00 1.00 -0.77
C ARG A 394 44.75 -0.24 -0.25
N GLU A 395 45.40 -0.09 0.91
CA GLU A 395 46.10 -1.20 1.63
C GLU A 395 45.04 -2.13 2.24
N LYS A 396 44.02 -1.56 2.90
CA LYS A 396 42.90 -2.31 3.54
C LYS A 396 42.12 -3.08 2.48
N MET A 397 42.03 -2.52 1.27
CA MET A 397 41.39 -3.14 0.06
C MET A 397 41.95 -4.54 -0.19
N GLY A 398 43.27 -4.71 -0.04
CA GLY A 398 43.98 -5.99 -0.16
C GLY A 398 44.16 -6.40 -1.61
N GLU A 399 44.29 -7.70 -1.85
CA GLU A 399 44.57 -8.28 -3.20
C GLU A 399 43.78 -9.59 -3.35
N PHE A 400 44.04 -10.56 -2.46
CA PHE A 400 43.37 -11.89 -2.43
C PHE A 400 43.69 -12.66 -3.71
N ALA A 401 44.97 -12.68 -4.10
CA ALA A 401 45.50 -13.36 -5.31
C ALA A 401 45.26 -14.86 -5.22
N GLU A 402 45.34 -15.43 -4.00
CA GLU A 402 45.11 -16.88 -3.73
C GLU A 402 43.65 -17.22 -4.01
N LEU A 403 42.72 -16.41 -3.48
CA LEU A 403 41.25 -16.63 -3.56
C LEU A 403 40.77 -16.28 -4.96
N ARG A 404 41.35 -15.26 -5.59
CA ARG A 404 41.01 -14.85 -6.98
C ARG A 404 41.36 -16.02 -7.90
N ASP A 405 42.54 -16.62 -7.73
CA ASP A 405 43.02 -17.79 -8.53
C ASP A 405 42.11 -18.99 -8.27
N LEU A 406 41.78 -19.25 -7.00
CA LEU A 406 40.91 -20.38 -6.56
C LEU A 406 39.58 -20.37 -7.32
N LEU A 407 38.86 -19.24 -7.27
CA LEU A 407 37.49 -19.10 -7.84
C LEU A 407 37.58 -19.13 -9.38
N GLU A 408 38.67 -18.59 -9.95
CA GLU A 408 38.92 -18.56 -11.42
C GLU A 408 39.06 -19.99 -11.93
N ARG A 409 39.76 -20.85 -11.19
CA ARG A 409 39.99 -22.29 -11.52
C ARG A 409 38.72 -23.08 -11.21
N ALA A 410 38.14 -22.87 -10.02
CA ALA A 410 37.05 -23.68 -9.45
C ALA A 410 35.78 -23.56 -10.28
N ILE A 411 35.28 -22.35 -10.49
CA ILE A 411 33.87 -22.06 -10.95
C ILE A 411 33.91 -21.57 -12.40
N ILE A 412 32.85 -21.87 -13.17
CA ILE A 412 32.69 -21.47 -14.60
C ILE A 412 32.39 -19.97 -14.67
N ASP A 413 32.37 -19.40 -15.89
CA ASP A 413 32.18 -17.94 -16.14
C ASP A 413 30.82 -17.49 -15.58
N THR A 414 29.73 -18.15 -15.96
CA THR A 414 28.34 -17.79 -15.54
C THR A 414 27.60 -19.04 -15.10
N PRO A 415 27.71 -19.46 -13.82
CA PRO A 415 26.99 -20.65 -13.33
C PRO A 415 25.49 -20.42 -13.19
N PRO A 416 24.68 -21.49 -13.06
CA PRO A 416 23.25 -21.37 -12.75
C PRO A 416 23.02 -20.86 -11.32
N VAL A 417 21.77 -20.58 -10.97
CA VAL A 417 21.34 -20.03 -9.64
C VAL A 417 21.66 -21.04 -8.53
N LEU A 418 21.62 -22.35 -8.82
CA LEU A 418 21.73 -23.43 -7.81
C LEU A 418 22.85 -24.43 -8.15
N VAL A 419 23.50 -24.99 -7.12
CA VAL A 419 24.50 -26.08 -7.33
C VAL A 419 23.72 -27.38 -7.50
N ARG A 420 22.50 -27.45 -6.95
CA ARG A 420 21.66 -28.68 -6.93
C ARG A 420 21.67 -29.35 -8.30
N ASP A 421 21.52 -28.60 -9.40
CA ASP A 421 21.46 -29.16 -10.79
C ASP A 421 22.85 -29.17 -11.44
N GLY A 422 23.93 -29.11 -10.62
CA GLY A 422 25.32 -29.20 -11.10
C GLY A 422 25.73 -28.11 -12.07
N GLY A 423 26.84 -28.33 -12.78
CA GLY A 423 27.33 -27.41 -13.85
C GLY A 423 27.80 -26.07 -13.29
N VAL A 424 28.41 -26.08 -12.11
CA VAL A 424 28.94 -24.84 -11.44
C VAL A 424 30.48 -24.90 -11.42
N ILE A 425 31.06 -26.02 -11.00
CA ILE A 425 32.54 -26.22 -10.95
C ILE A 425 33.04 -26.36 -12.40
N ALA A 426 34.17 -25.71 -12.73
CA ALA A 426 34.71 -25.58 -14.09
C ALA A 426 35.62 -26.77 -14.39
N SER A 427 35.94 -26.95 -15.68
CA SER A 427 36.77 -28.08 -16.23
C SER A 427 38.27 -27.81 -15.98
N GLY A 428 38.99 -28.81 -15.44
CA GLY A 428 40.45 -28.72 -15.17
C GLY A 428 40.77 -28.66 -13.69
N TYR A 429 39.90 -28.02 -12.89
CA TYR A 429 40.01 -27.85 -11.42
C TYR A 429 40.16 -29.22 -10.78
N ASN A 430 39.22 -30.15 -11.08
CA ASN A 430 39.22 -31.55 -10.59
C ASN A 430 39.09 -32.45 -11.80
N GLU A 431 40.10 -33.27 -12.10
CA GLU A 431 40.20 -34.09 -13.34
C GLU A 431 39.50 -35.44 -13.09
N GLU A 432 39.10 -35.75 -11.84
CA GLU A 432 38.13 -36.84 -11.52
C GLU A 432 36.74 -36.39 -11.99
N LEU A 433 36.36 -35.15 -11.67
CA LEU A 433 35.06 -34.53 -12.08
C LEU A 433 34.94 -34.51 -13.61
N ASP A 434 35.96 -34.08 -14.31
CA ASP A 434 36.06 -34.01 -15.79
C ASP A 434 35.76 -35.41 -16.41
N GLU A 435 36.24 -36.48 -15.74
CA GLU A 435 36.04 -37.88 -16.14
C GLU A 435 34.56 -38.26 -15.96
N TRP A 436 33.98 -37.94 -14.81
CA TRP A 436 32.55 -38.18 -14.46
C TRP A 436 31.62 -37.45 -15.44
N ARG A 437 32.01 -36.27 -15.95
CA ARG A 437 31.25 -35.42 -16.87
C ARG A 437 31.37 -35.95 -18.29
N ALA A 438 32.55 -36.49 -18.67
CA ALA A 438 32.86 -36.99 -20.03
C ALA A 438 31.79 -37.99 -20.51
N LEU A 439 31.34 -38.88 -19.62
CA LEU A 439 30.26 -39.86 -19.87
C LEU A 439 28.92 -39.11 -20.04
N ALA A 440 28.67 -38.15 -19.12
CA ALA A 440 27.44 -37.32 -19.07
C ALA A 440 27.29 -36.48 -20.33
N ASP A 441 28.44 -36.03 -20.92
CA ASP A 441 28.46 -35.14 -22.11
C ASP A 441 29.00 -35.88 -23.34
N GLY A 442 28.93 -37.21 -23.36
CA GLY A 442 29.15 -38.10 -24.50
C GLY A 442 27.88 -38.41 -25.27
N ALA A 443 26.76 -37.84 -24.86
CA ALA A 443 25.40 -38.03 -25.39
C ALA A 443 25.30 -37.44 -26.81
N THR A 444 25.90 -36.28 -27.04
CA THR A 444 25.83 -35.50 -28.30
C THR A 444 26.27 -36.39 -29.47
N ASP A 445 27.35 -37.18 -29.32
CA ASP A 445 27.91 -38.06 -30.38
C ASP A 445 27.34 -39.48 -30.27
N TYR A 446 27.41 -40.08 -29.07
CA TYR A 446 27.08 -41.52 -28.84
C TYR A 446 25.64 -41.84 -29.30
N LEU A 447 24.66 -41.12 -28.74
CA LEU A 447 23.21 -41.40 -28.92
C LEU A 447 22.79 -41.00 -30.34
N GLU A 448 23.49 -40.01 -30.94
CA GLU A 448 23.28 -39.59 -32.34
C GLU A 448 23.87 -40.65 -33.27
N ARG A 449 25.00 -41.28 -32.92
CA ARG A 449 25.62 -42.36 -33.71
C ARG A 449 24.71 -43.60 -33.69
N LEU A 450 24.12 -43.92 -32.52
CA LEU A 450 23.18 -45.03 -32.32
C LEU A 450 21.93 -44.85 -33.20
N GLU A 451 21.41 -43.62 -33.23
CA GLU A 451 20.19 -43.18 -33.97
C GLU A 451 20.41 -43.48 -35.44
N VAL A 452 21.62 -43.21 -35.97
CA VAL A 452 21.98 -43.43 -37.41
C VAL A 452 22.07 -44.94 -37.68
N ARG A 453 22.82 -45.68 -36.87
CA ARG A 453 23.04 -47.14 -37.03
C ARG A 453 21.65 -47.82 -37.05
N GLU A 454 20.87 -47.61 -35.98
CA GLU A 454 19.56 -48.26 -35.76
C GLU A 454 18.56 -47.85 -36.86
N ARG A 455 18.61 -46.61 -37.33
CA ARG A 455 17.70 -46.09 -38.39
C ARG A 455 18.00 -46.78 -39.73
N GLU A 456 19.28 -46.85 -40.07
CA GLU A 456 19.82 -47.48 -41.31
C GLU A 456 19.62 -49.00 -41.22
N ARG A 457 19.94 -49.61 -40.09
CA ARG A 457 19.86 -51.08 -39.85
C ARG A 457 18.41 -51.57 -39.98
N THR A 458 17.49 -50.94 -39.27
CA THR A 458 16.04 -51.30 -39.21
C THR A 458 15.37 -50.90 -40.54
N GLY A 459 15.70 -49.72 -41.06
CA GLY A 459 15.07 -49.14 -42.26
C GLY A 459 13.74 -48.49 -41.96
N LEU A 460 13.52 -48.13 -40.69
CA LEU A 460 12.34 -47.36 -40.20
C LEU A 460 12.73 -45.87 -40.13
N ASP A 461 12.18 -45.06 -41.04
CA ASP A 461 12.65 -43.67 -41.34
C ASP A 461 12.23 -42.72 -40.21
N THR A 462 11.20 -43.08 -39.42
CA THR A 462 10.66 -42.25 -38.31
C THR A 462 11.46 -42.47 -37.02
N LEU A 463 12.39 -43.45 -37.02
CA LEU A 463 13.17 -43.83 -35.80
C LEU A 463 14.02 -42.66 -35.34
N LYS A 464 13.78 -42.21 -34.10
CA LYS A 464 14.53 -41.08 -33.44
C LYS A 464 14.81 -41.44 -31.97
N VAL A 465 16.03 -41.12 -31.49
CA VAL A 465 16.48 -41.41 -30.09
C VAL A 465 16.15 -40.15 -29.26
N GLY A 466 15.41 -40.32 -28.17
CA GLY A 466 15.07 -39.25 -27.22
C GLY A 466 15.31 -39.64 -25.76
N PHE A 467 15.08 -38.69 -24.86
CA PHE A 467 15.24 -38.84 -23.39
C PHE A 467 13.97 -38.35 -22.69
N ASN A 468 13.63 -38.94 -21.54
CA ASN A 468 12.46 -38.60 -20.67
C ASN A 468 12.90 -38.73 -19.20
N ALA A 469 12.73 -37.65 -18.43
CA ALA A 469 13.19 -37.48 -17.03
C ALA A 469 12.72 -38.69 -16.19
N VAL A 470 11.48 -39.15 -16.41
CA VAL A 470 10.86 -40.25 -15.61
C VAL A 470 11.47 -41.58 -16.06
N HIS A 471 11.28 -41.93 -17.34
CA HIS A 471 11.53 -43.26 -17.95
C HIS A 471 12.98 -43.40 -18.39
N GLY A 472 13.72 -42.30 -18.47
CA GLY A 472 15.11 -42.24 -18.96
C GLY A 472 15.16 -42.13 -20.48
N TYR A 473 16.07 -42.84 -21.10
CA TYR A 473 16.39 -42.82 -22.56
C TYR A 473 15.56 -43.91 -23.27
N TYR A 474 15.37 -43.77 -24.58
CA TYR A 474 14.49 -44.67 -25.38
C TYR A 474 14.83 -44.53 -26.88
N ILE A 475 14.33 -45.50 -27.65
CA ILE A 475 14.25 -45.47 -29.15
C ILE A 475 12.76 -45.29 -29.50
N GLN A 476 12.42 -44.18 -30.16
CA GLN A 476 11.01 -43.80 -30.45
C GLN A 476 10.70 -44.08 -31.93
N ILE A 477 9.66 -44.89 -32.18
CA ILE A 477 9.13 -45.22 -33.54
C ILE A 477 7.68 -44.73 -33.61
N SER A 478 7.24 -44.27 -34.79
CA SER A 478 5.84 -43.83 -35.05
C SER A 478 4.89 -45.02 -34.87
N ARG A 479 3.64 -44.76 -34.45
CA ARG A 479 2.60 -45.79 -34.19
C ARG A 479 2.45 -46.69 -35.41
N GLY A 480 2.47 -46.11 -36.62
CA GLY A 480 2.35 -46.82 -37.91
C GLY A 480 3.47 -47.83 -38.12
N GLN A 481 4.68 -47.54 -37.64
CA GLN A 481 5.89 -48.37 -37.85
C GLN A 481 6.31 -49.06 -36.54
N SER A 482 5.49 -48.98 -35.49
CA SER A 482 5.80 -49.48 -34.12
C SER A 482 5.89 -51.00 -34.08
N HIS A 483 4.94 -51.67 -34.77
CA HIS A 483 4.81 -53.15 -34.85
C HIS A 483 5.97 -53.78 -35.65
N LEU A 484 6.71 -53.00 -36.42
CA LEU A 484 7.83 -53.43 -37.28
C LEU A 484 9.16 -53.40 -36.52
N ALA A 485 9.18 -52.90 -35.28
CA ALA A 485 10.38 -52.82 -34.41
C ALA A 485 11.08 -54.17 -34.32
N PRO A 486 12.44 -54.21 -34.28
CA PRO A 486 13.17 -55.45 -34.04
C PRO A 486 12.71 -56.15 -32.75
N ILE A 487 12.81 -57.46 -32.69
CA ILE A 487 12.39 -58.30 -31.52
C ILE A 487 13.32 -58.02 -30.33
N ASN A 488 14.56 -57.63 -30.58
CA ASN A 488 15.58 -57.27 -29.55
C ASN A 488 15.13 -56.00 -28.78
N TYR A 489 14.35 -55.13 -29.45
CA TYR A 489 13.74 -53.92 -28.86
C TYR A 489 12.76 -54.33 -27.75
N MET A 490 13.01 -53.88 -26.53
CA MET A 490 12.15 -54.14 -25.33
C MET A 490 11.22 -52.94 -25.07
N ARG A 491 9.91 -53.18 -25.21
CA ARG A 491 8.82 -52.20 -24.97
C ARG A 491 9.02 -51.54 -23.60
N ARG A 492 8.95 -50.20 -23.54
CA ARG A 492 9.06 -49.44 -22.25
C ARG A 492 7.85 -48.52 -22.07
N GLN A 493 7.62 -47.60 -23.00
CA GLN A 493 6.61 -46.51 -22.90
C GLN A 493 5.82 -46.45 -24.21
N THR A 494 4.49 -46.54 -24.10
CA THR A 494 3.51 -46.32 -25.20
C THR A 494 2.96 -44.89 -25.16
N LEU A 495 2.87 -44.27 -26.33
CA LEU A 495 2.27 -42.91 -26.52
C LEU A 495 1.20 -42.98 -27.59
N LYS A 496 0.47 -41.87 -27.81
CA LYS A 496 -0.69 -41.79 -28.73
C LYS A 496 -0.29 -42.10 -30.17
N ASN A 497 0.86 -41.55 -30.62
CA ASN A 497 1.38 -41.71 -32.01
C ASN A 497 2.89 -42.07 -31.98
N ALA A 498 3.32 -42.85 -30.98
CA ALA A 498 4.72 -43.28 -30.82
C ALA A 498 4.82 -44.46 -29.82
N GLU A 499 5.85 -45.30 -29.99
CA GLU A 499 6.23 -46.41 -29.09
C GLU A 499 7.73 -46.31 -28.76
N ARG A 500 8.05 -46.35 -27.46
CA ARG A 500 9.44 -46.13 -26.95
C ARG A 500 10.01 -47.42 -26.36
N TYR A 501 11.20 -47.81 -26.84
CA TYR A 501 11.87 -49.13 -26.55
C TYR A 501 13.18 -48.90 -25.83
N ILE A 502 13.79 -49.99 -25.34
CA ILE A 502 15.18 -50.01 -24.75
C ILE A 502 15.92 -51.24 -25.27
N ILE A 503 17.24 -51.14 -25.53
CA ILE A 503 18.11 -52.24 -26.04
C ILE A 503 19.31 -52.38 -25.12
N PRO A 504 19.99 -53.53 -25.09
CA PRO A 504 21.04 -53.79 -24.08
C PRO A 504 22.13 -52.72 -23.98
N GLU A 505 22.53 -52.16 -25.14
CA GLU A 505 23.60 -51.13 -25.30
C GLU A 505 23.10 -49.81 -24.70
N LEU A 506 21.79 -49.53 -24.81
CA LEU A 506 21.15 -48.29 -24.33
C LEU A 506 20.99 -48.33 -22.80
N LYS A 507 20.64 -49.48 -22.24
CA LYS A 507 20.39 -49.63 -20.78
C LYS A 507 21.74 -49.69 -20.06
N GLU A 508 22.77 -50.21 -20.69
CA GLU A 508 24.18 -50.13 -20.21
C GLU A 508 24.55 -48.64 -20.10
N TYR A 509 24.27 -47.87 -21.14
CA TYR A 509 24.55 -46.43 -21.26
C TYR A 509 23.75 -45.66 -20.20
N GLU A 510 22.45 -45.94 -20.08
CA GLU A 510 21.52 -45.27 -19.14
C GLU A 510 22.01 -45.50 -17.70
N ASP A 511 22.38 -46.73 -17.38
CA ASP A 511 22.82 -47.15 -16.01
C ASP A 511 24.09 -46.39 -15.62
N LYS A 512 25.01 -46.19 -16.60
CA LYS A 512 26.37 -45.61 -16.38
C LYS A 512 26.30 -44.09 -16.45
N VAL A 513 25.38 -43.51 -17.23
CA VAL A 513 25.27 -42.05 -17.45
C VAL A 513 24.62 -41.41 -16.23
N LEU A 514 23.80 -42.15 -15.47
CA LEU A 514 23.09 -41.72 -14.25
C LEU A 514 23.98 -41.91 -13.04
N THR A 515 24.71 -43.02 -12.93
CA THR A 515 25.70 -43.29 -11.86
C THR A 515 26.89 -42.31 -11.98
N SER A 516 27.23 -41.90 -13.20
CA SER A 516 28.24 -40.84 -13.48
C SER A 516 27.73 -39.46 -13.03
N LYS A 517 26.46 -39.17 -13.32
CA LYS A 517 25.76 -37.91 -12.91
C LYS A 517 25.74 -37.84 -11.37
N GLY A 518 25.17 -38.85 -10.71
CA GLY A 518 25.16 -39.02 -9.25
C GLY A 518 26.51 -38.80 -8.58
N LYS A 519 27.59 -39.27 -9.19
CA LYS A 519 28.99 -39.12 -8.68
C LYS A 519 29.48 -37.69 -8.94
N ALA A 520 29.35 -37.21 -10.17
CA ALA A 520 29.73 -35.86 -10.63
C ALA A 520 29.04 -34.81 -9.75
N LEU A 521 27.76 -35.03 -9.43
CA LEU A 521 26.89 -34.09 -8.68
C LEU A 521 27.31 -34.07 -7.21
N ALA A 522 27.51 -35.25 -6.62
CA ALA A 522 27.90 -35.45 -5.20
C ALA A 522 29.28 -34.87 -4.93
N LEU A 523 30.25 -35.07 -5.87
CA LEU A 523 31.63 -34.54 -5.79
C LEU A 523 31.60 -33.00 -5.89
N GLU A 524 30.75 -32.45 -6.76
CA GLU A 524 30.59 -30.99 -6.98
C GLU A 524 30.22 -30.31 -5.65
N LYS A 525 29.29 -30.92 -4.92
CA LYS A 525 28.78 -30.40 -3.62
C LYS A 525 29.84 -30.57 -2.53
N GLN A 526 30.73 -31.56 -2.66
CA GLN A 526 31.92 -31.71 -1.80
C GLN A 526 32.88 -30.56 -2.06
N LEU A 527 33.20 -30.30 -3.34
CA LEU A 527 34.10 -29.21 -3.79
C LEU A 527 33.48 -27.84 -3.49
N TYR A 528 32.15 -27.74 -3.44
CA TYR A 528 31.39 -26.50 -3.14
C TYR A 528 31.52 -26.14 -1.66
N GLU A 529 31.26 -27.10 -0.78
CA GLU A 529 31.39 -26.96 0.69
C GLU A 529 32.87 -26.83 1.07
N GLU A 530 33.78 -27.33 0.21
CA GLU A 530 35.25 -27.22 0.39
C GLU A 530 35.71 -25.77 0.21
N LEU A 531 35.11 -25.05 -0.75
CA LEU A 531 35.46 -23.64 -1.08
C LEU A 531 35.25 -22.72 0.14
N PHE A 532 34.22 -22.98 0.96
CA PHE A 532 33.94 -22.22 2.21
C PHE A 532 35.08 -22.43 3.21
N ASP A 533 35.60 -23.66 3.29
CA ASP A 533 36.73 -24.05 4.19
C ASP A 533 38.01 -23.28 3.82
N LEU A 534 38.16 -22.95 2.53
CA LEU A 534 39.38 -22.30 1.96
C LEU A 534 39.25 -20.77 2.06
N LEU A 535 38.02 -20.24 2.16
CA LEU A 535 37.72 -18.78 2.06
C LEU A 535 37.47 -18.18 3.44
N LEU A 536 36.84 -18.92 4.37
CA LEU A 536 36.54 -18.46 5.76
C LEU A 536 37.80 -17.93 6.46
N PRO A 537 38.97 -18.59 6.37
CA PRO A 537 40.18 -18.07 7.04
C PRO A 537 40.56 -16.63 6.70
N HIS A 538 40.21 -16.12 5.50
CA HIS A 538 40.56 -14.75 5.02
C HIS A 538 39.39 -13.77 5.23
N LEU A 539 38.32 -14.21 5.91
CA LEU A 539 37.04 -13.44 6.05
C LEU A 539 37.32 -12.09 6.69
N GLU A 540 38.21 -12.04 7.68
CA GLU A 540 38.60 -10.81 8.43
C GLU A 540 39.09 -9.76 7.43
N ALA A 541 40.06 -10.14 6.58
CA ALA A 541 40.68 -9.29 5.54
C ALA A 541 39.63 -8.90 4.49
N LEU A 542 38.74 -9.83 4.14
CA LEU A 542 37.67 -9.64 3.12
C LEU A 542 36.61 -8.64 3.63
N GLN A 543 36.28 -8.68 4.92
CA GLN A 543 35.32 -7.76 5.58
C GLN A 543 35.90 -6.33 5.56
N GLN A 544 37.16 -6.19 5.98
CA GLN A 544 37.92 -4.91 5.95
C GLN A 544 38.01 -4.39 4.51
N SER A 545 38.24 -5.29 3.55
CA SER A 545 38.28 -5.01 2.09
C SER A 545 36.92 -4.46 1.61
N ALA A 546 35.85 -5.21 1.88
CA ALA A 546 34.46 -4.85 1.51
C ALA A 546 34.09 -3.52 2.19
N SER A 547 34.49 -3.36 3.46
CA SER A 547 34.28 -2.12 4.27
C SER A 547 35.02 -0.93 3.61
N ALA A 548 36.23 -1.15 3.13
CA ALA A 548 37.09 -0.14 2.46
C ALA A 548 36.51 0.23 1.08
N LEU A 549 36.05 -0.78 0.32
CA LEU A 549 35.48 -0.59 -1.05
C LEU A 549 34.15 0.17 -0.93
N ALA A 550 33.28 -0.25 0.02
CA ALA A 550 32.01 0.40 0.34
C ALA A 550 32.22 1.89 0.67
N GLU A 551 33.15 2.15 1.59
CA GLU A 551 33.55 3.51 2.06
C GLU A 551 34.11 4.32 0.89
N LEU A 552 34.87 3.68 -0.01
CA LEU A 552 35.42 4.33 -1.24
C LEU A 552 34.25 4.78 -2.15
N ASP A 553 33.28 3.89 -2.35
CA ASP A 553 32.06 4.14 -3.17
C ASP A 553 31.31 5.37 -2.61
N VAL A 554 31.16 5.47 -1.28
CA VAL A 554 30.46 6.58 -0.58
C VAL A 554 31.22 7.88 -0.86
N LEU A 555 32.54 7.88 -0.69
CA LEU A 555 33.40 9.09 -0.77
C LEU A 555 33.63 9.48 -2.23
N VAL A 556 33.69 8.50 -3.14
CA VAL A 556 33.75 8.73 -4.61
C VAL A 556 32.41 9.36 -5.06
N ASN A 557 31.30 8.83 -4.54
CA ASN A 557 29.93 9.35 -4.77
C ASN A 557 29.83 10.81 -4.29
N LEU A 558 30.19 11.05 -3.04
CA LEU A 558 30.16 12.40 -2.39
C LEU A 558 31.11 13.36 -3.11
N ALA A 559 32.20 12.84 -3.71
CA ALA A 559 33.16 13.60 -4.54
C ALA A 559 32.48 13.99 -5.87
N GLU A 560 31.71 13.05 -6.46
CA GLU A 560 30.90 13.29 -7.68
C GLU A 560 29.81 14.34 -7.38
N ARG A 561 29.07 14.13 -6.29
CA ARG A 561 27.96 15.00 -5.84
C ARG A 561 28.48 16.42 -5.55
N ALA A 562 29.58 16.51 -4.77
CA ALA A 562 30.20 17.80 -4.35
C ALA A 562 30.60 18.62 -5.60
N TYR A 563 31.11 17.96 -6.64
CA TYR A 563 31.56 18.61 -7.91
C TYR A 563 30.35 18.95 -8.78
N THR A 564 29.44 17.98 -8.97
CA THR A 564 28.23 18.09 -9.83
C THR A 564 27.28 19.17 -9.28
N LEU A 565 27.04 19.16 -7.96
CA LEU A 565 26.05 20.05 -7.28
C LEU A 565 26.73 21.30 -6.72
N ASN A 566 28.05 21.42 -6.89
CA ASN A 566 28.86 22.61 -6.51
C ASN A 566 28.76 22.82 -5.00
N TYR A 567 29.32 21.88 -4.22
CA TYR A 567 29.48 21.97 -2.75
C TYR A 567 30.89 22.45 -2.41
N THR A 568 31.11 22.90 -1.17
CA THR A 568 32.44 23.34 -0.65
C THR A 568 32.76 22.57 0.63
N SER A 569 34.03 22.60 1.06
CA SER A 569 34.56 21.91 2.26
C SER A 569 34.37 22.81 3.49
N PRO A 570 33.59 22.37 4.51
CA PRO A 570 33.43 23.15 5.74
C PRO A 570 34.62 22.98 6.70
N THR A 571 35.10 24.10 7.27
CA THR A 571 36.20 24.14 8.27
C THR A 571 35.60 24.21 9.67
N PHE A 572 36.34 23.73 10.68
CA PHE A 572 35.87 23.58 12.09
C PHE A 572 36.65 24.53 13.01
N ILE A 573 35.96 25.10 13.99
CA ILE A 573 36.54 25.90 15.13
C ILE A 573 36.28 25.12 16.43
N ASP A 574 37.02 25.43 17.49
CA ASP A 574 37.01 24.67 18.78
C ASP A 574 35.77 25.04 19.60
N LYS A 575 35.20 26.23 19.38
CA LYS A 575 34.13 26.85 20.19
C LYS A 575 32.88 27.00 19.32
N PRO A 576 31.68 27.19 19.93
CA PRO A 576 30.43 27.16 19.18
C PRO A 576 30.28 28.30 18.15
N GLY A 577 29.71 27.99 16.99
CA GLY A 577 29.38 29.00 15.95
C GLY A 577 29.21 28.39 14.57
N ILE A 578 28.43 29.07 13.72
CA ILE A 578 28.16 28.65 12.30
C ILE A 578 28.24 29.92 11.43
N ARG A 579 29.20 29.98 10.50
CA ARG A 579 29.36 31.05 9.49
C ARG A 579 29.17 30.47 8.09
N ILE A 580 27.92 30.45 7.60
CA ILE A 580 27.59 29.96 6.21
C ILE A 580 27.59 31.15 5.23
N THR A 581 28.06 30.95 4.00
CA THR A 581 28.04 31.93 2.88
C THR A 581 27.39 31.28 1.65
N GLU A 582 26.17 31.71 1.33
CA GLU A 582 25.35 31.22 0.18
C GLU A 582 25.01 29.73 0.38
N GLY A 583 24.45 29.42 1.56
CA GLY A 583 24.01 28.05 1.91
C GLY A 583 22.65 27.75 1.28
N ARG A 584 22.49 26.51 0.75
CA ARG A 584 21.26 26.03 0.09
C ARG A 584 20.74 24.74 0.76
N HIS A 585 19.46 24.44 0.56
CA HIS A 585 18.83 23.14 0.96
C HIS A 585 19.25 22.10 -0.09
N PRO A 586 20.02 21.06 0.28
CA PRO A 586 20.59 20.13 -0.70
C PRO A 586 19.53 19.34 -1.48
N VAL A 587 18.36 19.07 -0.86
CA VAL A 587 17.25 18.28 -1.50
C VAL A 587 16.42 19.22 -2.41
N VAL A 588 15.88 20.28 -1.81
CA VAL A 588 14.84 21.18 -2.42
C VAL A 588 15.38 21.79 -3.72
N GLU A 589 16.66 22.15 -3.77
CA GLU A 589 17.30 22.82 -4.93
C GLU A 589 17.37 21.87 -6.14
N GLN A 590 17.41 20.56 -5.89
CA GLN A 590 17.54 19.50 -6.93
C GLN A 590 16.15 19.06 -7.40
N VAL A 591 15.16 18.99 -6.49
CA VAL A 591 13.78 18.48 -6.75
C VAL A 591 12.96 19.52 -7.51
N LEU A 592 13.06 20.79 -7.11
CA LEU A 592 12.38 21.95 -7.76
C LEU A 592 13.31 22.48 -8.86
N ASN A 593 12.88 22.35 -10.13
CA ASN A 593 13.75 22.49 -11.33
C ASN A 593 13.81 23.95 -11.77
N GLU A 594 14.40 24.80 -10.92
CA GLU A 594 14.82 26.18 -11.21
C GLU A 594 15.57 26.72 -9.98
N PRO A 595 16.50 27.67 -10.15
CA PRO A 595 17.52 27.93 -9.12
C PRO A 595 16.91 28.27 -7.75
N PHE A 596 17.33 27.53 -6.71
CA PHE A 596 16.99 27.81 -5.29
C PHE A 596 17.73 29.08 -4.88
N ILE A 597 17.14 29.87 -3.96
CA ILE A 597 17.73 31.15 -3.47
C ILE A 597 18.63 30.84 -2.27
N ALA A 598 19.96 30.96 -2.46
CA ALA A 598 20.99 30.71 -1.41
C ALA A 598 20.95 31.87 -0.40
N ASN A 599 21.35 31.59 0.86
CA ASN A 599 21.33 32.56 2.00
C ASN A 599 22.51 32.31 2.93
N PRO A 600 23.05 33.38 3.57
CA PRO A 600 24.11 33.23 4.57
C PRO A 600 23.58 32.90 5.96
N LEU A 601 24.46 32.64 6.91
CA LEU A 601 24.14 32.50 8.36
C LEU A 601 25.37 32.95 9.17
N ASN A 602 25.11 33.62 10.30
CA ASN A 602 26.18 34.10 11.24
C ASN A 602 25.71 33.86 12.68
N LEU A 603 25.99 32.65 13.21
CA LEU A 603 25.72 32.27 14.62
C LEU A 603 27.05 32.19 15.37
N SER A 604 27.08 32.79 16.59
CA SER A 604 28.23 32.87 17.52
C SER A 604 27.72 33.08 18.94
N PRO A 605 28.56 32.97 20.00
CA PRO A 605 28.12 33.26 21.36
C PRO A 605 27.63 34.70 21.56
N GLN A 606 28.07 35.64 20.70
CA GLN A 606 27.66 37.07 20.71
C GLN A 606 26.44 37.30 19.81
N ARG A 607 25.98 36.25 19.11
CA ARG A 607 24.91 36.29 18.08
C ARG A 607 24.32 34.89 17.95
N ARG A 608 23.83 34.29 19.03
CA ARG A 608 23.54 32.85 19.21
C ARG A 608 22.07 32.60 18.86
N MET A 609 21.16 33.52 19.09
CA MET A 609 19.71 33.38 18.73
C MET A 609 19.39 34.34 17.59
N LEU A 610 18.71 33.88 16.55
CA LEU A 610 18.13 34.70 15.45
C LEU A 610 16.61 34.56 15.48
N ILE A 611 15.90 35.67 15.70
CA ILE A 611 14.41 35.79 15.66
C ILE A 611 14.04 36.00 14.19
N ILE A 612 13.59 34.98 13.48
CA ILE A 612 13.29 34.92 12.03
C ILE A 612 11.80 35.24 11.84
N THR A 613 11.51 36.40 11.22
CA THR A 613 10.15 36.84 10.81
C THR A 613 10.05 36.73 9.29
N GLY A 614 8.91 37.14 8.73
CA GLY A 614 8.55 37.02 7.29
C GLY A 614 7.37 36.08 7.12
N PRO A 615 6.79 35.94 5.90
CA PRO A 615 5.53 35.23 5.70
C PRO A 615 5.73 33.70 5.65
N ASN A 616 4.68 32.95 5.98
CA ASN A 616 4.61 31.47 5.83
C ASN A 616 4.57 31.12 4.34
N MET A 617 5.13 29.97 3.97
CA MET A 617 5.44 29.54 2.57
C MET A 617 6.53 30.45 2.00
N GLY A 618 7.36 31.07 2.86
CA GLY A 618 8.49 31.91 2.45
C GLY A 618 9.80 31.14 2.49
N GLY A 619 9.77 29.85 2.83
CA GLY A 619 10.96 29.01 3.06
C GLY A 619 11.63 29.34 4.38
N LYS A 620 10.85 29.76 5.38
CA LYS A 620 11.29 30.03 6.78
C LYS A 620 11.72 28.69 7.40
N SER A 621 10.85 27.68 7.31
CA SER A 621 11.07 26.30 7.81
C SER A 621 12.25 25.64 7.08
N THR A 622 12.35 25.86 5.78
CA THR A 622 13.38 25.31 4.86
C THR A 622 14.76 25.81 5.28
N TYR A 623 14.88 27.10 5.56
CA TYR A 623 16.14 27.82 5.95
C TYR A 623 16.72 27.21 7.23
N MET A 624 15.88 26.89 8.21
CA MET A 624 16.28 26.27 9.49
C MET A 624 16.66 24.79 9.26
N ARG A 625 15.89 24.08 8.40
CA ARG A 625 16.16 22.69 8.03
C ARG A 625 17.54 22.55 7.32
N GLN A 626 17.80 23.45 6.35
CA GLN A 626 19.02 23.44 5.51
C GLN A 626 20.24 23.61 6.41
N THR A 627 20.10 24.41 7.50
CA THR A 627 21.18 24.64 8.49
C THR A 627 21.53 23.32 9.18
N ALA A 628 20.52 22.59 9.68
CA ALA A 628 20.67 21.29 10.36
C ALA A 628 21.26 20.26 9.38
N LEU A 629 20.77 20.26 8.14
CA LEU A 629 21.28 19.38 7.04
C LEU A 629 22.73 19.73 6.71
N ILE A 630 23.06 21.03 6.67
CA ILE A 630 24.45 21.54 6.43
C ILE A 630 25.34 21.08 7.57
N ALA A 631 24.84 21.20 8.82
CA ALA A 631 25.53 20.74 10.06
C ALA A 631 25.68 19.22 10.02
N LEU A 632 24.63 18.50 9.59
CA LEU A 632 24.64 17.02 9.39
C LEU A 632 25.77 16.64 8.42
N MET A 633 25.76 17.25 7.24
CA MET A 633 26.69 16.91 6.11
C MET A 633 28.12 17.36 6.46
N ALA A 634 28.29 18.40 7.28
CA ALA A 634 29.59 18.89 7.75
C ALA A 634 30.22 17.84 8.69
N TYR A 635 29.40 17.18 9.50
CA TYR A 635 29.80 16.19 10.53
C TYR A 635 29.45 14.77 10.06
N ILE A 636 29.38 14.54 8.75
CA ILE A 636 29.57 13.19 8.13
C ILE A 636 30.89 13.17 7.34
N GLY A 637 31.58 14.31 7.27
CA GLY A 637 32.86 14.45 6.55
C GLY A 637 32.67 14.76 5.07
N SER A 638 31.50 15.29 4.73
CA SER A 638 31.08 15.57 3.32
C SER A 638 31.17 17.08 3.05
N TYR A 639 31.27 17.45 1.77
CA TYR A 639 31.19 18.84 1.28
C TYR A 639 29.73 19.28 1.37
N VAL A 640 29.48 20.59 1.49
CA VAL A 640 28.17 21.19 1.88
C VAL A 640 27.69 22.14 0.79
N PRO A 641 26.36 22.21 0.54
CA PRO A 641 25.80 23.12 -0.47
C PRO A 641 25.93 24.59 -0.01
N ALA A 642 27.10 25.17 -0.20
CA ALA A 642 27.44 26.57 0.17
C ALA A 642 28.72 27.00 -0.59
N GLN A 643 29.04 28.29 -0.51
CA GLN A 643 30.28 28.90 -1.06
C GLN A 643 31.38 28.89 0.00
N LYS A 644 31.00 28.88 1.29
CA LYS A 644 31.91 28.81 2.46
C LYS A 644 31.10 28.50 3.73
N VAL A 645 31.64 27.67 4.62
CA VAL A 645 31.07 27.33 5.96
C VAL A 645 32.20 27.21 6.98
N GLU A 646 32.10 27.94 8.09
CA GLU A 646 32.89 27.70 9.33
C GLU A 646 31.90 27.30 10.44
N ILE A 647 32.11 26.13 11.04
CA ILE A 647 31.15 25.50 12.00
C ILE A 647 31.92 25.02 13.25
N GLY A 648 31.33 25.26 14.44
CA GLY A 648 31.89 24.80 15.73
C GLY A 648 31.28 23.47 16.16
N PRO A 649 31.73 22.88 17.29
CA PRO A 649 31.21 21.59 17.75
C PRO A 649 29.71 21.65 18.09
N ILE A 650 28.95 20.63 17.63
CA ILE A 650 27.49 20.47 17.90
C ILE A 650 27.27 19.10 18.52
N ASP A 651 26.76 19.07 19.76
CA ASP A 651 26.52 17.82 20.54
C ASP A 651 25.16 17.21 20.19
N ARG A 652 24.14 18.05 19.99
CA ARG A 652 22.75 17.62 19.67
C ARG A 652 22.14 18.61 18.67
N ILE A 653 21.16 18.14 17.87
CA ILE A 653 20.23 19.00 17.08
C ILE A 653 18.81 18.75 17.56
N PHE A 654 18.18 19.76 18.16
CA PHE A 654 16.78 19.72 18.66
C PHE A 654 15.92 20.60 17.74
N THR A 655 14.86 19.98 17.14
CA THR A 655 13.91 20.65 16.22
C THR A 655 12.48 20.46 16.71
N ARG A 656 11.73 21.56 16.81
CA ARG A 656 10.28 21.57 17.14
C ARG A 656 9.53 22.32 16.03
N VAL A 657 8.60 21.62 15.37
CA VAL A 657 7.82 22.10 14.19
C VAL A 657 6.36 22.29 14.61
N GLY A 658 5.83 23.52 14.51
CA GLY A 658 4.45 23.88 14.88
C GLY A 658 3.82 24.87 13.91
N PHE A 670 0.21 22.10 20.78
CA PHE A 670 -0.65 21.27 21.67
C PHE A 670 0.25 20.51 22.67
N MET A 671 -0.31 19.48 23.34
CA MET A 671 0.43 18.68 24.35
C MET A 671 1.81 18.34 23.80
N VAL A 672 1.91 17.63 22.67
CA VAL A 672 3.16 17.06 22.10
C VAL A 672 4.18 18.20 22.00
N GLU A 673 3.69 19.37 21.58
CA GLU A 673 4.53 20.56 21.36
C GLU A 673 5.26 20.87 22.67
N MET A 674 4.58 21.18 23.75
CA MET A 674 5.08 21.63 25.07
C MET A 674 6.01 20.54 25.63
N THR A 675 5.69 19.25 25.34
CA THR A 675 6.48 18.06 25.75
C THR A 675 7.85 18.06 25.07
N GLU A 676 7.86 18.24 23.75
CA GLU A 676 9.08 18.24 22.88
C GLU A 676 9.93 19.44 23.29
N THR A 677 9.30 20.62 23.45
CA THR A 677 9.94 21.88 23.92
C THR A 677 10.61 21.68 25.28
N ALA A 678 9.92 21.08 26.26
CA ALA A 678 10.40 20.82 27.64
C ALA A 678 11.67 19.97 27.57
N ASN A 679 11.66 18.92 26.74
CA ASN A 679 12.79 17.98 26.51
C ASN A 679 13.99 18.76 25.98
N ILE A 680 13.75 19.73 25.08
CA ILE A 680 14.79 20.59 24.46
C ILE A 680 15.47 21.42 25.56
N LEU A 681 14.67 22.17 26.30
CA LEU A 681 15.12 23.16 27.32
C LEU A 681 15.90 22.46 28.45
N HIS A 682 15.50 21.22 28.81
CA HIS A 682 16.10 20.43 29.91
C HIS A 682 17.50 19.94 29.52
N ASN A 683 17.67 19.42 28.30
CA ASN A 683 18.82 18.60 27.86
C ASN A 683 19.71 19.33 26.83
N ALA A 684 19.33 20.56 26.41
CA ALA A 684 20.13 21.39 25.48
C ALA A 684 21.32 22.04 26.23
N THR A 685 22.43 22.22 25.54
CA THR A 685 23.69 22.84 26.03
C THR A 685 24.07 24.00 25.09
N GLU A 686 25.18 24.69 25.37
CA GLU A 686 25.71 25.79 24.52
C GLU A 686 26.06 25.25 23.14
N TYR A 687 26.43 23.96 23.06
CA TYR A 687 26.92 23.26 21.85
C TYR A 687 25.74 22.75 21.00
N SER A 688 24.54 22.68 21.58
CA SER A 688 23.30 22.21 20.92
C SER A 688 22.82 23.20 19.85
N LEU A 689 22.31 22.68 18.73
CA LEU A 689 21.59 23.46 17.69
C LEU A 689 20.07 23.27 17.88
N VAL A 690 19.34 24.37 18.07
CA VAL A 690 17.86 24.37 18.28
C VAL A 690 17.17 25.07 17.10
N LEU A 691 16.15 24.44 16.51
CA LEU A 691 15.30 25.04 15.44
C LEU A 691 13.85 25.05 15.92
N MET A 692 13.35 26.18 16.40
CA MET A 692 11.95 26.42 16.81
C MET A 692 11.17 27.02 15.63
N ASP A 693 10.10 26.34 15.20
CA ASP A 693 9.28 26.72 14.02
C ASP A 693 7.91 27.18 14.49
N GLU A 694 7.75 28.51 14.72
CA GLU A 694 6.49 29.17 15.19
C GLU A 694 5.79 28.23 16.17
N ILE A 695 6.55 27.65 17.10
CA ILE A 695 5.95 26.65 18.02
C ILE A 695 4.91 27.43 18.82
N GLY A 696 3.66 26.94 18.92
CA GLY A 696 2.63 27.62 19.74
C GLY A 696 1.19 27.35 19.34
N ARG A 697 0.32 27.02 20.30
CA ARG A 697 -1.13 26.85 20.06
C ARG A 697 -1.84 27.49 21.27
N GLY A 698 -1.66 28.80 21.50
CA GLY A 698 -2.20 29.47 22.70
C GLY A 698 -3.70 29.32 22.84
N THR A 699 -4.20 29.03 24.05
CA THR A 699 -5.66 28.83 24.32
C THR A 699 -6.30 30.15 24.77
N SER A 700 -5.58 31.27 24.74
CA SER A 700 -6.05 32.63 25.13
C SER A 700 -5.38 33.68 24.23
N THR A 701 -5.43 34.97 24.65
CA THR A 701 -4.91 36.08 23.80
C THR A 701 -3.43 35.92 23.46
N TYR A 702 -2.53 35.85 24.45
CA TYR A 702 -1.05 35.82 24.23
C TYR A 702 -0.51 34.55 24.89
N ASP A 703 -1.37 33.58 25.18
CA ASP A 703 -0.96 32.37 25.92
C ASP A 703 0.20 31.72 25.16
N GLY A 704 0.12 31.63 23.83
CA GLY A 704 1.16 31.05 22.97
C GLY A 704 2.39 31.91 22.90
N LEU A 705 2.20 33.22 22.63
CA LEU A 705 3.28 34.25 22.53
C LEU A 705 4.08 34.29 23.84
N SER A 706 3.40 34.42 24.98
CA SER A 706 3.98 34.55 26.34
C SER A 706 4.97 33.42 26.62
N LEU A 707 4.63 32.19 26.20
CA LEU A 707 5.44 30.96 26.36
C LEU A 707 6.66 31.04 25.44
N ALA A 708 6.48 31.56 24.21
CA ALA A 708 7.57 31.71 23.22
C ALA A 708 8.50 32.85 23.64
N TRP A 709 8.02 33.87 24.37
CA TRP A 709 8.89 34.94 24.93
C TRP A 709 9.76 34.34 26.04
N ALA A 710 9.20 33.47 26.88
CA ALA A 710 9.90 32.87 28.06
C ALA A 710 10.83 31.74 27.60
N VAL A 711 10.47 30.97 26.58
CA VAL A 711 11.30 29.90 25.97
C VAL A 711 12.50 30.51 25.24
N ALA A 712 12.26 31.57 24.42
CA ALA A 712 13.33 32.29 23.69
C ALA A 712 14.32 32.95 24.68
N GLU A 713 13.82 33.53 25.77
CA GLU A 713 14.62 34.15 26.85
C GLU A 713 15.51 33.12 27.55
N ASN A 714 14.93 31.97 27.92
CA ASN A 714 15.57 30.83 28.58
C ASN A 714 16.72 30.31 27.69
N LEU A 715 16.41 30.01 26.42
CA LEU A 715 17.38 29.44 25.44
C LEU A 715 18.54 30.44 25.24
N ALA A 716 18.23 31.73 25.12
CA ALA A 716 19.20 32.82 24.86
C ALA A 716 20.11 33.04 26.08
N ASN A 717 19.50 33.25 27.27
CA ASN A 717 20.18 33.77 28.47
C ASN A 717 20.66 32.64 29.38
N LYS A 718 19.90 31.55 29.52
CA LYS A 718 20.21 30.43 30.45
C LYS A 718 21.03 29.34 29.72
N ILE A 719 20.48 28.74 28.67
CA ILE A 719 21.11 27.59 27.93
C ILE A 719 22.23 28.16 27.06
N LYS A 720 21.93 29.25 26.31
CA LYS A 720 22.88 29.93 25.39
C LYS A 720 23.25 28.98 24.25
N ALA A 721 22.31 28.15 23.78
CA ALA A 721 22.46 27.25 22.61
C ALA A 721 22.30 28.08 21.33
N LEU A 722 22.97 27.66 20.25
CA LEU A 722 22.81 28.25 18.88
C LEU A 722 21.39 27.94 18.39
N THR A 723 20.54 28.96 18.27
CA THR A 723 19.08 28.82 17.99
C THR A 723 18.71 29.62 16.73
N LEU A 724 17.80 29.07 15.93
CA LEU A 724 17.10 29.77 14.83
C LEU A 724 15.60 29.76 15.17
N PHE A 725 15.12 30.85 15.80
CA PHE A 725 13.78 30.96 16.40
C PHE A 725 12.80 31.62 15.43
N ALA A 726 12.21 30.83 14.55
CA ALA A 726 11.19 31.28 13.54
C ALA A 726 9.86 31.48 14.27
N THR A 727 9.25 32.67 14.07
CA THR A 727 7.99 33.10 14.75
C THR A 727 7.21 34.08 13.87
N HIS A 728 5.88 33.97 13.91
CA HIS A 728 4.89 34.84 13.23
C HIS A 728 4.54 36.03 14.15
N TYR A 729 4.57 35.81 15.45
CA TYR A 729 4.45 36.84 16.53
C TYR A 729 5.49 37.93 16.27
N PHE A 730 5.03 39.16 16.09
CA PHE A 730 5.84 40.38 15.76
C PHE A 730 6.38 41.02 17.05
N GLU A 731 5.81 40.66 18.22
CA GLU A 731 6.18 41.21 19.54
C GLU A 731 7.57 40.68 19.95
N LEU A 732 7.94 39.46 19.50
CA LEU A 732 9.23 38.81 19.80
C LEU A 732 10.41 39.59 19.18
N THR A 733 10.14 40.48 18.23
CA THR A 733 11.17 41.33 17.57
C THR A 733 11.68 42.42 18.53
N GLN A 734 11.12 42.49 19.73
CA GLN A 734 11.53 43.39 20.83
C GLN A 734 12.42 42.65 21.84
N LEU A 735 12.74 41.37 21.60
CA LEU A 735 13.68 40.59 22.44
C LEU A 735 15.10 41.16 22.31
N PRO A 736 15.58 41.45 21.08
CA PRO A 736 16.91 42.05 20.90
C PRO A 736 17.08 43.39 21.64
N GLU A 737 15.99 44.15 21.83
CA GLU A 737 16.00 45.40 22.65
C GLU A 737 16.54 45.15 24.07
N LYS A 738 16.04 44.12 24.76
CA LYS A 738 16.27 43.86 26.21
C LYS A 738 17.29 42.75 26.45
N MET A 739 17.37 41.79 25.51
CA MET A 739 18.27 40.61 25.64
C MET A 739 19.53 40.72 24.76
N GLU A 740 20.69 40.34 25.33
CA GLU A 740 22.01 40.36 24.65
C GLU A 740 22.21 39.01 23.95
N GLY A 741 22.88 39.02 22.78
CA GLY A 741 23.16 37.82 21.97
C GLY A 741 21.94 37.37 21.18
N VAL A 742 20.95 38.27 21.02
CA VAL A 742 19.67 38.05 20.27
C VAL A 742 19.57 39.13 19.19
N ALA A 743 19.21 38.72 17.96
CA ALA A 743 19.16 39.59 16.76
C ALA A 743 17.94 39.24 15.92
N ASN A 744 17.43 40.21 15.15
CA ASN A 744 16.27 40.05 14.23
C ASN A 744 16.79 39.87 12.82
N VAL A 745 16.32 38.83 12.12
CA VAL A 745 16.47 38.62 10.66
C VAL A 745 15.05 38.32 10.14
N HIS A 746 14.88 38.37 8.80
CA HIS A 746 13.58 38.15 8.13
C HIS A 746 13.77 37.77 6.66
N LEU A 747 12.84 36.97 6.12
CA LEU A 747 12.77 36.67 4.67
C LEU A 747 11.89 37.70 3.94
N ASP A 748 12.50 38.53 3.12
CA ASP A 748 11.83 39.66 2.39
C ASP A 748 10.66 39.17 1.53
N ALA A 749 9.57 39.94 1.50
CA ALA A 749 8.41 39.72 0.60
C ALA A 749 8.01 41.03 -0.07
N LEU A 750 7.71 40.98 -1.37
CA LEU A 750 7.40 42.17 -2.22
C LEU A 750 5.93 42.18 -2.62
N GLU A 751 5.16 43.13 -2.10
CA GLU A 751 3.74 43.41 -2.45
C GLU A 751 3.70 44.21 -3.77
N HIS A 752 2.84 43.76 -4.69
CA HIS A 752 2.54 44.42 -6.00
C HIS A 752 1.08 44.16 -6.42
N GLY A 753 0.15 44.84 -5.75
CA GLY A 753 -1.31 44.75 -5.94
C GLY A 753 -1.90 43.64 -5.08
N ASP A 754 -2.84 42.88 -5.65
CA ASP A 754 -3.52 41.73 -5.00
C ASP A 754 -2.73 40.44 -5.28
N THR A 755 -1.46 40.43 -4.95
CA THR A 755 -0.55 39.24 -5.01
C THR A 755 0.70 39.54 -4.17
N ILE A 756 1.57 38.56 -3.96
CA ILE A 756 2.82 38.72 -3.15
C ILE A 756 3.86 37.72 -3.63
N ALA A 757 5.09 38.19 -3.86
CA ALA A 757 6.27 37.39 -4.30
C ALA A 757 7.20 37.22 -3.09
N PHE A 758 7.60 35.98 -2.82
CA PHE A 758 8.51 35.51 -1.76
C PHE A 758 9.94 35.49 -2.31
N MET A 759 10.79 36.38 -1.81
CA MET A 759 12.22 36.49 -2.22
C MET A 759 13.03 35.26 -1.80
N HIS A 760 12.68 34.65 -0.66
CA HIS A 760 13.43 33.53 -0.03
C HIS A 760 14.86 33.98 0.31
N SER A 761 15.02 35.29 0.60
CA SER A 761 16.32 35.95 0.86
C SER A 761 16.29 36.51 2.29
N VAL A 762 17.26 36.09 3.12
CA VAL A 762 17.35 36.50 4.55
C VAL A 762 18.02 37.87 4.59
N GLN A 763 17.41 38.81 5.34
CA GLN A 763 17.90 40.21 5.51
C GLN A 763 18.06 40.51 7.01
N ASP A 764 18.88 41.50 7.36
CA ASP A 764 19.10 41.90 8.78
C ASP A 764 17.89 42.72 9.24
N GLY A 765 17.58 42.68 10.55
CA GLY A 765 16.44 43.39 11.14
C GLY A 765 15.14 42.59 10.99
N ALA A 766 14.02 43.16 11.45
CA ALA A 766 12.68 42.54 11.36
C ALA A 766 11.97 43.04 10.07
N ALA A 767 11.07 42.24 9.51
CA ALA A 767 10.27 42.55 8.30
C ALA A 767 9.44 43.82 8.53
N SER A 768 9.41 44.72 7.55
CA SER A 768 8.81 46.08 7.66
C SER A 768 7.36 45.98 8.19
N LYS A 769 6.61 44.97 7.71
CA LYS A 769 5.22 44.67 8.11
C LYS A 769 4.99 43.15 8.14
N SER A 770 3.82 42.71 8.61
CA SER A 770 3.25 41.35 8.45
C SER A 770 2.26 41.36 7.27
N TYR A 771 2.05 40.20 6.65
CA TYR A 771 1.35 40.03 5.33
C TYR A 771 0.19 39.04 5.45
N GLY A 772 -0.58 39.13 6.54
CA GLY A 772 -1.90 38.46 6.66
C GLY A 772 -2.89 39.08 5.68
N LEU A 773 -2.79 40.41 5.51
CA LEU A 773 -3.61 41.23 4.60
C LEU A 773 -3.34 40.80 3.15
N ALA A 774 -2.07 40.72 2.76
CA ALA A 774 -1.57 40.40 1.41
C ALA A 774 -2.08 39.02 0.98
N VAL A 775 -1.96 38.02 1.87
CA VAL A 775 -2.42 36.61 1.64
C VAL A 775 -3.93 36.59 1.44
N ALA A 776 -4.68 37.35 2.24
CA ALA A 776 -6.16 37.49 2.17
C ALA A 776 -6.58 38.17 0.87
N ALA A 777 -5.79 39.16 0.42
CA ALA A 777 -6.00 39.90 -0.84
C ALA A 777 -5.76 38.96 -2.04
N LEU A 778 -4.90 37.96 -1.90
CA LEU A 778 -4.59 36.94 -2.95
C LEU A 778 -5.68 35.86 -2.96
N ALA A 779 -6.31 35.59 -1.79
CA ALA A 779 -7.47 34.70 -1.64
C ALA A 779 -8.66 35.29 -2.40
N GLY A 780 -8.63 36.60 -2.68
CA GLY A 780 -9.61 37.29 -3.57
C GLY A 780 -10.75 37.91 -2.76
N VAL A 781 -10.43 38.37 -1.53
CA VAL A 781 -11.42 38.75 -0.47
C VAL A 781 -12.06 40.07 -0.86
N PRO A 782 -13.41 40.22 -0.70
CA PRO A 782 -14.10 41.51 -0.88
C PRO A 782 -13.37 42.72 -0.30
N LYS A 783 -13.39 43.84 -1.02
CA LYS A 783 -12.53 45.04 -0.79
C LYS A 783 -12.91 45.75 0.51
N GLU A 784 -14.19 45.79 0.87
CA GLU A 784 -14.71 46.43 2.11
C GLU A 784 -14.14 45.70 3.34
N VAL A 785 -14.08 44.36 3.26
CA VAL A 785 -13.51 43.45 4.30
C VAL A 785 -12.00 43.70 4.39
N ILE A 786 -11.32 43.81 3.26
CA ILE A 786 -9.85 44.11 3.16
C ILE A 786 -9.58 45.49 3.78
N LYS A 787 -10.37 46.49 3.40
CA LYS A 787 -10.20 47.89 3.87
C LYS A 787 -10.53 47.97 5.36
N ARG A 788 -11.43 47.11 5.85
CA ARG A 788 -11.79 46.96 7.29
C ARG A 788 -10.59 46.39 8.06
N ALA A 789 -9.91 45.37 7.48
CA ALA A 789 -8.75 44.68 8.06
C ALA A 789 -7.56 45.64 8.13
N ARG A 790 -7.41 46.53 7.11
CA ARG A 790 -6.32 47.54 7.09
C ARG A 790 -6.58 48.64 8.15
N GLN A 791 -7.86 49.04 8.28
CA GLN A 791 -8.33 50.01 9.30
C GLN A 791 -8.04 49.45 10.70
N LYS A 792 -8.53 48.25 10.99
CA LYS A 792 -8.51 47.57 12.32
C LYS A 792 -7.08 47.17 12.70
N LEU A 793 -6.20 46.92 11.72
CA LEU A 793 -4.76 46.61 11.99
C LEU A 793 -4.10 47.86 12.59
N ARG A 794 -4.35 49.04 12.02
CA ARG A 794 -3.71 50.33 12.36
C ARG A 794 -4.19 50.76 13.76
N GLU A 795 -5.44 50.43 14.13
CA GLU A 795 -6.00 50.63 15.49
C GLU A 795 -5.19 49.85 16.54
N LEU A 796 -4.90 48.58 16.25
CA LEU A 796 -4.22 47.64 17.20
C LEU A 796 -2.70 47.83 17.17
N GLU A 797 -2.11 48.11 16.00
CA GLU A 797 -0.67 48.43 15.82
C GLU A 797 -0.29 49.69 16.60
N SER A 798 -1.26 50.58 16.86
CA SER A 798 -1.09 51.88 17.57
C SER A 798 -0.85 51.66 19.07
N ILE A 799 -1.20 50.50 19.59
CA ILE A 799 -1.18 50.17 21.06
C ILE A 799 0.28 50.16 21.54
N SER A 800 1.21 49.69 20.71
CA SER A 800 2.68 49.68 20.94
C SER A 800 3.33 50.81 20.12
N SER B 2 16.48 -0.80 -36.78
CA SER B 2 15.18 -1.44 -36.41
C SER B 2 14.58 -2.19 -37.61
N ALA B 3 14.09 -3.43 -37.38
CA ALA B 3 13.47 -4.31 -38.40
C ALA B 3 12.05 -3.81 -38.73
N ILE B 4 11.63 -4.00 -40.00
CA ILE B 4 10.40 -3.37 -40.56
C ILE B 4 9.22 -4.25 -40.13
N GLU B 5 8.25 -3.66 -39.39
CA GLU B 5 6.95 -4.28 -39.00
C GLU B 5 5.80 -3.60 -39.75
N ASN B 6 5.87 -3.60 -41.09
CA ASN B 6 4.79 -3.14 -42.01
C ASN B 6 3.67 -4.19 -41.97
N PHE B 7 2.45 -3.80 -42.36
CA PHE B 7 1.20 -4.61 -42.30
C PHE B 7 1.36 -5.92 -43.10
N ASP B 8 1.97 -5.86 -44.31
CA ASP B 8 2.03 -6.97 -45.30
C ASP B 8 2.93 -8.12 -44.82
N ALA B 9 4.06 -7.79 -44.16
CA ALA B 9 5.12 -8.74 -43.72
C ALA B 9 4.60 -9.67 -42.61
N HIS B 10 3.67 -9.19 -41.77
CA HIS B 10 3.11 -9.94 -40.61
C HIS B 10 2.20 -11.07 -41.11
N THR B 11 1.89 -12.01 -40.21
CA THR B 11 1.02 -13.19 -40.49
C THR B 11 -0.44 -12.73 -40.49
N PRO B 12 -1.36 -13.45 -41.20
CA PRO B 12 -2.77 -13.09 -41.25
C PRO B 12 -3.43 -12.92 -39.86
N MET B 13 -3.04 -13.77 -38.91
CA MET B 13 -3.49 -13.73 -37.50
C MET B 13 -3.06 -12.42 -36.84
N MET B 14 -1.78 -12.05 -37.01
CA MET B 14 -1.19 -10.80 -36.46
C MET B 14 -1.79 -9.57 -37.18
N GLN B 15 -2.13 -9.71 -38.46
CA GLN B 15 -2.84 -8.67 -39.26
C GLN B 15 -4.24 -8.45 -38.67
N GLN B 16 -4.95 -9.53 -38.30
CA GLN B 16 -6.29 -9.50 -37.65
C GLN B 16 -6.22 -8.77 -36.30
N TYR B 17 -5.13 -8.95 -35.56
CA TYR B 17 -4.84 -8.22 -34.29
C TYR B 17 -4.70 -6.72 -34.58
N LEU B 18 -3.82 -6.36 -35.52
CA LEU B 18 -3.56 -4.96 -35.97
C LEU B 18 -4.81 -4.32 -36.58
N ARG B 19 -5.74 -5.09 -37.16
CA ARG B 19 -7.10 -4.63 -37.57
C ARG B 19 -7.86 -4.09 -36.35
N LEU B 20 -8.09 -4.97 -35.37
CA LEU B 20 -9.00 -4.72 -34.22
C LEU B 20 -8.31 -3.77 -33.22
N LYS B 21 -6.98 -3.80 -33.15
CA LYS B 21 -6.15 -2.90 -32.30
C LYS B 21 -6.25 -1.46 -32.82
N ALA B 22 -6.49 -1.26 -34.11
CA ALA B 22 -6.61 0.07 -34.77
C ALA B 22 -7.89 0.79 -34.30
N GLN B 23 -8.92 0.02 -33.91
CA GLN B 23 -10.22 0.55 -33.42
C GLN B 23 -10.13 0.84 -31.91
N HIS B 24 -9.03 0.44 -31.25
CA HIS B 24 -8.71 0.71 -29.83
C HIS B 24 -7.23 1.05 -29.68
N PRO B 25 -6.73 2.17 -30.27
CA PRO B 25 -5.29 2.46 -30.31
C PRO B 25 -4.58 2.56 -28.95
N GLU B 26 -5.25 3.11 -27.93
CA GLU B 26 -4.60 3.61 -26.68
C GLU B 26 -4.86 2.68 -25.48
N ILE B 27 -5.79 1.73 -25.57
CA ILE B 27 -6.18 0.83 -24.43
C ILE B 27 -5.66 -0.59 -24.71
N LEU B 28 -5.40 -1.35 -23.64
CA LEU B 28 -4.87 -2.74 -23.68
C LEU B 28 -5.93 -3.67 -24.30
N LEU B 29 -5.55 -4.50 -25.26
CA LEU B 29 -6.46 -5.41 -26.01
C LEU B 29 -6.21 -6.85 -25.58
N PHE B 30 -7.08 -7.39 -24.71
CA PHE B 30 -7.12 -8.82 -24.30
C PHE B 30 -7.58 -9.66 -25.50
N TYR B 31 -6.61 -10.19 -26.25
CA TYR B 31 -6.83 -10.92 -27.52
C TYR B 31 -6.95 -12.41 -27.22
N ARG B 32 -8.15 -12.97 -27.39
CA ARG B 32 -8.43 -14.40 -27.09
C ARG B 32 -7.67 -15.26 -28.10
N MET B 33 -6.79 -16.13 -27.61
CA MET B 33 -5.87 -16.98 -28.40
C MET B 33 -5.82 -18.38 -27.78
N GLY B 34 -6.77 -19.25 -28.18
CA GLY B 34 -6.97 -20.59 -27.62
C GLY B 34 -7.67 -20.52 -26.28
N ASP B 35 -6.90 -20.65 -25.18
CA ASP B 35 -7.38 -20.56 -23.77
C ASP B 35 -6.68 -19.38 -23.07
N PHE B 36 -6.11 -18.44 -23.82
CA PHE B 36 -5.33 -17.28 -23.28
C PHE B 36 -5.77 -15.98 -23.94
N TYR B 37 -5.96 -14.94 -23.13
CA TYR B 37 -6.15 -13.54 -23.59
C TYR B 37 -4.77 -12.89 -23.77
N GLU B 38 -4.18 -13.06 -24.95
CA GLU B 38 -2.81 -12.60 -25.27
C GLU B 38 -2.82 -11.11 -25.59
N LEU B 39 -1.72 -10.41 -25.29
CA LEU B 39 -1.53 -9.00 -25.70
C LEU B 39 -0.23 -8.95 -26.50
N PHE B 40 0.05 -7.92 -27.31
CA PHE B 40 1.26 -7.92 -28.19
C PHE B 40 1.95 -6.55 -28.23
N TYR B 41 3.24 -6.52 -28.56
CA TYR B 41 4.01 -5.26 -28.71
C TYR B 41 3.94 -4.45 -27.40
N ASP B 42 3.56 -3.17 -27.44
CA ASP B 42 3.50 -2.29 -26.24
C ASP B 42 2.48 -2.84 -25.24
N ASP B 43 1.37 -3.42 -25.69
CA ASP B 43 0.29 -3.94 -24.80
C ASP B 43 0.83 -5.07 -23.93
N ALA B 44 1.72 -5.94 -24.45
CA ALA B 44 2.26 -7.10 -23.72
C ALA B 44 3.25 -6.69 -22.62
N LYS B 45 4.10 -5.69 -22.85
CA LYS B 45 5.16 -5.22 -21.91
C LYS B 45 4.54 -4.39 -20.77
N ARG B 46 3.52 -3.56 -21.08
CA ARG B 46 2.76 -2.80 -20.05
C ARG B 46 1.98 -3.76 -19.15
N ALA B 47 1.22 -4.68 -19.76
CA ALA B 47 0.42 -5.73 -19.06
C ALA B 47 1.35 -6.54 -18.14
N SER B 48 2.53 -6.91 -18.63
CA SER B 48 3.58 -7.65 -17.87
C SER B 48 3.96 -6.87 -16.61
N GLN B 49 4.06 -5.54 -16.71
CA GLN B 49 4.49 -4.63 -15.60
C GLN B 49 3.31 -4.35 -14.66
N LEU B 50 2.09 -4.24 -15.19
CA LEU B 50 0.85 -3.93 -14.42
C LEU B 50 0.37 -5.18 -13.67
N LEU B 51 0.35 -6.34 -14.35
CA LEU B 51 -0.24 -7.62 -13.84
C LEU B 51 0.79 -8.50 -13.10
N ASP B 52 2.08 -8.29 -13.34
CA ASP B 52 3.21 -9.12 -12.81
C ASP B 52 3.06 -10.55 -13.38
N ILE B 53 3.02 -10.65 -14.72
CA ILE B 53 2.89 -11.92 -15.50
C ILE B 53 4.13 -12.07 -16.39
N SER B 54 4.27 -13.25 -17.02
CA SER B 54 5.44 -13.64 -17.85
C SER B 54 5.41 -12.91 -19.20
N LEU B 55 6.42 -12.08 -19.48
CA LEU B 55 6.66 -11.42 -20.79
C LEU B 55 7.44 -12.40 -21.67
N THR B 56 6.73 -13.09 -22.57
CA THR B 56 7.27 -14.15 -23.49
C THR B 56 7.33 -13.56 -24.91
N LYS B 57 7.53 -14.38 -25.94
CA LYS B 57 7.73 -13.94 -27.35
C LYS B 57 7.15 -14.98 -28.33
N ARG B 58 6.79 -14.52 -29.54
CA ARG B 58 6.28 -15.32 -30.68
C ARG B 58 7.31 -15.25 -31.81
N GLY B 59 7.77 -16.43 -32.26
CA GLY B 59 8.66 -16.60 -33.43
C GLY B 59 7.95 -16.21 -34.71
N ALA B 60 8.40 -15.14 -35.37
CA ALA B 60 7.65 -14.41 -36.42
C ALA B 60 8.40 -14.47 -37.75
N SER B 61 7.69 -14.16 -38.83
CA SER B 61 8.26 -13.96 -40.20
C SER B 61 8.58 -12.48 -40.43
N ALA B 62 8.32 -11.61 -39.44
CA ALA B 62 8.35 -10.13 -39.58
C ALA B 62 9.37 -9.51 -38.62
N GLY B 63 10.63 -9.92 -38.74
CA GLY B 63 11.82 -9.20 -38.21
C GLY B 63 11.98 -9.38 -36.70
N GLU B 64 11.69 -8.31 -35.94
CA GLU B 64 11.65 -8.29 -34.45
C GLU B 64 10.67 -9.35 -33.93
N PRO B 65 11.11 -10.34 -33.11
CA PRO B 65 10.21 -11.32 -32.51
C PRO B 65 9.24 -10.63 -31.54
N ILE B 66 7.95 -10.98 -31.66
CA ILE B 66 6.79 -10.18 -31.17
C ILE B 66 6.73 -10.27 -29.65
N PRO B 67 6.88 -9.15 -28.90
CA PRO B 67 6.67 -9.13 -27.46
C PRO B 67 5.27 -9.64 -27.10
N MET B 68 5.19 -10.77 -26.38
CA MET B 68 3.92 -11.49 -26.09
C MET B 68 3.76 -11.66 -24.58
N ALA B 69 2.60 -11.25 -24.05
CA ALA B 69 2.16 -11.50 -22.66
C ALA B 69 0.68 -11.93 -22.68
N GLY B 70 0.36 -13.01 -21.96
CA GLY B 70 -0.98 -13.64 -22.03
C GLY B 70 -1.44 -14.13 -20.67
N ILE B 71 -2.77 -14.20 -20.49
CA ILE B 71 -3.43 -14.75 -19.26
C ILE B 71 -4.54 -15.72 -19.68
N PRO B 72 -4.70 -16.85 -18.97
CA PRO B 72 -5.76 -17.81 -19.28
C PRO B 72 -7.16 -17.17 -19.18
N TYR B 73 -8.07 -17.59 -20.06
CA TYR B 73 -9.44 -17.03 -20.23
C TYR B 73 -10.26 -17.25 -18.97
N HIS B 74 -9.99 -18.35 -18.25
CA HIS B 74 -10.71 -18.74 -17.01
C HIS B 74 -10.16 -18.00 -15.79
N ALA B 75 -9.02 -17.31 -15.94
CA ALA B 75 -8.36 -16.51 -14.87
C ALA B 75 -8.41 -15.02 -15.18
N VAL B 76 -9.06 -14.61 -16.28
CA VAL B 76 -9.09 -13.22 -16.82
C VAL B 76 -9.45 -12.20 -15.73
N GLU B 77 -10.42 -12.50 -14.86
CA GLU B 77 -11.09 -11.55 -13.92
C GLU B 77 -10.07 -11.01 -12.89
N ASN B 78 -9.33 -11.91 -12.21
CA ASN B 78 -8.44 -11.54 -11.08
C ASN B 78 -7.37 -10.58 -11.59
N TYR B 79 -7.10 -10.62 -12.91
CA TYR B 79 -6.08 -9.77 -13.59
C TYR B 79 -6.74 -8.47 -14.07
N LEU B 80 -8.00 -8.53 -14.52
CA LEU B 80 -8.83 -7.34 -14.84
C LEU B 80 -9.02 -6.51 -13.57
N ALA B 81 -9.21 -7.16 -12.42
CA ALA B 81 -9.38 -6.55 -11.08
C ALA B 81 -8.20 -5.61 -10.78
N LYS B 82 -6.97 -6.07 -11.04
CA LYS B 82 -5.72 -5.29 -10.84
C LYS B 82 -5.72 -4.08 -11.79
N LEU B 83 -6.09 -4.28 -13.06
CA LEU B 83 -6.06 -3.19 -14.10
C LEU B 83 -7.14 -2.15 -13.85
N VAL B 84 -8.40 -2.54 -13.63
CA VAL B 84 -9.55 -1.58 -13.54
C VAL B 84 -9.48 -0.78 -12.23
N ASN B 85 -8.89 -1.33 -11.16
CA ASN B 85 -8.66 -0.62 -9.87
C ASN B 85 -7.44 0.31 -9.97
N GLN B 86 -6.60 0.14 -11.00
CA GLN B 86 -5.49 1.06 -11.35
C GLN B 86 -5.96 2.14 -12.35
N GLY B 87 -7.24 2.11 -12.74
CA GLY B 87 -7.85 3.08 -13.67
C GLY B 87 -7.46 2.82 -15.12
N GLU B 88 -7.44 1.54 -15.51
CA GLU B 88 -7.02 1.07 -16.87
C GLU B 88 -8.25 0.55 -17.63
N SER B 89 -8.50 1.08 -18.83
CA SER B 89 -9.53 0.60 -19.78
C SER B 89 -8.98 -0.60 -20.58
N VAL B 90 -9.80 -1.63 -20.80
CA VAL B 90 -9.41 -2.89 -21.49
C VAL B 90 -10.54 -3.30 -22.45
N ALA B 91 -10.21 -3.55 -23.72
CA ALA B 91 -11.10 -4.17 -24.74
C ALA B 91 -10.90 -5.69 -24.74
N ILE B 92 -11.98 -6.45 -24.52
CA ILE B 92 -11.99 -7.94 -24.44
C ILE B 92 -12.39 -8.49 -25.80
N ALA B 93 -11.39 -8.93 -26.59
CA ALA B 93 -11.57 -9.62 -27.90
C ALA B 93 -11.69 -11.13 -27.64
N GLU B 94 -12.70 -11.76 -28.26
CA GLU B 94 -13.08 -13.18 -28.13
C GLU B 94 -13.02 -13.86 -29.51
N GLN B 95 -12.65 -15.13 -29.53
CA GLN B 95 -12.88 -16.06 -30.67
C GLN B 95 -14.37 -16.39 -30.73
N ILE B 96 -14.99 -16.16 -31.89
CA ILE B 96 -16.45 -16.40 -32.14
C ILE B 96 -16.64 -17.68 -32.98
N GLY B 97 -15.91 -17.82 -34.09
CA GLY B 97 -15.96 -19.01 -34.98
C GLY B 97 -15.16 -20.20 -34.44
N ASP B 98 -15.16 -21.30 -35.19
CA ASP B 98 -14.27 -22.46 -34.97
C ASP B 98 -13.01 -22.25 -35.83
N PRO B 99 -11.79 -22.20 -35.23
CA PRO B 99 -10.55 -22.04 -36.02
C PRO B 99 -10.25 -23.14 -37.06
N ALA B 100 -10.72 -24.37 -36.85
CA ALA B 100 -10.50 -25.56 -37.71
C ALA B 100 -11.19 -25.41 -39.08
N THR B 101 -12.30 -24.65 -39.16
CA THR B 101 -13.11 -24.39 -40.39
C THR B 101 -13.04 -22.90 -40.78
N SER B 102 -11.92 -22.23 -40.50
CA SER B 102 -11.57 -20.85 -40.94
C SER B 102 -10.24 -20.90 -41.70
N LYS B 103 -10.26 -20.51 -42.98
CA LYS B 103 -9.10 -20.61 -43.92
C LYS B 103 -8.03 -19.60 -43.52
N GLY B 104 -8.42 -18.34 -43.33
CA GLY B 104 -7.63 -17.30 -42.64
C GLY B 104 -7.78 -17.43 -41.12
N PRO B 105 -7.40 -16.41 -40.33
CA PRO B 105 -7.68 -16.39 -38.90
C PRO B 105 -9.19 -16.43 -38.59
N VAL B 106 -9.56 -17.09 -37.47
CA VAL B 106 -10.97 -17.30 -37.05
C VAL B 106 -11.61 -15.93 -36.75
N GLU B 107 -12.92 -15.80 -37.02
CA GLU B 107 -13.70 -14.57 -36.79
C GLU B 107 -13.63 -14.22 -35.29
N ARG B 108 -13.23 -12.98 -34.98
CA ARG B 108 -13.07 -12.45 -33.60
C ARG B 108 -13.88 -11.16 -33.43
N LYS B 109 -14.20 -10.79 -32.19
CA LYS B 109 -15.06 -9.62 -31.86
C LYS B 109 -14.72 -9.06 -30.48
N VAL B 110 -14.60 -7.74 -30.35
CA VAL B 110 -14.57 -7.00 -29.05
C VAL B 110 -16.01 -6.95 -28.54
N VAL B 111 -16.36 -7.84 -27.60
CA VAL B 111 -17.75 -8.05 -27.09
C VAL B 111 -18.04 -7.04 -25.97
N ARG B 112 -17.02 -6.65 -25.20
CA ARG B 112 -17.12 -5.60 -24.15
C ARG B 112 -15.76 -4.94 -23.93
N ILE B 113 -15.77 -3.65 -23.55
CA ILE B 113 -14.56 -2.90 -23.10
C ILE B 113 -14.67 -2.70 -21.58
N VAL B 114 -13.81 -3.37 -20.80
CA VAL B 114 -13.69 -3.20 -19.32
C VAL B 114 -13.02 -1.85 -19.05
N THR B 115 -13.80 -0.84 -18.64
CA THR B 115 -13.29 0.51 -18.27
C THR B 115 -13.65 0.77 -16.81
N PRO B 116 -12.87 1.61 -16.08
CA PRO B 116 -13.08 1.80 -14.65
C PRO B 116 -14.50 2.21 -14.23
N GLY B 117 -15.25 2.93 -15.08
CA GLY B 117 -16.61 3.44 -14.81
C GLY B 117 -17.72 2.60 -15.39
N THR B 118 -17.40 1.52 -16.13
CA THR B 118 -18.38 0.71 -16.91
C THR B 118 -18.20 -0.80 -16.62
N ILE B 119 -17.63 -1.15 -15.47
CA ILE B 119 -17.44 -2.56 -15.06
C ILE B 119 -18.77 -3.07 -14.50
N SER B 120 -19.25 -4.18 -15.06
CA SER B 120 -20.52 -4.86 -14.71
C SER B 120 -20.23 -6.06 -13.81
N ASP B 121 -19.03 -6.65 -13.92
CA ASP B 121 -18.61 -7.90 -13.25
C ASP B 121 -18.51 -7.68 -11.74
N GLU B 122 -18.96 -8.65 -10.94
CA GLU B 122 -18.98 -8.58 -9.46
C GLU B 122 -17.55 -8.43 -8.91
N ALA B 123 -16.61 -9.23 -9.43
CA ALA B 123 -15.21 -9.34 -8.95
C ALA B 123 -14.47 -8.01 -9.12
N LEU B 124 -14.76 -7.27 -10.20
CA LEU B 124 -14.07 -6.00 -10.57
C LEU B 124 -14.53 -4.87 -9.64
N LEU B 125 -15.82 -4.84 -9.27
CA LEU B 125 -16.43 -3.74 -8.48
C LEU B 125 -16.07 -3.90 -7.00
N GLN B 126 -16.06 -2.78 -6.26
CA GLN B 126 -15.90 -2.75 -4.79
C GLN B 126 -17.29 -2.77 -4.16
N GLU B 127 -17.52 -3.74 -3.27
CA GLU B 127 -18.85 -4.12 -2.71
C GLU B 127 -19.64 -2.87 -2.31
N ARG B 128 -19.07 -2.05 -1.43
CA ARG B 128 -19.75 -0.90 -0.76
C ARG B 128 -19.06 0.42 -1.11
N GLN B 129 -18.98 0.74 -2.41
CA GLN B 129 -18.44 2.00 -2.95
C GLN B 129 -19.04 2.21 -4.35
N ASP B 130 -19.60 3.38 -4.61
CA ASP B 130 -20.15 3.77 -5.93
C ASP B 130 -19.05 3.90 -6.98
N ASN B 131 -19.36 3.48 -8.22
CA ASN B 131 -18.45 3.47 -9.39
C ASN B 131 -19.19 4.17 -10.55
N LEU B 132 -19.05 5.50 -10.62
CA LEU B 132 -19.76 6.36 -11.61
C LEU B 132 -18.88 6.61 -12.83
N LEU B 133 -19.41 6.37 -14.02
CA LEU B 133 -18.94 6.96 -15.30
C LEU B 133 -19.62 8.34 -15.45
N ALA B 134 -18.82 9.40 -15.55
CA ALA B 134 -19.28 10.81 -15.63
C ALA B 134 -18.77 11.44 -16.93
N ALA B 135 -19.47 12.49 -17.37
CA ALA B 135 -19.15 13.32 -18.55
C ALA B 135 -19.25 14.81 -18.14
N ILE B 136 -18.18 15.57 -18.32
CA ILE B 136 -18.13 17.03 -18.00
C ILE B 136 -17.84 17.80 -19.29
N TRP B 137 -18.41 19.00 -19.38
CA TRP B 137 -18.21 19.92 -20.51
C TRP B 137 -18.19 21.34 -19.98
N GLN B 138 -17.44 22.23 -20.67
CA GLN B 138 -17.37 23.67 -20.35
C GLN B 138 -17.92 24.42 -21.56
N ASP B 139 -18.68 25.48 -21.35
CA ASP B 139 -19.37 26.30 -22.38
C ASP B 139 -19.04 27.78 -22.09
N SER B 140 -19.39 28.66 -23.02
CA SER B 140 -19.33 30.14 -22.85
C SER B 140 -20.36 30.59 -21.80
N LYS B 141 -21.46 29.84 -21.67
CA LYS B 141 -22.59 30.12 -20.72
C LYS B 141 -22.20 29.65 -19.31
N GLY B 142 -21.90 28.35 -19.14
CA GLY B 142 -21.48 27.73 -17.88
C GLY B 142 -20.99 26.31 -18.09
N PHE B 143 -21.27 25.41 -17.12
CA PHE B 143 -20.76 24.01 -17.06
C PHE B 143 -21.91 23.01 -17.24
N GLY B 144 -21.64 21.91 -17.94
CA GLY B 144 -22.62 20.81 -18.18
C GLY B 144 -22.05 19.47 -17.76
N TYR B 145 -22.79 18.72 -16.94
CA TYR B 145 -22.31 17.49 -16.25
C TYR B 145 -23.40 16.40 -16.26
N ALA B 146 -22.97 15.13 -16.32
CA ALA B 146 -23.81 13.92 -16.27
C ALA B 146 -23.01 12.77 -15.65
N THR B 147 -23.63 11.99 -14.78
CA THR B 147 -23.05 10.78 -14.12
C THR B 147 -23.98 9.58 -14.33
N LEU B 148 -23.42 8.43 -14.71
CA LEU B 148 -24.15 7.14 -14.84
C LEU B 148 -23.51 6.10 -13.92
N ASP B 149 -24.33 5.56 -13.00
CA ASP B 149 -24.01 4.33 -12.25
C ASP B 149 -24.45 3.15 -13.11
N ILE B 150 -23.52 2.56 -13.88
CA ILE B 150 -23.76 1.48 -14.88
C ILE B 150 -24.48 0.31 -14.21
N SER B 151 -24.26 0.10 -12.91
CA SER B 151 -24.83 -1.01 -12.10
C SER B 151 -26.30 -0.79 -11.65
N SER B 152 -26.68 0.43 -11.21
CA SER B 152 -27.99 0.71 -10.54
C SER B 152 -29.05 1.21 -11.53
N GLY B 153 -28.62 1.71 -12.69
CA GLY B 153 -29.49 2.38 -13.67
C GLY B 153 -29.75 3.82 -13.30
N ARG B 154 -29.04 4.33 -12.29
CA ARG B 154 -29.15 5.73 -11.80
C ARG B 154 -28.39 6.63 -12.77
N PHE B 155 -29.12 7.34 -13.63
CA PHE B 155 -28.61 8.35 -14.57
C PHE B 155 -28.95 9.74 -14.01
N ARG B 156 -27.94 10.57 -13.73
CA ARG B 156 -28.13 11.94 -13.19
C ARG B 156 -27.46 12.97 -14.11
N LEU B 157 -27.93 14.22 -14.06
CA LEU B 157 -27.32 15.37 -14.77
C LEU B 157 -27.40 16.64 -13.91
N SER B 158 -26.59 17.64 -14.28
CA SER B 158 -26.41 18.93 -13.57
C SER B 158 -25.74 19.97 -14.49
N GLU B 159 -25.99 21.25 -14.23
CA GLU B 159 -25.31 22.43 -14.85
C GLU B 159 -24.73 23.31 -13.75
N PRO B 160 -23.64 22.86 -13.07
CA PRO B 160 -23.09 23.58 -11.92
C PRO B 160 -22.90 25.09 -12.17
N ALA B 161 -23.34 25.89 -11.21
CA ALA B 161 -23.55 27.35 -11.30
C ALA B 161 -22.23 28.06 -11.63
N ASP B 162 -21.13 27.66 -10.95
CA ASP B 162 -19.79 28.28 -11.04
C ASP B 162 -18.69 27.20 -10.99
N ARG B 163 -17.42 27.62 -11.13
CA ARG B 163 -16.21 26.76 -11.06
C ARG B 163 -16.16 26.02 -9.71
N GLU B 164 -16.56 26.69 -8.64
CA GLU B 164 -16.53 26.20 -7.23
C GLU B 164 -17.56 25.06 -7.05
N THR B 165 -18.77 25.22 -7.59
CA THR B 165 -19.87 24.22 -7.55
C THR B 165 -19.45 22.97 -8.34
N MET B 166 -18.79 23.16 -9.49
CA MET B 166 -18.30 22.06 -10.36
C MET B 166 -17.28 21.20 -9.59
N ALA B 167 -16.31 21.83 -8.93
CA ALA B 167 -15.26 21.17 -8.10
C ALA B 167 -15.92 20.39 -6.95
N ALA B 168 -17.00 20.94 -6.37
CA ALA B 168 -17.79 20.30 -5.28
C ALA B 168 -18.55 19.09 -5.80
N GLU B 169 -19.10 19.18 -7.02
CA GLU B 169 -19.84 18.08 -7.70
C GLU B 169 -18.87 16.96 -8.10
N LEU B 170 -17.68 17.30 -8.61
CA LEU B 170 -16.60 16.34 -8.97
C LEU B 170 -16.27 15.48 -7.74
N GLN B 171 -16.01 16.14 -6.62
CA GLN B 171 -15.57 15.49 -5.35
C GLN B 171 -16.70 14.65 -4.77
N ARG B 172 -17.94 15.16 -4.83
CA ARG B 172 -19.16 14.47 -4.33
C ARG B 172 -19.36 13.17 -5.10
N THR B 173 -19.49 13.25 -6.42
CA THR B 173 -19.75 12.10 -7.34
C THR B 173 -18.52 11.21 -7.36
N ASN B 174 -17.33 11.80 -7.50
CA ASN B 174 -16.02 11.11 -7.55
C ASN B 174 -16.06 10.07 -8.67
N PRO B 175 -16.13 10.52 -9.95
CA PRO B 175 -16.21 9.60 -11.08
C PRO B 175 -15.00 8.66 -11.19
N ALA B 176 -15.27 7.37 -11.42
CA ALA B 176 -14.25 6.33 -11.74
C ALA B 176 -13.66 6.60 -13.12
N GLU B 177 -14.51 7.04 -14.06
CA GLU B 177 -14.15 7.43 -15.45
C GLU B 177 -14.84 8.75 -15.80
N LEU B 178 -14.06 9.73 -16.27
CA LEU B 178 -14.55 11.10 -16.54
C LEU B 178 -14.29 11.46 -18.00
N LEU B 179 -15.36 11.60 -18.78
CA LEU B 179 -15.33 12.05 -20.20
C LEU B 179 -15.33 13.58 -20.21
N TYR B 180 -14.42 14.20 -20.98
CA TYR B 180 -14.32 15.66 -21.14
C TYR B 180 -14.00 16.01 -22.60
N ALA B 181 -14.52 17.15 -23.06
CA ALA B 181 -14.42 17.66 -24.45
C ALA B 181 -13.00 18.19 -24.70
N GLU B 182 -12.64 18.34 -25.99
CA GLU B 182 -11.31 18.82 -26.46
C GLU B 182 -11.17 20.34 -26.22
N ASP B 183 -12.27 21.09 -26.14
CA ASP B 183 -12.27 22.57 -25.93
C ASP B 183 -12.56 22.88 -24.46
N PHE B 184 -12.21 21.97 -23.54
CA PHE B 184 -12.37 22.17 -22.08
C PHE B 184 -11.25 23.10 -21.61
N ALA B 185 -11.60 24.29 -21.14
CA ALA B 185 -10.67 25.41 -20.85
C ALA B 185 -10.03 25.20 -19.47
N GLU B 186 -10.84 25.23 -18.41
CA GLU B 186 -10.41 25.10 -17.00
C GLU B 186 -10.05 23.64 -16.71
N MET B 187 -8.86 23.23 -17.17
CA MET B 187 -8.28 21.87 -16.99
C MET B 187 -7.89 21.67 -15.52
N SER B 188 -7.72 22.77 -14.77
CA SER B 188 -7.30 22.80 -13.34
C SER B 188 -8.29 22.04 -12.45
N LEU B 189 -9.59 22.04 -12.79
CA LEU B 189 -10.67 21.34 -12.04
C LEU B 189 -10.44 19.83 -12.08
N ILE B 190 -9.97 19.31 -13.22
CA ILE B 190 -9.94 17.86 -13.56
C ILE B 190 -8.48 17.38 -13.64
N GLU B 191 -7.51 18.25 -13.35
CA GLU B 191 -6.08 18.09 -13.73
C GLU B 191 -5.55 16.73 -13.24
N GLY B 192 -5.76 16.40 -11.95
CA GLY B 192 -5.17 15.22 -11.29
C GLY B 192 -6.18 14.09 -11.04
N ARG B 193 -7.40 14.23 -11.56
CA ARG B 193 -8.51 13.26 -11.37
C ARG B 193 -8.20 11.98 -12.17
N ARG B 194 -8.63 10.83 -11.66
CA ARG B 194 -8.42 9.48 -12.26
C ARG B 194 -9.31 9.32 -13.50
N GLY B 195 -9.00 8.34 -14.35
CA GLY B 195 -9.87 7.87 -15.46
C GLY B 195 -10.28 8.99 -16.39
N LEU B 196 -9.28 9.79 -16.82
CA LEU B 196 -9.48 10.98 -17.70
C LEU B 196 -9.44 10.56 -19.18
N ARG B 197 -10.53 10.82 -19.90
CA ARG B 197 -10.75 10.41 -21.32
C ARG B 197 -11.01 11.66 -22.17
N ARG B 198 -10.08 11.99 -23.04
CA ARG B 198 -10.16 13.17 -23.95
C ARG B 198 -10.90 12.74 -25.22
N ARG B 199 -12.03 13.39 -25.53
CA ARG B 199 -12.93 13.03 -26.65
C ARG B 199 -13.18 14.24 -27.54
N PRO B 200 -13.57 14.04 -28.82
CA PRO B 200 -13.89 15.16 -29.72
C PRO B 200 -15.17 15.90 -29.32
N LEU B 201 -15.39 17.08 -29.93
CA LEU B 201 -16.50 18.00 -29.54
C LEU B 201 -17.83 17.56 -30.14
N TRP B 202 -17.83 16.99 -31.35
CA TRP B 202 -19.07 16.59 -32.09
C TRP B 202 -19.88 15.57 -31.27
N GLU B 203 -19.24 14.88 -30.32
CA GLU B 203 -19.89 13.96 -29.36
C GLU B 203 -20.76 14.76 -28.36
N PHE B 204 -20.54 16.08 -28.24
CA PHE B 204 -21.28 17.01 -27.34
C PHE B 204 -22.22 17.91 -28.16
N GLU B 205 -22.74 17.42 -29.28
CA GLU B 205 -23.72 18.14 -30.14
C GLU B 205 -25.13 17.86 -29.59
N ILE B 206 -25.93 18.91 -29.45
CA ILE B 206 -27.25 18.89 -28.73
C ILE B 206 -28.26 18.02 -29.48
N ASP B 207 -28.36 18.17 -30.80
CA ASP B 207 -29.38 17.50 -31.65
C ASP B 207 -29.16 15.97 -31.59
N THR B 208 -27.91 15.52 -31.57
CA THR B 208 -27.51 14.09 -31.45
C THR B 208 -27.88 13.58 -30.05
N ALA B 209 -27.58 14.38 -29.02
CA ALA B 209 -27.83 14.05 -27.60
C ALA B 209 -29.34 13.86 -27.38
N ARG B 210 -30.15 14.87 -27.71
CA ARG B 210 -31.64 14.85 -27.59
C ARG B 210 -32.19 13.59 -28.26
N GLN B 211 -31.76 13.32 -29.49
CA GLN B 211 -32.21 12.17 -30.32
C GLN B 211 -31.87 10.86 -29.59
N GLN B 212 -30.63 10.72 -29.11
CA GLN B 212 -30.10 9.49 -28.47
C GLN B 212 -30.82 9.21 -27.15
N LEU B 213 -31.04 10.25 -26.35
CA LEU B 213 -31.67 10.14 -24.99
C LEU B 213 -33.16 9.83 -25.12
N ASN B 214 -33.85 10.53 -26.03
CA ASN B 214 -35.30 10.32 -26.33
C ASN B 214 -35.50 8.88 -26.85
N LEU B 215 -34.61 8.45 -27.75
CA LEU B 215 -34.59 7.06 -28.30
C LEU B 215 -34.48 6.04 -27.17
N GLN B 216 -33.49 6.24 -26.29
CA GLN B 216 -33.14 5.31 -25.17
C GLN B 216 -34.33 5.15 -24.22
N PHE B 217 -34.97 6.27 -23.86
CA PHE B 217 -36.11 6.32 -22.90
C PHE B 217 -37.43 6.01 -23.60
N GLY B 218 -37.45 6.07 -24.94
CA GLY B 218 -38.65 5.83 -25.76
C GLY B 218 -39.67 6.95 -25.59
N THR B 219 -39.20 8.19 -25.39
CA THR B 219 -40.02 9.40 -25.16
C THR B 219 -39.98 10.29 -26.40
N ARG B 220 -40.98 11.18 -26.54
CA ARG B 220 -41.05 12.21 -27.60
C ARG B 220 -40.08 13.34 -27.25
N ASP B 221 -40.12 13.80 -25.99
CA ASP B 221 -39.28 14.89 -25.43
C ASP B 221 -38.92 14.53 -23.98
N LEU B 222 -38.03 15.31 -23.35
CA LEU B 222 -37.54 15.08 -21.97
C LEU B 222 -38.21 16.08 -21.01
N VAL B 223 -39.43 16.52 -21.35
CA VAL B 223 -40.32 17.33 -20.48
C VAL B 223 -40.76 16.46 -19.29
N GLY B 224 -41.03 15.17 -19.54
CA GLY B 224 -41.46 14.18 -18.52
C GLY B 224 -40.48 14.07 -17.36
N PHE B 225 -39.18 14.17 -17.66
CA PHE B 225 -38.07 14.04 -16.68
C PHE B 225 -37.73 15.40 -16.05
N GLY B 226 -38.23 16.49 -16.64
CA GLY B 226 -37.99 17.87 -16.19
C GLY B 226 -36.57 18.31 -16.48
N VAL B 227 -35.98 17.82 -17.58
CA VAL B 227 -34.57 18.12 -18.00
C VAL B 227 -34.55 18.71 -19.41
N GLU B 228 -35.72 19.11 -19.94
CA GLU B 228 -35.91 19.60 -21.33
C GLU B 228 -35.18 20.94 -21.51
N ASN B 229 -35.10 21.75 -20.45
CA ASN B 229 -34.54 23.13 -20.47
C ASN B 229 -33.13 23.14 -19.85
N ALA B 230 -32.37 22.06 -20.03
CA ALA B 230 -30.97 21.91 -19.60
C ALA B 230 -30.14 21.47 -20.81
N PRO B 231 -29.93 22.36 -21.81
CA PRO B 231 -29.14 22.03 -23.00
C PRO B 231 -27.69 21.63 -22.68
N ARG B 232 -27.07 22.27 -21.68
CA ARG B 232 -25.67 22.05 -21.26
C ARG B 232 -25.53 20.64 -20.67
N GLY B 233 -26.43 20.27 -19.74
CA GLY B 233 -26.42 18.96 -19.06
C GLY B 233 -26.74 17.81 -19.99
N LEU B 234 -27.62 18.05 -20.97
CA LEU B 234 -28.03 17.04 -21.98
C LEU B 234 -26.85 16.68 -22.89
N SER B 235 -26.04 17.68 -23.28
CA SER B 235 -24.82 17.50 -24.12
C SER B 235 -23.86 16.50 -23.48
N ALA B 236 -23.66 16.60 -22.16
CA ALA B 236 -22.81 15.70 -21.35
C ALA B 236 -23.44 14.30 -21.32
N ALA B 237 -24.75 14.23 -21.04
CA ALA B 237 -25.53 12.97 -20.95
C ALA B 237 -25.53 12.23 -22.29
N GLY B 238 -25.62 12.97 -23.40
CA GLY B 238 -25.61 12.42 -24.77
C GLY B 238 -24.29 11.75 -25.11
N ALA B 239 -23.16 12.42 -24.83
CA ALA B 239 -21.78 11.91 -25.00
C ALA B 239 -21.56 10.68 -24.11
N LEU B 240 -22.12 10.71 -22.91
CA LEU B 240 -21.99 9.65 -21.87
C LEU B 240 -22.70 8.36 -22.33
N LEU B 241 -23.95 8.50 -22.83
CA LEU B 241 -24.79 7.36 -23.28
C LEU B 241 -24.10 6.65 -24.46
N GLN B 242 -23.62 7.44 -25.44
CA GLN B 242 -22.90 6.92 -26.64
C GLN B 242 -21.67 6.12 -26.22
N TYR B 243 -20.92 6.64 -25.24
CA TYR B 243 -19.72 5.99 -24.66
C TYR B 243 -20.11 4.68 -23.98
N ALA B 244 -21.21 4.70 -23.21
CA ALA B 244 -21.75 3.53 -22.47
C ALA B 244 -22.18 2.43 -23.44
N LYS B 245 -22.79 2.80 -24.57
CA LYS B 245 -23.20 1.87 -25.64
C LYS B 245 -21.96 1.32 -26.35
N CYS B 246 -20.92 2.15 -26.51
CA CYS B 246 -19.65 1.79 -27.19
C CYS B 246 -18.87 0.77 -26.34
N THR B 247 -18.87 0.93 -25.01
CA THR B 247 -18.13 0.09 -24.04
C THR B 247 -18.77 -1.30 -23.92
N GLN B 248 -20.11 -1.38 -24.07
CA GLN B 248 -20.90 -2.64 -23.97
C GLN B 248 -21.18 -3.23 -25.36
N ARG B 249 -21.31 -2.38 -26.38
CA ARG B 249 -21.64 -2.76 -27.79
C ARG B 249 -23.01 -3.47 -27.76
N THR B 250 -23.90 -2.98 -26.88
CA THR B 250 -25.19 -3.61 -26.51
C THR B 250 -26.18 -2.51 -26.10
N THR B 251 -27.48 -2.78 -26.18
CA THR B 251 -28.55 -1.88 -25.65
C THR B 251 -28.48 -1.86 -24.12
N LEU B 252 -28.85 -0.74 -23.50
CA LEU B 252 -28.84 -0.53 -22.03
C LEU B 252 -30.29 -0.35 -21.55
N PRO B 253 -31.11 -1.42 -21.51
CA PRO B 253 -32.54 -1.30 -21.22
C PRO B 253 -32.85 -0.84 -19.79
N HIS B 254 -31.90 -1.02 -18.87
CA HIS B 254 -31.98 -0.57 -17.45
C HIS B 254 -31.95 0.97 -17.38
N ILE B 255 -31.38 1.62 -18.41
CA ILE B 255 -31.37 3.11 -18.57
C ILE B 255 -32.69 3.51 -19.26
N ARG B 256 -33.75 3.72 -18.47
CA ARG B 256 -35.09 4.14 -18.93
C ARG B 256 -35.43 5.55 -18.44
N SER B 257 -34.68 6.08 -17.47
CA SER B 257 -34.99 7.34 -16.75
C SER B 257 -33.71 8.14 -16.48
N ILE B 258 -33.85 9.47 -16.36
CA ILE B 258 -32.79 10.43 -15.95
C ILE B 258 -33.42 11.48 -15.02
N THR B 259 -32.70 11.90 -13.99
CA THR B 259 -33.14 12.88 -12.96
C THR B 259 -32.11 14.01 -12.87
N MET B 260 -32.56 15.25 -12.66
CA MET B 260 -31.68 16.44 -12.51
C MET B 260 -31.35 16.66 -11.02
N GLU B 261 -30.07 16.86 -10.71
CA GLU B 261 -29.55 17.29 -9.38
C GLU B 261 -29.59 18.82 -9.28
N ARG B 262 -30.74 19.39 -8.92
CA ARG B 262 -31.03 20.84 -8.99
C ARG B 262 -30.29 21.55 -7.86
N GLU B 263 -30.06 22.86 -8.02
CA GLU B 263 -29.24 23.66 -7.08
C GLU B 263 -30.01 23.86 -5.78
N GLN B 264 -31.36 23.86 -5.83
CA GLN B 264 -32.26 24.14 -4.68
C GLN B 264 -32.74 22.82 -4.05
N ASP B 265 -32.33 21.67 -4.60
CA ASP B 265 -32.77 20.33 -4.14
C ASP B 265 -31.82 19.80 -3.06
N SER B 266 -30.53 20.14 -3.13
CA SER B 266 -29.48 19.52 -2.27
C SER B 266 -28.60 20.58 -1.60
N ILE B 267 -28.09 20.25 -0.41
CA ILE B 267 -27.18 21.11 0.39
C ILE B 267 -25.80 21.04 -0.25
N ILE B 268 -25.29 22.17 -0.74
CA ILE B 268 -23.99 22.25 -1.49
C ILE B 268 -22.86 22.30 -0.47
N MET B 269 -22.06 21.23 -0.40
CA MET B 269 -20.86 21.14 0.47
C MET B 269 -19.62 21.06 -0.43
N ASP B 270 -18.71 22.03 -0.34
CA ASP B 270 -17.44 22.09 -1.12
C ASP B 270 -16.54 20.91 -0.72
N ALA B 271 -15.57 20.57 -1.57
CA ALA B 271 -14.66 19.39 -1.46
C ALA B 271 -14.01 19.32 -0.07
N ALA B 272 -13.62 20.46 0.49
CA ALA B 272 -13.00 20.59 1.84
C ALA B 272 -13.98 20.12 2.92
N THR B 273 -15.21 20.64 2.91
CA THR B 273 -16.30 20.28 3.88
C THR B 273 -16.49 18.75 3.86
N ARG B 274 -16.69 18.18 2.68
CA ARG B 274 -16.93 16.74 2.45
C ARG B 274 -15.79 15.91 3.08
N ARG B 275 -14.55 16.39 2.93
CA ARG B 275 -13.33 15.75 3.49
C ARG B 275 -13.24 16.02 5.00
N ASN B 276 -13.47 17.27 5.42
CA ASN B 276 -13.31 17.73 6.83
C ASN B 276 -14.34 17.03 7.74
N LEU B 277 -15.57 16.85 7.25
CA LEU B 277 -16.66 16.15 7.97
C LEU B 277 -16.38 14.64 8.03
N GLU B 278 -15.53 14.13 7.13
CA GLU B 278 -15.11 12.70 7.07
C GLU B 278 -16.36 11.83 6.89
N ILE B 279 -17.04 11.99 5.75
CA ILE B 279 -18.35 11.33 5.44
C ILE B 279 -18.08 9.87 5.08
N THR B 280 -17.37 9.62 3.97
CA THR B 280 -16.95 8.26 3.51
C THR B 280 -15.43 8.11 3.59
N GLN B 281 -14.70 9.18 3.90
CA GLN B 281 -13.22 9.24 3.77
C GLN B 281 -12.65 10.22 4.79
N ASN B 282 -11.95 9.71 5.80
CA ASN B 282 -11.16 10.52 6.77
C ASN B 282 -10.03 11.22 5.98
N LEU B 283 -9.46 12.29 6.55
CA LEU B 283 -8.45 13.15 5.88
C LEU B 283 -7.21 12.34 5.48
N ALA B 284 -6.90 11.26 6.22
CA ALA B 284 -5.79 10.32 5.94
C ALA B 284 -6.09 9.48 4.70
N GLY B 285 -7.36 9.43 4.27
CA GLY B 285 -7.83 8.71 3.07
C GLY B 285 -8.44 7.36 3.41
N GLY B 286 -8.42 6.97 4.69
CA GLY B 286 -8.94 5.69 5.19
C GLY B 286 -10.45 5.72 5.33
N ALA B 287 -11.04 4.56 5.66
CA ALA B 287 -12.51 4.35 5.80
C ALA B 287 -12.92 4.27 7.28
N GLU B 288 -11.97 4.43 8.20
CA GLU B 288 -12.20 4.35 9.67
C GLU B 288 -12.52 5.75 10.22
N ASN B 289 -13.34 5.81 11.29
CA ASN B 289 -13.75 7.06 11.96
C ASN B 289 -14.49 7.97 10.98
N THR B 290 -15.22 7.39 10.02
CA THR B 290 -16.02 8.13 9.01
C THR B 290 -17.50 7.95 9.35
N LEU B 291 -18.35 8.86 8.88
CA LEU B 291 -19.82 8.87 9.16
C LEU B 291 -20.44 7.58 8.61
N ALA B 292 -19.99 7.12 7.46
CA ALA B 292 -20.39 5.84 6.82
C ALA B 292 -20.13 4.67 7.78
N SER B 293 -18.87 4.48 8.21
CA SER B 293 -18.40 3.33 9.03
C SER B 293 -19.31 3.09 10.24
N VAL B 294 -19.83 4.17 10.84
CA VAL B 294 -20.72 4.12 12.05
C VAL B 294 -22.17 3.92 11.60
N LEU B 295 -22.71 4.86 10.80
CA LEU B 295 -24.13 4.87 10.36
C LEU B 295 -24.42 3.68 9.44
N ASP B 296 -23.44 3.25 8.63
CA ASP B 296 -23.59 2.12 7.67
C ASP B 296 -23.53 0.78 8.43
N SER B 297 -24.68 0.35 8.95
CA SER B 297 -24.94 -1.04 9.43
C SER B 297 -26.04 -1.67 8.57
N THR B 298 -26.14 -1.23 7.30
CA THR B 298 -27.02 -1.80 6.26
C THR B 298 -26.58 -3.25 5.99
N VAL B 299 -27.54 -4.13 5.72
CA VAL B 299 -27.33 -5.61 5.62
C VAL B 299 -27.12 -6.01 4.16
N THR B 300 -27.23 -5.07 3.21
CA THR B 300 -26.95 -5.28 1.77
C THR B 300 -25.96 -4.21 1.29
N PRO B 301 -24.95 -4.59 0.47
CA PRO B 301 -24.03 -3.61 -0.12
C PRO B 301 -24.72 -2.53 -0.96
N MET B 302 -25.82 -2.88 -1.61
CA MET B 302 -26.71 -2.01 -2.41
C MET B 302 -27.30 -0.91 -1.52
N GLY B 303 -27.74 -1.30 -0.33
CA GLY B 303 -28.25 -0.39 0.71
C GLY B 303 -27.13 0.49 1.25
N SER B 304 -25.96 -0.12 1.46
CA SER B 304 -24.71 0.53 1.93
C SER B 304 -24.36 1.70 1.00
N ARG B 305 -24.32 1.46 -0.31
CA ARG B 305 -24.04 2.50 -1.33
C ARG B 305 -25.15 3.56 -1.31
N MET B 306 -26.42 3.12 -1.30
CA MET B 306 -27.60 4.03 -1.32
C MET B 306 -27.55 4.99 -0.13
N LEU B 307 -27.32 4.47 1.08
CA LEU B 307 -27.13 5.28 2.31
C LEU B 307 -25.94 6.22 2.09
N LYS B 308 -24.84 5.70 1.54
CA LYS B 308 -23.60 6.49 1.28
C LYS B 308 -23.88 7.57 0.23
N ARG B 309 -24.70 7.26 -0.77
CA ARG B 309 -25.19 8.21 -1.81
C ARG B 309 -26.02 9.32 -1.14
N TRP B 310 -26.88 8.95 -0.20
CA TRP B 310 -27.76 9.87 0.56
C TRP B 310 -26.90 10.83 1.38
N LEU B 311 -25.87 10.31 2.05
CA LEU B 311 -24.94 11.11 2.91
C LEU B 311 -24.21 12.17 2.08
N HIS B 312 -23.78 11.81 0.87
CA HIS B 312 -23.08 12.73 -0.07
C HIS B 312 -23.99 13.87 -0.53
N MET B 313 -25.28 13.60 -0.72
CA MET B 313 -26.30 14.57 -1.24
C MET B 313 -27.46 14.69 -0.25
N PRO B 314 -27.40 15.64 0.73
CA PRO B 314 -28.52 15.88 1.63
C PRO B 314 -29.65 16.59 0.89
N VAL B 315 -30.86 16.03 0.91
CA VAL B 315 -32.03 16.56 0.16
C VAL B 315 -32.70 17.66 1.00
N ARG B 316 -33.19 18.69 0.32
CA ARG B 316 -33.87 19.89 0.89
C ARG B 316 -35.39 19.77 0.74
N ASP B 317 -35.86 18.90 -0.15
CA ASP B 317 -37.31 18.62 -0.30
C ASP B 317 -37.84 18.09 1.04
N THR B 318 -38.60 18.92 1.78
CA THR B 318 -39.12 18.56 3.14
C THR B 318 -40.00 17.31 3.07
N ARG B 319 -40.77 17.15 1.99
CA ARG B 319 -41.71 16.01 1.83
C ARG B 319 -40.94 14.67 1.86
N VAL B 320 -39.82 14.57 1.15
CA VAL B 320 -38.99 13.31 1.10
C VAL B 320 -38.45 13.03 2.51
N LEU B 321 -37.96 14.06 3.21
CA LEU B 321 -37.34 13.91 4.56
C LEU B 321 -38.40 13.39 5.54
N LEU B 322 -39.59 14.02 5.54
CA LEU B 322 -40.70 13.66 6.45
C LEU B 322 -41.08 12.18 6.26
N GLU B 323 -41.15 11.71 5.01
CA GLU B 323 -41.51 10.30 4.65
C GLU B 323 -40.47 9.33 5.24
N ARG B 324 -39.19 9.69 5.17
CA ARG B 324 -38.06 8.90 5.72
C ARG B 324 -38.15 8.90 7.26
N GLN B 325 -38.37 10.08 7.86
CA GLN B 325 -38.50 10.27 9.32
C GLN B 325 -39.66 9.42 9.87
N GLN B 326 -40.84 9.53 9.25
CA GLN B 326 -42.05 8.76 9.61
C GLN B 326 -41.76 7.26 9.50
N THR B 327 -41.21 6.82 8.36
CA THR B 327 -40.84 5.42 8.04
C THR B 327 -39.90 4.88 9.14
N ILE B 328 -38.77 5.55 9.35
CA ILE B 328 -37.74 5.21 10.37
C ILE B 328 -38.42 5.00 11.74
N GLY B 329 -39.38 5.88 12.07
CA GLY B 329 -40.19 5.81 13.31
C GLY B 329 -41.10 4.60 13.34
N ALA B 330 -41.74 4.29 12.21
CA ALA B 330 -42.72 3.19 12.07
C ALA B 330 -42.00 1.83 12.04
N LEU B 331 -40.75 1.79 11.56
CA LEU B 331 -39.91 0.56 11.43
C LEU B 331 -39.22 0.17 12.75
N GLN B 332 -39.07 1.13 13.69
CA GLN B 332 -38.27 1.03 14.94
C GLN B 332 -38.44 -0.32 15.64
N ASP B 333 -39.68 -0.78 15.82
CA ASP B 333 -40.02 -1.98 16.64
C ASP B 333 -39.91 -3.25 15.80
N PHE B 334 -39.80 -3.13 14.47
CA PHE B 334 -39.86 -4.25 13.48
C PHE B 334 -38.44 -4.64 13.00
N THR B 335 -37.43 -3.80 13.28
CA THR B 335 -36.00 -3.91 12.87
C THR B 335 -35.45 -5.33 13.06
N ALA B 336 -35.58 -5.89 14.27
CA ALA B 336 -34.98 -7.18 14.69
C ALA B 336 -35.40 -8.29 13.70
N GLY B 337 -36.67 -8.30 13.29
CA GLY B 337 -37.25 -9.35 12.42
C GLY B 337 -36.94 -9.12 10.95
N LEU B 338 -36.67 -7.87 10.55
CA LEU B 338 -36.52 -7.42 9.13
C LEU B 338 -35.08 -7.62 8.64
N GLN B 339 -34.09 -7.26 9.47
CA GLN B 339 -32.67 -7.12 9.04
C GLN B 339 -32.11 -8.48 8.58
N PRO B 340 -32.31 -9.57 9.36
CA PRO B 340 -31.83 -10.89 8.95
C PRO B 340 -32.44 -11.37 7.62
N VAL B 341 -33.66 -10.95 7.32
CA VAL B 341 -34.38 -11.28 6.05
C VAL B 341 -33.80 -10.43 4.92
N LEU B 342 -33.61 -9.13 5.17
CA LEU B 342 -33.01 -8.17 4.20
C LEU B 342 -31.58 -8.59 3.87
N ARG B 343 -30.83 -9.10 4.85
CA ARG B 343 -29.41 -9.51 4.72
C ARG B 343 -29.25 -10.55 3.60
N GLN B 344 -30.22 -11.45 3.45
CA GLN B 344 -30.18 -12.58 2.47
C GLN B 344 -30.34 -12.06 1.04
N VAL B 345 -30.98 -10.89 0.85
CA VAL B 345 -31.23 -10.25 -0.48
C VAL B 345 -29.88 -10.01 -1.15
N GLY B 346 -28.93 -9.39 -0.42
CA GLY B 346 -27.57 -9.10 -0.90
C GLY B 346 -27.58 -8.00 -1.95
N ASP B 347 -26.56 -8.00 -2.81
CA ASP B 347 -26.34 -6.98 -3.87
C ASP B 347 -27.17 -7.36 -5.11
N LEU B 348 -28.48 -7.12 -5.06
CA LEU B 348 -29.42 -7.42 -6.17
C LEU B 348 -29.28 -6.37 -7.27
N GLU B 349 -28.82 -5.17 -6.93
CA GLU B 349 -28.74 -4.00 -7.85
C GLU B 349 -27.75 -4.31 -8.98
N ARG B 350 -26.53 -4.72 -8.60
CA ARG B 350 -25.41 -4.96 -9.55
C ARG B 350 -25.67 -6.27 -10.31
N ILE B 351 -26.50 -7.17 -9.75
CA ILE B 351 -26.94 -8.43 -10.41
C ILE B 351 -27.86 -8.08 -11.58
N LEU B 352 -28.78 -7.14 -11.38
CA LEU B 352 -29.74 -6.66 -12.42
C LEU B 352 -28.98 -5.97 -13.56
N ALA B 353 -27.89 -5.28 -13.24
CA ALA B 353 -26.98 -4.64 -14.23
C ALA B 353 -26.45 -5.72 -15.18
N ARG B 354 -26.01 -6.85 -14.63
CA ARG B 354 -25.42 -7.99 -15.38
C ARG B 354 -26.53 -8.72 -16.16
N LEU B 355 -27.76 -8.68 -15.67
CA LEU B 355 -28.96 -9.20 -16.39
C LEU B 355 -29.24 -8.31 -17.61
N ALA B 356 -29.29 -6.99 -17.41
CA ALA B 356 -29.56 -5.97 -18.44
C ALA B 356 -28.50 -6.02 -19.56
N LEU B 357 -27.25 -6.28 -19.19
CA LEU B 357 -26.08 -6.37 -20.11
C LEU B 357 -25.93 -7.80 -20.64
N ARG B 358 -26.71 -8.75 -20.11
CA ARG B 358 -26.72 -10.18 -20.49
C ARG B 358 -25.34 -10.79 -20.16
N THR B 359 -24.75 -10.37 -19.04
CA THR B 359 -23.42 -10.80 -18.55
C THR B 359 -23.55 -11.58 -17.23
N ALA B 360 -24.77 -11.69 -16.69
CA ALA B 360 -25.08 -12.31 -15.38
C ALA B 360 -24.47 -13.72 -15.31
N ARG B 361 -23.87 -14.06 -14.16
CA ARG B 361 -23.21 -15.36 -13.88
C ARG B 361 -24.17 -16.23 -13.05
N PRO B 362 -24.02 -17.58 -13.10
CA PRO B 362 -24.97 -18.49 -12.45
C PRO B 362 -25.43 -18.11 -11.04
N ARG B 363 -24.48 -17.70 -10.17
CA ARG B 363 -24.73 -17.42 -8.74
C ARG B 363 -25.36 -16.04 -8.58
N ASP B 364 -25.34 -15.20 -9.63
CA ASP B 364 -26.08 -13.91 -9.68
C ASP B 364 -27.58 -14.22 -9.84
N LEU B 365 -27.92 -15.21 -10.66
CA LEU B 365 -29.32 -15.68 -10.87
C LEU B 365 -29.80 -16.42 -9.62
N ALA B 366 -28.88 -17.11 -8.92
CA ALA B 366 -29.14 -17.86 -7.67
C ALA B 366 -29.50 -16.89 -6.53
N ARG B 367 -28.73 -15.79 -6.40
CA ARG B 367 -28.93 -14.75 -5.35
C ARG B 367 -30.19 -13.94 -5.66
N MET B 368 -30.52 -13.76 -6.95
CA MET B 368 -31.75 -13.09 -7.41
C MET B 368 -32.95 -13.95 -7.02
N ARG B 369 -32.87 -15.27 -7.26
CA ARG B 369 -33.91 -16.25 -6.88
C ARG B 369 -34.10 -16.20 -5.36
N HIS B 370 -32.99 -16.18 -4.62
CA HIS B 370 -32.96 -16.15 -3.14
C HIS B 370 -33.58 -14.85 -2.63
N ALA B 371 -33.34 -13.74 -3.36
CA ALA B 371 -33.87 -12.38 -3.05
C ALA B 371 -35.39 -12.36 -3.20
N PHE B 372 -35.93 -13.03 -4.23
CA PHE B 372 -37.39 -13.14 -4.49
C PHE B 372 -38.07 -13.97 -3.40
N GLN B 373 -37.38 -15.01 -2.89
CA GLN B 373 -37.90 -15.93 -1.85
C GLN B 373 -38.11 -15.21 -0.53
N GLN B 374 -37.47 -14.05 -0.33
CA GLN B 374 -37.57 -13.22 0.90
C GLN B 374 -38.74 -12.22 0.79
N LEU B 375 -39.15 -11.84 -0.42
CA LEU B 375 -40.18 -10.78 -0.66
C LEU B 375 -41.45 -11.07 0.15
N PRO B 376 -42.00 -12.31 0.12
CA PRO B 376 -43.23 -12.61 0.88
C PRO B 376 -43.10 -12.31 2.38
N GLU B 377 -41.97 -12.68 2.99
CA GLU B 377 -41.67 -12.48 4.44
C GLU B 377 -41.53 -10.98 4.73
N LEU B 378 -40.91 -10.23 3.82
CA LEU B 378 -40.77 -8.75 3.90
C LEU B 378 -42.17 -8.11 3.83
N ARG B 379 -42.94 -8.50 2.80
CA ARG B 379 -44.32 -8.01 2.56
C ARG B 379 -45.23 -8.34 3.75
N ALA B 380 -45.00 -9.47 4.42
CA ALA B 380 -45.78 -9.95 5.59
C ALA B 380 -45.45 -9.09 6.82
N GLN B 381 -44.17 -8.77 7.03
CA GLN B 381 -43.68 -8.03 8.22
C GLN B 381 -43.99 -6.53 8.08
N LEU B 382 -44.17 -6.03 6.86
CA LEU B 382 -44.47 -4.59 6.55
C LEU B 382 -45.98 -4.32 6.55
N GLU B 383 -46.79 -5.36 6.32
CA GLU B 383 -48.26 -5.33 6.07
C GLU B 383 -48.96 -4.41 7.08
N THR B 384 -48.64 -4.56 8.36
CA THR B 384 -49.36 -3.83 9.46
C THR B 384 -48.77 -2.46 9.73
N VAL B 385 -47.58 -2.15 9.18
CA VAL B 385 -46.85 -0.87 9.49
C VAL B 385 -47.67 0.31 8.97
N ASP B 386 -48.23 1.12 9.89
CA ASP B 386 -49.10 2.27 9.54
C ASP B 386 -48.18 3.39 9.06
N SER B 387 -47.87 3.39 7.75
CA SER B 387 -46.94 4.38 7.12
C SER B 387 -47.13 4.32 5.59
N ALA B 388 -47.64 5.40 4.99
CA ALA B 388 -47.89 5.46 3.54
C ALA B 388 -46.62 5.15 2.74
N PRO B 389 -45.44 5.72 3.09
CA PRO B 389 -44.20 5.43 2.36
C PRO B 389 -43.77 3.95 2.43
N VAL B 390 -43.91 3.30 3.60
CA VAL B 390 -43.62 1.85 3.80
C VAL B 390 -44.48 1.02 2.84
N GLN B 391 -45.79 1.31 2.81
CA GLN B 391 -46.79 0.60 1.96
C GLN B 391 -46.50 0.88 0.49
N ALA B 392 -45.99 2.07 0.16
CA ALA B 392 -45.58 2.50 -1.20
C ALA B 392 -44.39 1.64 -1.66
N LEU B 393 -43.39 1.43 -0.80
CA LEU B 393 -42.17 0.62 -1.07
C LEU B 393 -42.48 -0.88 -1.00
N ARG B 394 -43.55 -1.26 -0.29
CA ARG B 394 -44.03 -2.67 -0.14
C ARG B 394 -44.75 -3.09 -1.43
N GLU B 395 -45.49 -2.16 -2.05
CA GLU B 395 -46.18 -2.36 -3.35
C GLU B 395 -45.13 -2.37 -4.48
N LYS B 396 -44.21 -1.40 -4.45
CA LYS B 396 -43.11 -1.23 -5.43
C LYS B 396 -42.19 -2.46 -5.40
N MET B 397 -42.03 -3.07 -4.22
CA MET B 397 -41.27 -4.34 -4.00
C MET B 397 -41.75 -5.44 -4.96
N GLY B 398 -43.07 -5.56 -5.13
CA GLY B 398 -43.72 -6.55 -6.02
C GLY B 398 -43.67 -7.96 -5.44
N GLU B 399 -43.73 -8.98 -6.30
CA GLU B 399 -43.76 -10.41 -5.90
C GLU B 399 -42.87 -11.23 -6.83
N PHE B 400 -43.16 -11.22 -8.14
CA PHE B 400 -42.44 -11.98 -9.21
C PHE B 400 -42.54 -13.49 -8.92
N ALA B 401 -43.74 -13.97 -8.63
CA ALA B 401 -44.04 -15.40 -8.34
C ALA B 401 -43.79 -16.26 -9.59
N GLU B 402 -44.01 -15.70 -10.78
CA GLU B 402 -43.77 -16.36 -12.09
C GLU B 402 -42.26 -16.58 -12.28
N LEU B 403 -41.47 -15.55 -12.03
CA LEU B 403 -39.99 -15.54 -12.23
C LEU B 403 -39.32 -16.34 -11.11
N ARG B 404 -39.85 -16.26 -9.87
CA ARG B 404 -39.38 -17.05 -8.71
C ARG B 404 -39.53 -18.55 -9.06
N ASP B 405 -40.70 -18.94 -9.59
CA ASP B 405 -41.01 -20.34 -9.99
C ASP B 405 -40.09 -20.76 -11.15
N LEU B 406 -39.91 -19.88 -12.14
CA LEU B 406 -39.06 -20.11 -13.35
C LEU B 406 -37.64 -20.52 -12.92
N LEU B 407 -36.99 -19.69 -12.09
CA LEU B 407 -35.58 -19.88 -11.65
C LEU B 407 -35.47 -21.11 -10.73
N GLU B 408 -36.51 -21.37 -9.92
CA GLU B 408 -36.59 -22.53 -8.99
C GLU B 408 -36.58 -23.83 -9.81
N ARG B 409 -37.31 -23.86 -10.93
CA ARG B 409 -37.39 -25.03 -11.85
C ARG B 409 -36.13 -25.09 -12.71
N ALA B 410 -35.70 -23.94 -13.26
CA ALA B 410 -34.64 -23.82 -14.29
C ALA B 410 -33.27 -24.24 -13.71
N ILE B 411 -32.84 -23.60 -12.63
CA ILE B 411 -31.44 -23.64 -12.10
C ILE B 411 -31.39 -24.51 -10.84
N ILE B 412 -30.25 -25.17 -10.60
CA ILE B 412 -30.01 -26.06 -9.41
C ILE B 412 -29.83 -25.17 -8.17
N ASP B 413 -29.78 -25.80 -6.98
CA ASP B 413 -29.73 -25.12 -5.66
C ASP B 413 -28.47 -24.23 -5.58
N THR B 414 -27.30 -24.80 -5.83
CA THR B 414 -25.98 -24.11 -5.78
C THR B 414 -25.17 -24.46 -7.03
N PRO B 415 -25.32 -23.70 -8.14
CA PRO B 415 -24.52 -23.92 -9.34
C PRO B 415 -23.05 -23.52 -9.16
N PRO B 416 -22.14 -23.98 -10.05
CA PRO B 416 -20.74 -23.53 -10.02
C PRO B 416 -20.62 -22.06 -10.44
N VAL B 417 -19.41 -21.50 -10.35
CA VAL B 417 -19.12 -20.06 -10.62
C VAL B 417 -19.37 -19.74 -12.10
N LEU B 418 -19.14 -20.71 -13.00
CA LEU B 418 -19.13 -20.51 -14.48
C LEU B 418 -20.10 -21.48 -15.17
N VAL B 419 -20.67 -21.04 -16.30
CA VAL B 419 -21.52 -21.92 -17.16
C VAL B 419 -20.61 -22.83 -17.98
N ARG B 420 -19.35 -22.39 -18.21
CA ARG B 420 -18.35 -23.09 -19.08
C ARG B 420 -18.44 -24.60 -18.91
N ASP B 421 -18.42 -25.14 -17.68
CA ASP B 421 -18.42 -26.61 -17.43
C ASP B 421 -19.83 -27.13 -17.17
N GLY B 422 -20.86 -26.41 -17.65
CA GLY B 422 -22.28 -26.81 -17.50
C GLY B 422 -22.68 -27.03 -16.07
N GLY B 423 -23.67 -27.90 -15.84
CA GLY B 423 -24.10 -28.26 -14.48
C GLY B 423 -24.80 -27.11 -13.76
N VAL B 424 -25.56 -26.29 -14.50
CA VAL B 424 -26.30 -25.11 -13.93
C VAL B 424 -27.82 -25.37 -14.01
N ILE B 425 -28.32 -25.83 -15.16
CA ILE B 425 -29.78 -26.05 -15.38
C ILE B 425 -30.18 -27.32 -14.61
N ALA B 426 -31.31 -27.29 -13.91
CA ALA B 426 -31.77 -28.36 -13.00
C ALA B 426 -32.57 -29.41 -13.79
N SER B 427 -32.74 -30.59 -13.19
CA SER B 427 -33.44 -31.77 -13.78
C SER B 427 -34.97 -31.58 -13.69
N GLY B 428 -35.69 -31.83 -14.79
CA GLY B 428 -37.16 -31.74 -14.88
C GLY B 428 -37.60 -30.57 -15.76
N TYR B 429 -36.87 -29.46 -15.70
CA TYR B 429 -37.10 -28.20 -16.47
C TYR B 429 -37.19 -28.54 -17.97
N ASN B 430 -36.15 -29.19 -18.49
CA ASN B 430 -36.00 -29.51 -19.93
C ASN B 430 -35.76 -31.01 -20.08
N GLU B 431 -36.70 -31.70 -20.74
CA GLU B 431 -36.78 -33.17 -20.98
C GLU B 431 -35.67 -33.65 -21.93
N GLU B 432 -35.22 -32.76 -22.83
CA GLU B 432 -34.08 -32.98 -23.76
C GLU B 432 -32.78 -33.03 -22.95
N LEU B 433 -32.60 -32.06 -22.03
CA LEU B 433 -31.40 -31.93 -21.16
C LEU B 433 -31.24 -33.21 -20.31
N ASP B 434 -32.33 -33.64 -19.68
CA ASP B 434 -32.38 -34.84 -18.78
C ASP B 434 -31.93 -36.07 -19.57
N GLU B 435 -32.28 -36.15 -20.86
CA GLU B 435 -31.91 -37.26 -21.78
C GLU B 435 -30.40 -37.22 -22.05
N TRP B 436 -29.86 -36.04 -22.36
CA TRP B 436 -28.42 -35.83 -22.67
C TRP B 436 -27.57 -36.14 -21.44
N ARG B 437 -28.07 -35.88 -20.23
CA ARG B 437 -27.36 -36.15 -18.95
C ARG B 437 -27.48 -37.63 -18.58
N ALA B 438 -28.66 -38.22 -18.81
CA ALA B 438 -29.00 -39.63 -18.49
C ALA B 438 -28.05 -40.54 -19.27
N LEU B 439 -27.72 -40.18 -20.51
CA LEU B 439 -26.73 -40.87 -21.37
C LEU B 439 -25.32 -40.68 -20.78
N ALA B 440 -25.00 -39.46 -20.34
CA ALA B 440 -23.69 -39.08 -19.74
C ALA B 440 -23.48 -39.83 -18.42
N ASP B 441 -24.54 -40.07 -17.65
CA ASP B 441 -24.50 -40.75 -16.32
C ASP B 441 -24.76 -42.27 -16.48
N GLY B 442 -25.41 -42.69 -17.56
CA GLY B 442 -25.71 -44.11 -17.86
C GLY B 442 -24.51 -44.80 -18.48
N ALA B 443 -23.67 -44.03 -19.19
CA ALA B 443 -22.33 -44.46 -19.66
C ALA B 443 -21.38 -44.53 -18.47
N THR B 444 -21.44 -43.55 -17.56
CA THR B 444 -20.61 -43.46 -16.33
C THR B 444 -20.79 -44.74 -15.50
N ASP B 445 -22.04 -45.23 -15.38
CA ASP B 445 -22.44 -46.45 -14.62
C ASP B 445 -22.07 -47.73 -15.38
N TYR B 446 -22.23 -47.73 -16.71
CA TYR B 446 -21.70 -48.79 -17.62
C TYR B 446 -20.18 -48.96 -17.43
N LEU B 447 -19.40 -47.87 -17.49
CA LEU B 447 -17.91 -47.90 -17.43
C LEU B 447 -17.43 -48.22 -16.01
N GLU B 448 -18.23 -47.93 -14.98
CA GLU B 448 -18.00 -48.38 -13.58
C GLU B 448 -18.31 -49.88 -13.46
N ARG B 449 -19.37 -50.34 -14.11
CA ARG B 449 -19.76 -51.77 -14.19
C ARG B 449 -18.73 -52.53 -15.03
N LEU B 450 -18.19 -51.94 -16.09
CA LEU B 450 -17.10 -52.51 -16.93
C LEU B 450 -15.84 -52.73 -16.09
N GLU B 451 -15.50 -51.77 -15.21
CA GLU B 451 -14.37 -51.86 -14.25
C GLU B 451 -14.49 -53.15 -13.41
N VAL B 452 -15.70 -53.49 -12.96
CA VAL B 452 -15.98 -54.69 -12.11
C VAL B 452 -15.84 -55.96 -12.98
N ARG B 453 -16.49 -56.00 -14.15
CA ARG B 453 -16.44 -57.15 -15.10
C ARG B 453 -14.97 -57.46 -15.44
N GLU B 454 -14.24 -56.45 -15.94
CA GLU B 454 -12.83 -56.56 -16.39
C GLU B 454 -11.92 -56.95 -15.21
N ARG B 455 -12.18 -56.46 -13.99
CA ARG B 455 -11.42 -56.78 -12.75
C ARG B 455 -11.55 -58.27 -12.44
N GLU B 456 -12.78 -58.80 -12.45
CA GLU B 456 -13.10 -60.23 -12.18
C GLU B 456 -12.56 -61.10 -13.32
N ARG B 457 -12.76 -60.71 -14.58
CA ARG B 457 -12.34 -61.49 -15.77
C ARG B 457 -10.81 -61.64 -15.81
N THR B 458 -10.09 -60.52 -15.71
CA THR B 458 -8.60 -60.45 -15.77
C THR B 458 -7.99 -61.05 -14.49
N GLY B 459 -8.58 -60.74 -13.33
CA GLY B 459 -8.07 -61.15 -12.02
C GLY B 459 -6.95 -60.23 -11.53
N LEU B 460 -6.85 -59.03 -12.09
CA LEU B 460 -5.83 -58.00 -11.73
C LEU B 460 -6.45 -57.02 -10.73
N ASP B 461 -5.99 -57.06 -9.46
CA ASP B 461 -6.59 -56.33 -8.31
C ASP B 461 -6.32 -54.82 -8.42
N THR B 462 -5.27 -54.41 -9.14
CA THR B 462 -4.85 -53.00 -9.33
C THR B 462 -5.63 -52.33 -10.47
N LEU B 463 -6.42 -53.10 -11.24
CA LEU B 463 -7.19 -52.60 -12.41
C LEU B 463 -8.12 -51.48 -11.95
N LYS B 464 -8.03 -50.29 -12.59
CA LYS B 464 -8.88 -49.09 -12.27
C LYS B 464 -9.20 -48.26 -13.55
N VAL B 465 -10.48 -48.03 -13.89
CA VAL B 465 -11.02 -47.29 -15.06
C VAL B 465 -10.90 -45.81 -14.67
N GLY B 466 -10.11 -45.04 -15.43
CA GLY B 466 -9.96 -43.58 -15.29
C GLY B 466 -10.26 -42.83 -16.58
N PHE B 467 -10.24 -41.49 -16.52
CA PHE B 467 -10.55 -40.57 -17.64
C PHE B 467 -9.46 -39.50 -17.79
N ASN B 468 -9.26 -39.03 -19.04
CA ASN B 468 -8.21 -38.05 -19.45
C ASN B 468 -8.74 -37.17 -20.60
N ALA B 469 -8.70 -35.84 -20.48
CA ALA B 469 -9.24 -34.86 -21.47
C ALA B 469 -8.73 -35.16 -22.88
N VAL B 470 -7.46 -35.52 -23.01
CA VAL B 470 -6.79 -35.80 -24.31
C VAL B 470 -7.24 -37.17 -24.82
N HIS B 471 -6.99 -38.23 -24.05
CA HIS B 471 -7.15 -39.65 -24.44
C HIS B 471 -8.62 -40.08 -24.35
N GLY B 472 -9.42 -39.38 -23.53
CA GLY B 472 -10.75 -39.81 -23.07
C GLY B 472 -10.65 -40.80 -21.93
N TYR B 473 -11.38 -41.91 -22.01
CA TYR B 473 -11.34 -43.04 -21.05
C TYR B 473 -10.18 -43.99 -21.36
N TYR B 474 -9.82 -44.82 -20.38
CA TYR B 474 -8.75 -45.85 -20.43
C TYR B 474 -8.95 -46.87 -19.32
N ILE B 475 -8.25 -48.01 -19.41
CA ILE B 475 -8.14 -49.03 -18.34
C ILE B 475 -6.71 -48.97 -17.80
N GLN B 476 -6.53 -48.67 -16.51
CA GLN B 476 -5.21 -48.51 -15.86
C GLN B 476 -4.85 -49.76 -15.05
N ILE B 477 -3.68 -50.36 -15.32
CA ILE B 477 -3.08 -51.52 -14.60
C ILE B 477 -1.70 -51.11 -14.08
N SER B 478 -1.27 -51.63 -12.92
CA SER B 478 0.08 -51.40 -12.34
C SER B 478 1.16 -51.99 -13.27
N ARG B 479 2.36 -51.39 -13.28
CA ARG B 479 3.52 -51.83 -14.11
C ARG B 479 3.80 -53.32 -13.87
N GLY B 480 3.72 -53.76 -12.62
CA GLY B 480 3.94 -55.17 -12.22
C GLY B 480 2.95 -56.13 -12.85
N GLN B 481 1.71 -55.70 -13.08
CA GLN B 481 0.59 -56.52 -13.61
C GLN B 481 0.24 -56.11 -15.05
N SER B 482 1.04 -55.24 -15.67
CA SER B 482 0.81 -54.64 -17.00
C SER B 482 0.92 -55.71 -18.10
N HIS B 483 1.93 -56.58 -18.02
CA HIS B 483 2.22 -57.65 -19.01
C HIS B 483 1.14 -58.75 -18.99
N LEU B 484 0.33 -58.82 -17.92
CA LEU B 484 -0.75 -59.84 -17.73
C LEU B 484 -2.06 -59.37 -18.36
N ALA B 485 -2.13 -58.13 -18.87
CA ALA B 485 -3.32 -57.54 -19.53
C ALA B 485 -3.78 -58.45 -20.67
N PRO B 486 -5.11 -58.56 -20.93
CA PRO B 486 -5.61 -59.26 -22.11
C PRO B 486 -4.99 -58.70 -23.40
N ILE B 487 -4.86 -59.54 -24.42
CA ILE B 487 -4.19 -59.22 -25.71
C ILE B 487 -5.05 -58.22 -26.50
N ASN B 488 -6.38 -58.25 -26.29
CA ASN B 488 -7.35 -57.32 -26.95
C ASN B 488 -7.16 -55.89 -26.41
N TYR B 489 -6.62 -55.74 -25.18
CA TYR B 489 -6.22 -54.43 -24.59
C TYR B 489 -5.12 -53.80 -25.44
N MET B 490 -5.39 -52.61 -26.01
CA MET B 490 -4.44 -51.86 -26.87
C MET B 490 -3.78 -50.75 -26.05
N ARG B 491 -2.47 -50.86 -25.83
CA ARG B 491 -1.68 -49.88 -25.05
C ARG B 491 -1.83 -48.50 -25.71
N ARG B 492 -2.05 -47.47 -24.91
CA ARG B 492 -2.13 -46.05 -25.34
C ARG B 492 -1.14 -45.19 -24.57
N GLN B 493 -1.20 -45.20 -23.22
CA GLN B 493 -0.35 -44.34 -22.35
C GLN B 493 0.38 -45.22 -21.32
N THR B 494 1.72 -45.13 -21.30
CA THR B 494 2.61 -45.70 -20.25
C THR B 494 2.98 -44.59 -19.27
N LEU B 495 3.00 -44.94 -17.98
CA LEU B 495 3.45 -44.09 -16.84
C LEU B 495 4.49 -44.88 -16.05
N LYS B 496 5.06 -44.24 -15.01
CA LYS B 496 6.20 -44.75 -14.20
C LYS B 496 5.85 -46.10 -13.57
N ASN B 497 4.65 -46.22 -12.97
CA ASN B 497 4.16 -47.45 -12.28
C ASN B 497 2.71 -47.75 -12.67
N ALA B 498 2.33 -47.49 -13.93
CA ALA B 498 0.99 -47.78 -14.48
C ALA B 498 1.01 -47.77 -16.01
N GLU B 499 0.10 -48.53 -16.64
CA GLU B 499 -0.10 -48.66 -18.12
C GLU B 499 -1.60 -48.48 -18.41
N ARG B 500 -1.94 -47.64 -19.39
CA ARG B 500 -3.33 -47.28 -19.77
C ARG B 500 -3.65 -47.84 -21.16
N TYR B 501 -4.76 -48.57 -21.26
CA TYR B 501 -5.19 -49.33 -22.47
C TYR B 501 -6.53 -48.82 -22.98
N ILE B 502 -6.90 -49.23 -24.19
CA ILE B 502 -8.22 -48.95 -24.85
C ILE B 502 -8.71 -50.21 -25.58
N ILE B 503 -10.02 -50.44 -25.64
CA ILE B 503 -10.65 -51.50 -26.47
C ILE B 503 -11.71 -50.86 -27.35
N PRO B 504 -12.06 -51.48 -28.50
CA PRO B 504 -13.15 -50.98 -29.34
C PRO B 504 -14.49 -50.83 -28.59
N GLU B 505 -14.77 -51.66 -27.58
CA GLU B 505 -15.98 -51.59 -26.72
C GLU B 505 -15.96 -50.32 -25.87
N LEU B 506 -14.78 -49.85 -25.46
CA LEU B 506 -14.60 -48.64 -24.62
C LEU B 506 -14.76 -47.38 -25.47
N LYS B 507 -14.24 -47.40 -26.70
CA LYS B 507 -14.28 -46.23 -27.63
C LYS B 507 -15.69 -46.08 -28.22
N GLU B 508 -16.45 -47.17 -28.35
CA GLU B 508 -17.91 -47.15 -28.63
C GLU B 508 -18.61 -46.34 -27.53
N TYR B 509 -18.31 -46.61 -26.27
CA TYR B 509 -18.93 -45.93 -25.09
C TYR B 509 -18.40 -44.50 -24.96
N GLU B 510 -17.11 -44.29 -25.24
CA GLU B 510 -16.47 -42.94 -25.25
C GLU B 510 -17.15 -42.03 -26.28
N ASP B 511 -17.45 -42.56 -27.46
CA ASP B 511 -18.16 -41.87 -28.57
C ASP B 511 -19.54 -41.35 -28.11
N LYS B 512 -20.25 -42.09 -27.24
CA LYS B 512 -21.54 -41.73 -26.61
C LYS B 512 -21.39 -40.60 -25.58
N VAL B 513 -20.38 -40.70 -24.73
CA VAL B 513 -20.14 -39.75 -23.58
C VAL B 513 -19.80 -38.37 -24.12
N LEU B 514 -18.98 -38.32 -25.17
CA LEU B 514 -18.49 -37.07 -25.84
C LEU B 514 -19.66 -36.35 -26.50
N THR B 515 -20.43 -37.10 -27.31
CA THR B 515 -21.59 -36.59 -28.09
C THR B 515 -22.70 -36.15 -27.13
N SER B 516 -22.84 -36.83 -25.98
CA SER B 516 -23.77 -36.46 -24.88
C SER B 516 -23.34 -35.14 -24.23
N LYS B 517 -22.03 -35.01 -23.93
CA LYS B 517 -21.40 -33.82 -23.32
C LYS B 517 -21.61 -32.62 -24.25
N GLY B 518 -21.13 -32.72 -25.50
CA GLY B 518 -21.16 -31.65 -26.50
C GLY B 518 -22.57 -31.10 -26.70
N LYS B 519 -23.57 -31.98 -26.70
CA LYS B 519 -25.00 -31.60 -26.90
C LYS B 519 -25.55 -30.99 -25.62
N ALA B 520 -25.36 -31.68 -24.48
CA ALA B 520 -25.79 -31.24 -23.13
C ALA B 520 -25.25 -29.85 -22.83
N LEU B 521 -23.98 -29.60 -23.19
CA LEU B 521 -23.25 -28.34 -22.88
C LEU B 521 -23.80 -27.19 -23.74
N ALA B 522 -23.96 -27.45 -25.04
CA ALA B 522 -24.44 -26.48 -26.05
C ALA B 522 -25.88 -26.06 -25.75
N LEU B 523 -26.73 -27.04 -25.40
CA LEU B 523 -28.16 -26.80 -25.06
C LEU B 523 -28.29 -26.01 -23.76
N GLU B 524 -27.41 -26.28 -22.77
CA GLU B 524 -27.37 -25.58 -21.46
C GLU B 524 -27.17 -24.08 -21.68
N LYS B 525 -26.26 -23.72 -22.58
CA LYS B 525 -25.92 -22.31 -22.89
C LYS B 525 -27.04 -21.67 -23.71
N GLN B 526 -27.81 -22.46 -24.48
CA GLN B 526 -29.06 -22.01 -25.15
C GLN B 526 -30.10 -21.66 -24.07
N LEU B 527 -30.32 -22.56 -23.11
CA LEU B 527 -31.30 -22.39 -22.01
C LEU B 527 -30.84 -21.28 -21.05
N TYR B 528 -29.53 -21.02 -20.97
CA TYR B 528 -28.93 -19.97 -20.12
C TYR B 528 -29.22 -18.58 -20.72
N GLU B 529 -28.94 -18.41 -22.02
CA GLU B 529 -29.20 -17.18 -22.78
C GLU B 529 -30.72 -16.98 -22.95
N GLU B 530 -31.51 -18.06 -22.85
CA GLU B 530 -32.99 -18.06 -22.91
C GLU B 530 -33.57 -17.38 -21.65
N LEU B 531 -32.96 -17.63 -20.49
CA LEU B 531 -33.40 -17.07 -19.18
C LEU B 531 -33.42 -15.53 -19.22
N PHE B 532 -32.45 -14.92 -19.90
CA PHE B 532 -32.34 -13.44 -20.06
C PHE B 532 -33.52 -12.93 -20.89
N ASP B 533 -33.92 -13.68 -21.91
CA ASP B 533 -35.07 -13.35 -22.81
C ASP B 533 -36.39 -13.31 -22.01
N LEU B 534 -36.48 -14.12 -20.95
CA LEU B 534 -37.71 -14.28 -20.11
C LEU B 534 -37.72 -13.24 -18.97
N LEU B 535 -36.55 -12.71 -18.59
CA LEU B 535 -36.36 -11.85 -17.39
C LEU B 535 -36.29 -10.36 -17.79
N LEU B 536 -35.66 -10.04 -18.93
CA LEU B 536 -35.47 -8.65 -19.43
C LEU B 536 -36.81 -7.90 -19.47
N PRO B 537 -37.92 -8.50 -19.97
CA PRO B 537 -39.21 -7.80 -20.02
C PRO B 537 -39.71 -7.20 -18.69
N HIS B 538 -39.33 -7.78 -17.54
CA HIS B 538 -39.76 -7.35 -16.18
C HIS B 538 -38.72 -6.45 -15.51
N LEU B 539 -37.65 -6.07 -16.24
CA LEU B 539 -36.49 -5.32 -15.70
C LEU B 539 -36.94 -4.03 -15.02
N GLU B 540 -37.89 -3.31 -15.62
CA GLU B 540 -38.45 -2.03 -15.10
C GLU B 540 -38.97 -2.24 -13.68
N ALA B 541 -39.83 -3.24 -13.50
CA ALA B 541 -40.46 -3.62 -12.23
C ALA B 541 -39.40 -4.11 -11.23
N LEU B 542 -38.39 -4.84 -11.73
CA LEU B 542 -37.29 -5.41 -10.91
C LEU B 542 -36.37 -4.29 -10.41
N GLN B 543 -36.13 -3.25 -11.22
CA GLN B 543 -35.31 -2.07 -10.85
C GLN B 543 -36.01 -1.27 -9.75
N GLN B 544 -37.31 -1.01 -9.94
CA GLN B 544 -38.17 -0.34 -8.92
C GLN B 544 -38.19 -1.17 -7.64
N SER B 545 -38.27 -2.49 -7.77
CA SER B 545 -38.22 -3.47 -6.65
C SER B 545 -36.89 -3.34 -5.91
N ALA B 546 -35.77 -3.49 -6.62
CA ALA B 546 -34.40 -3.39 -6.09
C ALA B 546 -34.17 -2.02 -5.47
N SER B 547 -34.70 -0.96 -6.10
CA SER B 547 -34.65 0.45 -5.63
C SER B 547 -35.40 0.59 -4.31
N ALA B 548 -36.57 -0.07 -4.21
CA ALA B 548 -37.44 -0.08 -3.01
C ALA B 548 -36.78 -0.86 -1.87
N LEU B 549 -36.21 -2.03 -2.19
CA LEU B 549 -35.53 -2.93 -1.21
C LEU B 549 -34.29 -2.23 -0.65
N ALA B 550 -33.47 -1.66 -1.53
CA ALA B 550 -32.26 -0.88 -1.20
C ALA B 550 -32.62 0.25 -0.22
N GLU B 551 -33.62 1.04 -0.58
CA GLU B 551 -34.15 2.19 0.21
C GLU B 551 -34.69 1.68 1.55
N LEU B 552 -35.35 0.52 1.56
CA LEU B 552 -35.88 -0.12 2.80
C LEU B 552 -34.71 -0.47 3.72
N ASP B 553 -33.66 -1.08 3.18
CA ASP B 553 -32.43 -1.48 3.92
C ASP B 553 -31.81 -0.25 4.59
N VAL B 554 -31.72 0.87 3.88
CA VAL B 554 -31.15 2.17 4.38
C VAL B 554 -31.98 2.62 5.58
N LEU B 555 -33.31 2.65 5.42
CA LEU B 555 -34.25 3.22 6.42
C LEU B 555 -34.47 2.24 7.57
N VAL B 556 -34.41 0.93 7.31
CA VAL B 556 -34.41 -0.14 8.36
C VAL B 556 -33.12 -0.02 9.17
N ASN B 557 -31.99 0.19 8.50
CA ASN B 557 -30.66 0.40 9.13
C ASN B 557 -30.71 1.64 10.02
N LEU B 558 -31.14 2.78 9.47
CA LEU B 558 -31.23 4.07 10.18
C LEU B 558 -32.23 3.96 11.35
N ALA B 559 -33.26 3.11 11.22
CA ALA B 559 -34.24 2.79 12.29
C ALA B 559 -33.56 1.97 13.39
N GLU B 560 -32.70 1.03 13.02
CA GLU B 560 -31.87 0.21 13.95
C GLU B 560 -30.89 1.14 14.68
N ARG B 561 -30.17 1.98 13.92
CA ARG B 561 -29.15 2.93 14.44
C ARG B 561 -29.83 3.92 15.40
N ALA B 562 -30.95 4.53 14.97
CA ALA B 562 -31.72 5.54 15.73
C ALA B 562 -32.14 4.97 17.09
N TYR B 563 -32.54 3.71 17.12
CA TYR B 563 -33.02 3.02 18.35
C TYR B 563 -31.84 2.57 19.21
N THR B 564 -30.84 1.94 18.58
CA THR B 564 -29.63 1.38 19.24
C THR B 564 -28.81 2.52 19.86
N LEU B 565 -28.59 3.60 19.12
CA LEU B 565 -27.70 4.74 19.50
C LEU B 565 -28.51 5.87 20.15
N ASN B 566 -29.84 5.71 20.27
CA ASN B 566 -30.75 6.65 20.96
C ASN B 566 -30.71 8.02 20.25
N TYR B 567 -31.20 8.07 19.01
CA TYR B 567 -31.39 9.30 18.21
C TYR B 567 -32.84 9.76 18.32
N THR B 568 -33.13 11.01 17.94
CA THR B 568 -34.49 11.62 17.92
C THR B 568 -34.75 12.22 16.53
N SER B 569 -36.03 12.48 16.23
CA SER B 569 -36.53 13.04 14.95
C SER B 569 -36.42 14.56 14.97
N PRO B 570 -35.64 15.18 14.05
CA PRO B 570 -35.56 16.64 13.95
C PRO B 570 -36.77 17.23 13.21
N THR B 571 -37.35 18.31 13.75
CA THR B 571 -38.46 19.10 13.16
C THR B 571 -37.88 20.32 12.43
N PHE B 572 -38.60 20.84 11.43
CA PHE B 572 -38.15 21.93 10.53
C PHE B 572 -38.99 23.19 10.74
N ILE B 573 -38.35 24.35 10.66
CA ILE B 573 -38.98 25.70 10.64
C ILE B 573 -38.69 26.33 9.27
N ASP B 574 -39.48 27.35 8.89
CA ASP B 574 -39.46 27.95 7.53
C ASP B 574 -38.26 28.88 7.36
N LYS B 575 -37.75 29.45 8.46
CA LYS B 575 -36.64 30.46 8.46
C LYS B 575 -35.44 29.89 9.20
N PRO B 576 -34.22 30.39 8.94
CA PRO B 576 -33.00 29.75 9.42
C PRO B 576 -32.86 29.77 10.95
N GLY B 577 -32.30 28.69 11.50
CA GLY B 577 -32.12 28.46 12.95
C GLY B 577 -31.86 27.00 13.27
N ILE B 578 -31.11 26.72 14.33
CA ILE B 578 -30.85 25.34 14.85
C ILE B 578 -30.98 25.37 16.37
N ARG B 579 -31.94 24.62 16.93
CA ARG B 579 -32.18 24.45 18.39
C ARG B 579 -31.96 22.97 18.76
N ILE B 580 -30.71 22.60 19.09
CA ILE B 580 -30.34 21.22 19.53
C ILE B 580 -30.39 21.14 21.07
N THR B 581 -30.84 20.00 21.61
CA THR B 581 -30.87 19.67 23.05
C THR B 581 -30.14 18.34 23.29
N GLU B 582 -28.95 18.39 23.88
CA GLU B 582 -28.07 17.24 24.20
C GLU B 582 -27.63 16.54 22.90
N GLY B 583 -27.08 17.32 21.97
CA GLY B 583 -26.51 16.85 20.70
C GLY B 583 -25.13 16.23 20.91
N ARG B 584 -24.85 15.12 20.21
CA ARG B 584 -23.57 14.35 20.28
C ARG B 584 -22.96 14.20 18.88
N HIS B 585 -21.66 13.93 18.81
CA HIS B 585 -20.94 13.57 17.55
C HIS B 585 -21.23 12.11 17.28
N PRO B 586 -21.93 11.77 16.17
CA PRO B 586 -22.40 10.40 15.95
C PRO B 586 -21.26 9.37 15.81
N VAL B 587 -20.10 9.79 15.30
CA VAL B 587 -18.90 8.91 15.07
C VAL B 587 -18.13 8.77 16.39
N VAL B 588 -17.68 9.89 16.95
CA VAL B 588 -16.68 9.97 18.05
C VAL B 588 -17.22 9.23 19.29
N GLU B 589 -18.53 9.32 19.57
CA GLU B 589 -19.18 8.70 20.76
C GLU B 589 -19.14 7.17 20.66
N GLN B 590 -19.09 6.62 19.44
CA GLN B 590 -19.12 5.16 19.15
C GLN B 590 -17.69 4.61 19.11
N VAL B 591 -16.73 5.37 18.58
CA VAL B 591 -15.31 4.97 18.40
C VAL B 591 -14.58 4.99 19.76
N LEU B 592 -14.78 6.04 20.56
CA LEU B 592 -14.18 6.16 21.92
C LEU B 592 -15.18 5.59 22.92
N ASN B 593 -14.86 4.48 23.57
CA ASN B 593 -15.68 3.90 24.68
C ASN B 593 -15.29 4.55 26.01
N GLU B 594 -15.17 5.88 26.03
CA GLU B 594 -15.30 6.76 27.22
C GLU B 594 -16.52 7.64 26.96
N PRO B 595 -17.58 7.59 27.79
CA PRO B 595 -18.87 8.17 27.44
C PRO B 595 -18.80 9.64 27.00
N PHE B 596 -19.35 9.94 25.82
CA PHE B 596 -19.29 11.28 25.18
C PHE B 596 -20.17 12.27 25.94
N ILE B 597 -19.73 13.52 26.04
CA ILE B 597 -20.44 14.62 26.77
C ILE B 597 -21.32 15.35 25.75
N ALA B 598 -22.65 15.20 25.85
CA ALA B 598 -23.65 15.87 24.99
C ALA B 598 -23.75 17.37 25.33
N ASN B 599 -24.13 18.20 24.35
CA ASN B 599 -24.27 19.68 24.47
C ASN B 599 -25.39 20.20 23.59
N PRO B 600 -26.10 21.28 23.99
CA PRO B 600 -27.11 21.91 23.14
C PRO B 600 -26.51 22.90 22.14
N LEU B 601 -27.36 23.48 21.30
CA LEU B 601 -27.05 24.61 20.40
C LEU B 601 -28.31 25.47 20.24
N ASN B 602 -28.14 26.79 20.16
CA ASN B 602 -29.20 27.76 19.80
C ASN B 602 -28.62 28.77 18.79
N LEU B 603 -28.79 28.47 17.50
CA LEU B 603 -28.52 29.41 16.37
C LEU B 603 -29.84 29.94 15.81
N SER B 604 -29.92 31.26 15.58
CA SER B 604 -31.12 32.02 15.12
C SER B 604 -30.70 33.37 14.56
N PRO B 605 -31.59 34.14 13.88
CA PRO B 605 -31.25 35.49 13.43
C PRO B 605 -30.88 36.46 14.57
N GLN B 606 -31.32 36.18 15.81
CA GLN B 606 -30.99 36.96 17.04
C GLN B 606 -29.72 36.40 17.71
N ARG B 607 -29.22 35.24 17.22
CA ARG B 607 -28.03 34.55 17.79
C ARG B 607 -27.38 33.73 16.65
N ARG B 608 -26.88 34.39 15.60
CA ARG B 608 -26.36 33.79 14.34
C ARG B 608 -24.92 33.30 14.50
N MET B 609 -24.07 34.09 15.15
CA MET B 609 -22.62 33.80 15.35
C MET B 609 -22.37 33.46 16.81
N LEU B 610 -21.65 32.36 17.09
CA LEU B 610 -21.16 31.97 18.43
C LEU B 610 -19.63 31.99 18.44
N ILE B 611 -19.03 32.85 19.25
CA ILE B 611 -17.55 32.97 19.43
C ILE B 611 -17.14 31.91 20.46
N ILE B 612 -16.59 30.77 20.00
CA ILE B 612 -16.28 29.59 20.85
C ILE B 612 -14.80 29.66 21.25
N THR B 613 -14.54 29.86 22.55
CA THR B 613 -13.17 29.84 23.14
C THR B 613 -12.99 28.53 23.93
N GLY B 614 -11.82 28.32 24.57
CA GLY B 614 -11.55 27.13 25.40
C GLY B 614 -10.46 26.25 24.82
N PRO B 615 -9.77 25.37 25.59
CA PRO B 615 -8.81 24.44 24.99
C PRO B 615 -9.56 23.52 24.02
N ASN B 616 -9.00 23.20 22.85
CA ASN B 616 -9.71 22.41 21.82
C ASN B 616 -9.72 20.94 22.27
N MET B 617 -8.56 20.27 22.34
CA MET B 617 -8.45 18.88 22.87
C MET B 617 -9.50 17.98 22.21
N GLY B 618 -9.75 18.13 20.91
CA GLY B 618 -10.76 17.34 20.18
C GLY B 618 -12.14 17.47 20.79
N GLY B 619 -12.54 18.66 21.28
CA GLY B 619 -13.90 18.95 21.78
C GLY B 619 -14.48 20.22 21.18
N LYS B 620 -13.65 21.17 20.73
CA LYS B 620 -14.05 22.45 20.07
C LYS B 620 -14.32 22.15 18.59
N SER B 621 -13.40 21.47 17.91
CA SER B 621 -13.52 21.13 16.46
C SER B 621 -14.69 20.14 16.28
N THR B 622 -14.80 19.19 17.20
CA THR B 622 -15.82 18.11 17.20
C THR B 622 -17.20 18.73 17.35
N TYR B 623 -17.37 19.68 18.27
CA TYR B 623 -18.66 20.36 18.60
C TYR B 623 -19.23 21.07 17.37
N MET B 624 -18.36 21.73 16.59
CA MET B 624 -18.70 22.42 15.32
C MET B 624 -19.03 21.39 14.24
N ARG B 625 -18.25 20.33 14.14
CA ARG B 625 -18.44 19.27 13.11
C ARG B 625 -19.71 18.46 13.41
N GLN B 626 -20.02 18.17 14.69
CA GLN B 626 -21.22 17.39 15.10
C GLN B 626 -22.47 18.16 14.63
N THR B 627 -22.43 19.50 14.68
CA THR B 627 -23.52 20.39 14.23
C THR B 627 -23.77 20.18 12.73
N ALA B 628 -22.71 20.23 11.91
CA ALA B 628 -22.75 20.02 10.44
C ALA B 628 -23.25 18.62 10.13
N LEU B 629 -22.76 17.63 10.88
CA LEU B 629 -23.17 16.21 10.77
C LEU B 629 -24.64 16.06 11.16
N ILE B 630 -25.07 16.74 12.23
CA ILE B 630 -26.48 16.76 12.71
C ILE B 630 -27.36 17.40 11.61
N ALA B 631 -26.88 18.50 11.02
CA ALA B 631 -27.53 19.22 9.91
C ALA B 631 -27.58 18.31 8.67
N LEU B 632 -26.48 17.60 8.39
CA LEU B 632 -26.39 16.58 7.31
C LEU B 632 -27.49 15.53 7.51
N MET B 633 -27.50 14.88 8.68
CA MET B 633 -28.39 13.74 9.01
C MET B 633 -29.86 14.20 9.07
N ALA B 634 -30.11 15.46 9.46
CA ALA B 634 -31.45 16.07 9.51
C ALA B 634 -32.02 16.22 8.09
N TYR B 635 -31.15 16.51 7.10
CA TYR B 635 -31.52 16.75 5.69
C TYR B 635 -31.11 15.57 4.81
N ILE B 636 -30.96 14.39 5.42
CA ILE B 636 -30.99 13.06 4.73
C ILE B 636 -32.31 12.35 5.09
N GLY B 637 -33.09 12.92 6.02
CA GLY B 637 -34.37 12.35 6.50
C GLY B 637 -34.15 11.33 7.62
N SER B 638 -33.01 11.43 8.30
CA SER B 638 -32.57 10.49 9.38
C SER B 638 -32.78 11.13 10.75
N TYR B 639 -32.90 10.28 11.78
CA TYR B 639 -32.90 10.67 13.22
C TYR B 639 -31.47 11.08 13.60
N VAL B 640 -31.35 11.93 14.62
CA VAL B 640 -30.09 12.68 14.95
C VAL B 640 -29.67 12.37 16.38
N PRO B 641 -28.35 12.27 16.66
CA PRO B 641 -27.87 12.01 18.02
C PRO B 641 -28.13 13.20 18.95
N ALA B 642 -29.34 13.30 19.48
CA ALA B 642 -29.83 14.38 20.38
C ALA B 642 -31.10 13.93 21.10
N GLN B 643 -31.54 14.74 22.07
CA GLN B 643 -32.83 14.54 22.80
C GLN B 643 -33.93 15.37 22.13
N LYS B 644 -33.57 16.43 21.39
CA LYS B 644 -34.49 17.29 20.61
C LYS B 644 -33.70 18.18 19.66
N VAL B 645 -34.20 18.41 18.43
CA VAL B 645 -33.60 19.32 17.41
C VAL B 645 -34.72 20.02 16.63
N GLU B 646 -34.68 21.35 16.56
CA GLU B 646 -35.45 22.19 15.60
C GLU B 646 -34.43 22.88 14.68
N ILE B 647 -34.56 22.69 13.36
CA ILE B 647 -33.57 23.18 12.35
C ILE B 647 -34.31 23.88 11.20
N GLY B 648 -33.77 25.00 10.73
CA GLY B 648 -34.30 25.78 9.60
C GLY B 648 -33.61 25.41 8.30
N PRO B 649 -34.02 25.97 7.14
CA PRO B 649 -33.41 25.64 5.85
C PRO B 649 -31.93 26.03 5.78
N ILE B 650 -31.10 25.12 5.25
CA ILE B 650 -29.64 25.31 5.03
C ILE B 650 -29.35 25.03 3.56
N ASP B 651 -28.83 26.02 2.84
CA ASP B 651 -28.54 25.94 1.38
C ASP B 651 -27.14 25.37 1.15
N ARG B 652 -26.17 25.75 1.97
CA ARG B 652 -24.76 25.29 1.87
C ARG B 652 -24.19 25.05 3.28
N ILE B 653 -23.20 24.17 3.40
CA ILE B 653 -22.37 24.00 4.64
C ILE B 653 -20.92 24.31 4.26
N PHE B 654 -20.35 25.34 4.88
CA PHE B 654 -18.93 25.76 4.80
C PHE B 654 -18.21 25.33 6.08
N THR B 655 -17.16 24.52 5.99
CA THR B 655 -16.31 24.07 7.12
C THR B 655 -14.87 24.40 6.74
N ARG B 656 -14.31 25.39 7.43
CA ARG B 656 -12.87 25.67 7.52
C ARG B 656 -12.44 25.24 8.93
N VAL B 657 -12.51 23.93 9.19
CA VAL B 657 -12.25 23.27 10.50
C VAL B 657 -10.90 22.54 10.45
N GLY B 658 -10.11 22.60 11.54
CA GLY B 658 -8.79 21.97 11.69
C GLY B 658 -7.67 22.99 11.89
N THR B 669 -1.71 23.97 5.04
CA THR B 669 -1.21 25.24 4.47
C THR B 669 -2.17 26.39 4.79
N PHE B 670 -1.62 27.54 5.23
CA PHE B 670 -2.39 28.76 5.61
C PHE B 670 -2.97 29.42 4.35
N MET B 671 -2.27 29.33 3.21
CA MET B 671 -2.77 29.80 1.89
C MET B 671 -4.10 29.09 1.54
N VAL B 672 -4.16 27.78 1.73
CA VAL B 672 -5.36 26.94 1.43
C VAL B 672 -6.53 27.39 2.32
N GLU B 673 -6.25 27.69 3.59
CA GLU B 673 -7.24 28.18 4.59
C GLU B 673 -7.91 29.47 4.08
N MET B 674 -7.10 30.48 3.75
CA MET B 674 -7.56 31.81 3.26
C MET B 674 -8.31 31.66 1.95
N THR B 675 -7.95 30.68 1.12
CA THR B 675 -8.64 30.33 -0.17
C THR B 675 -10.03 29.78 0.12
N GLU B 676 -10.14 28.82 1.04
CA GLU B 676 -11.41 28.18 1.47
C GLU B 676 -12.31 29.26 2.09
N THR B 677 -11.74 30.06 2.99
CA THR B 677 -12.39 31.20 3.68
C THR B 677 -12.94 32.21 2.66
N ALA B 678 -12.14 32.61 1.66
CA ALA B 678 -12.52 33.58 0.61
C ALA B 678 -13.76 33.08 -0.15
N ASN B 679 -13.77 31.78 -0.48
CA ASN B 679 -14.88 31.08 -1.18
C ASN B 679 -16.14 31.16 -0.31
N ILE B 680 -15.99 31.00 1.01
CA ILE B 680 -17.11 31.01 2.00
C ILE B 680 -17.76 32.41 1.97
N LEU B 681 -16.94 33.46 2.18
CA LEU B 681 -17.42 34.86 2.33
C LEU B 681 -18.10 35.36 1.05
N HIS B 682 -17.62 34.92 -0.12
CA HIS B 682 -18.12 35.33 -1.46
C HIS B 682 -19.52 34.75 -1.72
N ASN B 683 -19.72 33.47 -1.41
CA ASN B 683 -20.86 32.64 -1.89
C ASN B 683 -21.85 32.30 -0.76
N ALA B 684 -21.58 32.68 0.50
CA ALA B 684 -22.43 32.35 1.66
C ALA B 684 -23.66 33.27 1.71
N THR B 685 -24.79 32.74 2.19
CA THR B 685 -26.09 33.44 2.36
C THR B 685 -26.54 33.33 3.83
N GLU B 686 -27.69 33.90 4.18
CA GLU B 686 -28.24 33.83 5.56
C GLU B 686 -28.58 32.38 5.90
N TYR B 687 -28.88 31.56 4.89
CA TYR B 687 -29.30 30.15 5.01
C TYR B 687 -28.08 29.22 5.13
N SER B 688 -26.88 29.70 4.81
CA SER B 688 -25.60 28.94 4.85
C SER B 688 -25.18 28.67 6.31
N LEU B 689 -24.62 27.49 6.56
CA LEU B 689 -23.97 27.12 7.86
C LEU B 689 -22.46 27.21 7.68
N VAL B 690 -21.77 28.01 8.49
CA VAL B 690 -20.30 28.24 8.43
C VAL B 690 -19.66 27.75 9.74
N LEU B 691 -18.55 27.00 9.66
CA LEU B 691 -17.74 26.52 10.80
C LEU B 691 -16.29 26.98 10.63
N MET B 692 -15.91 28.08 11.26
CA MET B 692 -14.53 28.65 11.22
C MET B 692 -13.76 28.17 12.45
N ASP B 693 -12.64 27.48 12.26
CA ASP B 693 -11.81 26.88 13.34
C ASP B 693 -10.48 27.63 13.42
N GLU B 694 -10.46 28.69 14.23
CA GLU B 694 -9.25 29.46 14.65
C GLU B 694 -8.44 29.81 13.41
N ILE B 695 -9.08 30.41 12.40
CA ILE B 695 -8.42 30.88 11.15
C ILE B 695 -7.60 32.12 11.47
N GLY B 696 -6.60 32.42 10.64
CA GLY B 696 -5.55 33.43 10.89
C GLY B 696 -4.29 32.86 11.54
N ARG B 697 -4.19 31.52 11.67
CA ARG B 697 -3.10 30.78 12.35
C ARG B 697 -2.06 30.40 11.30
N GLY B 698 -0.87 31.02 11.37
CA GLY B 698 0.18 30.92 10.35
C GLY B 698 0.74 32.29 10.05
N THR B 699 -0.11 33.32 10.02
CA THR B 699 0.26 34.75 9.85
C THR B 699 0.33 35.42 11.23
N SER B 700 0.84 36.66 11.28
CA SER B 700 1.24 37.36 12.53
C SER B 700 0.05 37.52 13.48
N THR B 701 0.35 37.85 14.73
CA THR B 701 -0.63 38.06 15.84
C THR B 701 -1.77 38.98 15.38
N TYR B 702 -1.41 40.22 15.04
CA TYR B 702 -2.34 41.29 14.63
C TYR B 702 -2.94 41.01 13.24
N ASP B 703 -2.13 40.67 12.23
CA ASP B 703 -2.67 40.49 10.86
C ASP B 703 -3.66 39.30 10.85
N GLY B 704 -3.39 38.20 11.57
CA GLY B 704 -4.26 37.01 11.64
C GLY B 704 -5.56 37.43 12.30
N LEU B 705 -5.46 38.11 13.45
CA LEU B 705 -6.61 38.66 14.23
C LEU B 705 -7.42 39.60 13.34
N SER B 706 -6.76 40.58 12.74
CA SER B 706 -7.35 41.65 11.89
C SER B 706 -8.26 41.06 10.81
N LEU B 707 -7.83 39.94 10.20
CA LEU B 707 -8.57 39.21 9.14
C LEU B 707 -9.80 38.56 9.74
N ALA B 708 -9.61 37.88 10.87
CA ALA B 708 -10.66 37.14 11.62
C ALA B 708 -11.76 38.10 12.08
N TRP B 709 -11.37 39.29 12.57
CA TRP B 709 -12.30 40.38 12.98
C TRP B 709 -13.14 40.80 11.78
N ALA B 710 -12.48 41.16 10.67
CA ALA B 710 -13.10 41.62 9.40
C ALA B 710 -14.07 40.56 8.88
N VAL B 711 -13.62 39.30 8.88
CA VAL B 711 -14.41 38.12 8.42
C VAL B 711 -15.61 37.89 9.35
N ALA B 712 -15.39 37.93 10.67
CA ALA B 712 -16.44 37.74 11.71
C ALA B 712 -17.50 38.84 11.60
N GLU B 713 -17.06 40.10 11.40
CA GLU B 713 -17.96 41.28 11.29
C GLU B 713 -18.79 41.17 10.00
N ASN B 714 -18.15 40.83 8.88
CA ASN B 714 -18.77 40.62 7.54
C ASN B 714 -19.86 39.54 7.66
N LEU B 715 -19.50 38.36 8.17
CA LEU B 715 -20.41 37.20 8.31
C LEU B 715 -21.61 37.55 9.20
N ALA B 716 -21.36 38.24 10.31
CA ALA B 716 -22.40 38.63 11.30
C ALA B 716 -23.34 39.68 10.72
N ASN B 717 -22.79 40.79 10.21
CA ASN B 717 -23.53 42.04 9.87
C ASN B 717 -23.99 42.04 8.41
N LYS B 718 -23.17 41.56 7.47
CA LYS B 718 -23.43 41.63 6.00
C LYS B 718 -24.14 40.35 5.53
N ILE B 719 -23.50 39.18 5.70
CA ILE B 719 -24.02 37.87 5.21
C ILE B 719 -25.14 37.41 6.14
N LYS B 720 -24.91 37.49 7.45
CA LYS B 720 -25.86 37.06 8.53
C LYS B 720 -26.12 35.56 8.43
N ALA B 721 -25.09 34.76 8.08
CA ALA B 721 -25.13 33.29 8.03
C ALA B 721 -25.02 32.72 9.44
N LEU B 722 -25.62 31.55 9.70
CA LEU B 722 -25.48 30.79 10.96
C LEU B 722 -24.04 30.27 11.06
N THR B 723 -23.26 30.80 12.00
CA THR B 723 -21.80 30.59 12.14
C THR B 723 -21.47 30.04 13.53
N LEU B 724 -20.51 29.12 13.61
CA LEU B 724 -19.83 28.69 14.87
C LEU B 724 -18.36 29.06 14.72
N PHE B 725 -18.00 30.23 15.26
CA PHE B 725 -16.71 30.95 15.01
C PHE B 725 -15.75 30.67 16.16
N ALA B 726 -15.03 29.55 16.07
CA ALA B 726 -14.01 29.12 17.04
C ALA B 726 -12.75 29.96 16.81
N THR B 727 -12.19 30.54 17.89
CA THR B 727 -10.96 31.36 17.87
C THR B 727 -10.21 31.22 19.21
N HIS B 728 -8.90 31.46 19.18
CA HIS B 728 -8.02 31.70 20.36
C HIS B 728 -8.02 33.20 20.67
N TYR B 729 -8.13 34.04 19.64
CA TYR B 729 -8.10 35.52 19.74
C TYR B 729 -9.23 35.98 20.65
N PHE B 730 -8.86 36.64 21.76
CA PHE B 730 -9.77 37.05 22.87
C PHE B 730 -10.31 38.46 22.62
N GLU B 731 -9.77 39.18 21.63
CA GLU B 731 -10.23 40.54 21.23
C GLU B 731 -11.59 40.44 20.53
N LEU B 732 -11.85 39.32 19.86
CA LEU B 732 -13.11 39.06 19.11
C LEU B 732 -14.27 38.86 20.09
N THR B 733 -13.98 38.60 21.37
CA THR B 733 -15.01 38.39 22.43
C THR B 733 -15.64 39.73 22.81
N GLN B 734 -15.18 40.84 22.21
CA GLN B 734 -15.74 42.20 22.35
C GLN B 734 -16.69 42.51 21.19
N LEU B 735 -16.91 41.58 20.26
CA LEU B 735 -17.87 41.74 19.14
C LEU B 735 -19.29 41.74 19.68
N PRO B 736 -19.67 40.82 20.59
CA PRO B 736 -21.01 40.85 21.21
C PRO B 736 -21.33 42.16 21.96
N GLU B 737 -20.30 42.83 22.50
CA GLU B 737 -20.45 44.15 23.18
C GLU B 737 -20.98 45.19 22.19
N LYS B 738 -20.39 45.27 21.00
CA LYS B 738 -20.76 46.23 19.92
C LYS B 738 -22.13 45.85 19.33
N MET B 739 -22.19 44.71 18.65
CA MET B 739 -23.27 44.39 17.69
C MET B 739 -24.13 43.23 18.19
N GLU B 740 -25.34 43.17 17.62
CA GLU B 740 -26.45 42.22 17.91
C GLU B 740 -26.27 40.97 17.02
N GLY B 741 -26.81 39.84 17.47
CA GLY B 741 -26.73 38.54 16.76
C GLY B 741 -25.38 37.86 16.91
N VAL B 742 -24.53 38.32 17.84
CA VAL B 742 -23.22 37.71 18.17
C VAL B 742 -23.19 37.45 19.68
N ALA B 743 -22.72 36.27 20.10
CA ALA B 743 -22.67 35.82 21.53
C ALA B 743 -21.37 35.04 21.79
N ASN B 744 -20.88 35.07 23.04
CA ASN B 744 -19.65 34.35 23.49
C ASN B 744 -20.06 33.08 24.23
N VAL B 745 -19.50 31.93 23.84
CA VAL B 745 -19.56 30.63 24.57
C VAL B 745 -18.12 30.09 24.68
N HIS B 746 -17.89 29.10 25.54
CA HIS B 746 -16.54 28.51 25.76
C HIS B 746 -16.62 27.13 26.42
N LEU B 747 -15.65 26.29 26.09
CA LEU B 747 -15.34 25.01 26.77
C LEU B 747 -14.30 25.28 27.86
N ASP B 748 -14.69 25.15 29.13
CA ASP B 748 -13.77 25.35 30.28
C ASP B 748 -12.86 24.11 30.42
N ALA B 749 -11.78 24.29 31.19
CA ALA B 749 -10.91 23.22 31.75
C ALA B 749 -10.64 23.55 33.23
N LEU B 750 -10.57 22.53 34.09
CA LEU B 750 -10.41 22.66 35.57
C LEU B 750 -9.02 22.17 35.99
N GLU B 751 -8.16 23.09 36.44
CA GLU B 751 -6.81 22.81 37.01
C GLU B 751 -6.97 22.41 38.48
N HIS B 752 -6.34 21.31 38.91
CA HIS B 752 -6.26 20.86 40.33
C HIS B 752 -5.01 19.99 40.56
N GLY B 753 -3.86 20.61 40.89
CA GLY B 753 -2.60 19.90 41.20
C GLY B 753 -1.80 19.58 39.95
N ASP B 754 -1.34 18.33 39.81
CA ASP B 754 -0.53 17.85 38.66
C ASP B 754 -1.41 17.05 37.67
N THR B 755 -2.59 17.60 37.33
CA THR B 755 -3.54 17.00 36.36
C THR B 755 -4.46 18.09 35.81
N ILE B 756 -5.17 17.88 34.69
CA ILE B 756 -6.18 18.82 34.15
C ILE B 756 -7.37 17.99 33.63
N ALA B 757 -8.59 18.40 33.99
CA ALA B 757 -9.85 17.81 33.48
C ALA B 757 -10.39 18.74 32.39
N PHE B 758 -10.31 18.31 31.12
CA PHE B 758 -10.78 19.06 29.92
C PHE B 758 -12.28 18.81 29.73
N MET B 759 -13.09 19.83 30.08
CA MET B 759 -14.56 19.73 30.07
C MET B 759 -15.00 19.97 28.61
N HIS B 760 -15.66 18.99 28.02
CA HIS B 760 -16.31 19.06 26.68
C HIS B 760 -17.75 19.57 26.85
N SER B 761 -18.01 20.42 27.87
CA SER B 761 -19.34 20.97 28.22
C SER B 761 -19.38 22.47 27.93
N VAL B 762 -20.28 22.90 27.05
CA VAL B 762 -20.34 24.29 26.51
C VAL B 762 -21.04 25.17 27.56
N GLN B 763 -20.41 26.32 27.90
CA GLN B 763 -20.93 27.31 28.88
C GLN B 763 -21.07 28.69 28.22
N ASP B 764 -21.94 29.55 28.75
CA ASP B 764 -22.21 30.92 28.22
C ASP B 764 -21.04 31.84 28.63
N GLY B 765 -20.80 32.88 27.83
CA GLY B 765 -19.73 33.89 28.05
C GLY B 765 -18.41 33.41 27.48
N ALA B 766 -17.35 34.21 27.61
CA ALA B 766 -15.99 33.91 27.11
C ALA B 766 -15.16 33.25 28.21
N ALA B 767 -14.22 32.38 27.83
CA ALA B 767 -13.24 31.72 28.73
C ALA B 767 -12.38 32.80 29.42
N SER B 768 -12.16 32.69 30.72
CA SER B 768 -11.52 33.73 31.59
C SER B 768 -10.13 33.32 32.07
N LYS B 769 -9.48 32.32 31.42
CA LYS B 769 -8.16 31.78 31.86
C LYS B 769 -7.32 31.40 30.64
N SER B 770 -6.01 31.22 30.87
CA SER B 770 -5.03 30.62 29.93
C SER B 770 -4.70 29.22 30.46
N TYR B 771 -4.70 28.21 29.59
CA TYR B 771 -4.37 26.81 29.94
C TYR B 771 -3.23 26.26 29.08
N GLY B 772 -2.71 27.01 28.12
CA GLY B 772 -1.45 26.70 27.40
C GLY B 772 -0.28 26.66 28.35
N LEU B 773 -0.30 27.53 29.38
CA LEU B 773 0.59 27.50 30.57
C LEU B 773 0.42 26.16 31.31
N ALA B 774 -0.83 25.80 31.63
CA ALA B 774 -1.21 24.61 32.43
C ALA B 774 -0.75 23.34 31.72
N VAL B 775 -0.96 23.25 30.39
CA VAL B 775 -0.57 22.07 29.56
C VAL B 775 0.95 21.99 29.49
N ALA B 776 1.65 23.11 29.41
CA ALA B 776 3.13 23.20 29.40
C ALA B 776 3.69 22.77 30.75
N ALA B 777 3.02 23.13 31.85
CA ALA B 777 3.37 22.77 33.24
C ALA B 777 3.23 21.26 33.43
N LEU B 778 2.29 20.60 32.73
CA LEU B 778 2.09 19.13 32.82
C LEU B 778 3.12 18.45 31.93
N ALA B 779 3.52 19.07 30.80
CA ALA B 779 4.62 18.58 29.94
C ALA B 779 5.92 18.49 30.75
N GLY B 780 5.98 19.24 31.86
CA GLY B 780 7.11 19.22 32.82
C GLY B 780 8.10 20.33 32.54
N VAL B 781 7.66 21.47 32.00
CA VAL B 781 8.50 22.66 31.64
C VAL B 781 9.03 23.30 32.92
N PRO B 782 10.33 23.70 32.97
CA PRO B 782 10.89 24.40 34.13
C PRO B 782 10.00 25.54 34.64
N LYS B 783 9.92 25.70 35.96
CA LYS B 783 8.98 26.61 36.65
C LYS B 783 9.36 28.08 36.40
N GLU B 784 10.67 28.37 36.29
CA GLU B 784 11.22 29.72 35.99
C GLU B 784 10.73 30.21 34.62
N VAL B 785 10.70 29.31 33.63
CA VAL B 785 10.21 29.57 32.25
C VAL B 785 8.69 29.81 32.32
N ILE B 786 7.96 29.00 33.09
CA ILE B 786 6.48 29.11 33.30
C ILE B 786 6.19 30.45 33.96
N LYS B 787 6.92 30.78 35.03
CA LYS B 787 6.72 32.02 35.82
C LYS B 787 7.11 33.23 34.97
N ARG B 788 8.07 33.07 34.04
CA ARG B 788 8.49 34.12 33.05
C ARG B 788 7.31 34.39 32.10
N ALA B 789 6.67 33.32 31.61
CA ALA B 789 5.52 33.38 30.66
C ALA B 789 4.33 34.06 31.34
N ARG B 790 4.10 33.71 32.61
CA ARG B 790 2.98 34.24 33.43
C ARG B 790 3.28 35.69 33.81
N GLN B 791 4.54 36.00 34.11
CA GLN B 791 5.03 37.38 34.40
C GLN B 791 4.76 38.27 33.19
N LYS B 792 5.28 37.89 32.02
CA LYS B 792 5.26 38.70 30.76
C LYS B 792 3.83 38.84 30.24
N LEU B 793 2.99 37.81 30.46
CA LEU B 793 1.56 37.82 30.06
C LEU B 793 0.81 38.91 30.82
N ARG B 794 1.04 38.97 32.14
CA ARG B 794 0.31 39.85 33.10
C ARG B 794 0.69 41.31 32.85
N GLU B 795 1.91 41.57 32.37
CA GLU B 795 2.39 42.91 31.96
C GLU B 795 1.56 43.41 30.77
N LEU B 796 1.36 42.54 29.76
CA LEU B 796 0.70 42.90 28.48
C LEU B 796 -0.84 42.85 28.63
N GLU B 797 -1.36 41.87 29.37
CA GLU B 797 -2.82 41.61 29.49
C GLU B 797 -3.48 42.74 30.30
N SER B 798 -2.76 43.35 31.25
CA SER B 798 -3.30 44.41 32.15
C SER B 798 -3.50 45.72 31.38
N ILE B 799 -2.76 45.88 30.27
CA ILE B 799 -2.91 47.08 29.39
C ILE B 799 -4.12 46.84 28.49
N SER B 800 -4.30 45.62 27.97
CA SER B 800 -5.29 45.18 26.93
C SER B 800 -6.23 46.31 26.46
#